data_2W0G
# 
_entry.id   2W0G 
# 
_audit_conform.dict_name       mmcif_pdbx.dic 
_audit_conform.dict_version    5.382 
_audit_conform.dict_location   http://mmcif.pdb.org/dictionaries/ascii/mmcif_pdbx.dic 
# 
loop_
_database_2.database_id 
_database_2.database_code 
_database_2.pdbx_database_accession 
_database_2.pdbx_DOI 
PDB   2W0G         pdb_00002w0g 10.2210/pdb2w0g/pdb 
PDBE  EBI-37007    ?            ?                   
WWPDB D_1290037007 ?            ?                   
# 
_pdbx_database_related.db_name        PDB 
_pdbx_database_related.db_id          1US7 
_pdbx_database_related.content_type   unspecified 
_pdbx_database_related.details        'COMPLEX OF HSP90 AND P50' 
# 
_pdbx_database_status.status_code                     REL 
_pdbx_database_status.entry_id                        2W0G 
_pdbx_database_status.deposit_site                    PDBE 
_pdbx_database_status.process_site                    PDBE 
_pdbx_database_status.SG_entry                        . 
_pdbx_database_status.recvd_initial_deposition_date   2008-08-15 
_pdbx_database_status.pdb_format_compatible           Y 
_pdbx_database_status.status_code_sf                  REL 
_pdbx_database_status.status_code_mr                  ? 
_pdbx_database_status.status_code_cs                  ? 
_pdbx_database_status.methods_development_category    ? 
_pdbx_database_status.status_code_nmr_data            ? 
# 
loop_
_audit_author.name 
_audit_author.pdbx_ordinal 
'Sreeramulu, S.'    1 
'Jonker, H.R.A.'    2 
'Schwalbe, H.'      3 
'Lancaster, C.R.D.' 4 
# 
_citation.id                        primary 
_citation.title                     'The Human Cdc37.Hsp90 Complex Studied by Heteronuclear NMR Spectroscopy.' 
_citation.journal_abbrev            J.Biol.Chem. 
_citation.journal_volume            284 
_citation.page_first                3885 
_citation.page_last                 ? 
_citation.year                      2009 
_citation.journal_id_ASTM           JBCHA3 
_citation.country                   US 
_citation.journal_id_ISSN           0021-9258 
_citation.journal_id_CSD            0071 
_citation.book_publisher            ? 
_citation.pdbx_database_id_PubMed   19073599 
_citation.pdbx_database_id_DOI      10.1074/JBC.M806715200 
# 
loop_
_citation_author.citation_id 
_citation_author.name 
_citation_author.ordinal 
_citation_author.identifier_ORCID 
primary 'Sreeramulu, S.'    1 ? 
primary 'Jonker, H.R.A.'    2 ? 
primary 'Richter, C.'       3 ? 
primary 'Langer, T.'        4 ? 
primary 'Lancaster, C.R.D.' 5 ? 
primary 'Schwalbe, H.'      6 ? 
# 
_cell.entry_id           2W0G 
_cell.length_a           48.670 
_cell.length_b           48.670 
_cell.length_c           104.257 
_cell.angle_alpha        90.00 
_cell.angle_beta         90.00 
_cell.angle_gamma        120.00 
_cell.Z_PDB              6 
_cell.pdbx_unique_axis   ? 
# 
_symmetry.entry_id                         2W0G 
_symmetry.space_group_name_H-M             'P 61' 
_symmetry.pdbx_full_space_group_name_H-M   ? 
_symmetry.cell_setting                     ? 
_symmetry.Int_Tables_number                169 
# 
loop_
_entity.id 
_entity.type 
_entity.src_method 
_entity.pdbx_description 
_entity.formula_weight 
_entity.pdbx_number_of_molecules 
_entity.pdbx_ec 
_entity.pdbx_mutation 
_entity.pdbx_fragment 
_entity.details 
1 polymer man 'HSP90 CO-CHAPERONE CDC37' 15521.082 1  ? ? 'RESIDUES 148-276' ? 
2 water   nat water                      18.015    74 ? ? ?                  ? 
# 
_entity_name_com.entity_id   1 
_entity_name_com.name        'HSP90 CHAPERONE PROTEIN KINASE-TARGETING SUBUNIT, P50CDC37' 
# 
_entity_poly.entity_id                      1 
_entity_poly.type                           'polypeptide(L)' 
_entity_poly.nstd_linkage                   no 
_entity_poly.nstd_monomer                   no 
_entity_poly.pdbx_seq_one_letter_code       
;HKTFVEKYEKQIKHFGMLRRWDDSQKYLSDNVHLVCEETANYLVIWCIDLEVEEKCALMEQVAHQTIVMQFILELAKSLK
VDPRACFRQFFTKIKTADRQYMEGFNDELEAFKERVRGRAKLRIEKAMK
;
_entity_poly.pdbx_seq_one_letter_code_can   
;HKTFVEKYEKQIKHFGMLRRWDDSQKYLSDNVHLVCEETANYLVIWCIDLEVEEKCALMEQVAHQTIVMQFILELAKSLK
VDPRACFRQFFTKIKTADRQYMEGFNDELEAFKERVRGRAKLRIEKAMK
;
_entity_poly.pdbx_strand_id                 A 
_entity_poly.pdbx_target_identifier         ? 
# 
loop_
_entity_poly_seq.entity_id 
_entity_poly_seq.num 
_entity_poly_seq.mon_id 
_entity_poly_seq.hetero 
1 1   HIS n 
1 2   LYS n 
1 3   THR n 
1 4   PHE n 
1 5   VAL n 
1 6   GLU n 
1 7   LYS n 
1 8   TYR n 
1 9   GLU n 
1 10  LYS n 
1 11  GLN n 
1 12  ILE n 
1 13  LYS n 
1 14  HIS n 
1 15  PHE n 
1 16  GLY n 
1 17  MET n 
1 18  LEU n 
1 19  ARG n 
1 20  ARG n 
1 21  TRP n 
1 22  ASP n 
1 23  ASP n 
1 24  SER n 
1 25  GLN n 
1 26  LYS n 
1 27  TYR n 
1 28  LEU n 
1 29  SER n 
1 30  ASP n 
1 31  ASN n 
1 32  VAL n 
1 33  HIS n 
1 34  LEU n 
1 35  VAL n 
1 36  CYS n 
1 37  GLU n 
1 38  GLU n 
1 39  THR n 
1 40  ALA n 
1 41  ASN n 
1 42  TYR n 
1 43  LEU n 
1 44  VAL n 
1 45  ILE n 
1 46  TRP n 
1 47  CYS n 
1 48  ILE n 
1 49  ASP n 
1 50  LEU n 
1 51  GLU n 
1 52  VAL n 
1 53  GLU n 
1 54  GLU n 
1 55  LYS n 
1 56  CYS n 
1 57  ALA n 
1 58  LEU n 
1 59  MET n 
1 60  GLU n 
1 61  GLN n 
1 62  VAL n 
1 63  ALA n 
1 64  HIS n 
1 65  GLN n 
1 66  THR n 
1 67  ILE n 
1 68  VAL n 
1 69  MET n 
1 70  GLN n 
1 71  PHE n 
1 72  ILE n 
1 73  LEU n 
1 74  GLU n 
1 75  LEU n 
1 76  ALA n 
1 77  LYS n 
1 78  SER n 
1 79  LEU n 
1 80  LYS n 
1 81  VAL n 
1 82  ASP n 
1 83  PRO n 
1 84  ARG n 
1 85  ALA n 
1 86  CYS n 
1 87  PHE n 
1 88  ARG n 
1 89  GLN n 
1 90  PHE n 
1 91  PHE n 
1 92  THR n 
1 93  LYS n 
1 94  ILE n 
1 95  LYS n 
1 96  THR n 
1 97  ALA n 
1 98  ASP n 
1 99  ARG n 
1 100 GLN n 
1 101 TYR n 
1 102 MET n 
1 103 GLU n 
1 104 GLY n 
1 105 PHE n 
1 106 ASN n 
1 107 ASP n 
1 108 GLU n 
1 109 LEU n 
1 110 GLU n 
1 111 ALA n 
1 112 PHE n 
1 113 LYS n 
1 114 GLU n 
1 115 ARG n 
1 116 VAL n 
1 117 ARG n 
1 118 GLY n 
1 119 ARG n 
1 120 ALA n 
1 121 LYS n 
1 122 LEU n 
1 123 ARG n 
1 124 ILE n 
1 125 GLU n 
1 126 LYS n 
1 127 ALA n 
1 128 MET n 
1 129 LYS n 
# 
_entity_src_gen.entity_id                          1 
_entity_src_gen.pdbx_src_id                        1 
_entity_src_gen.pdbx_alt_source_flag               sample 
_entity_src_gen.pdbx_seq_type                      ? 
_entity_src_gen.pdbx_beg_seq_num                   ? 
_entity_src_gen.pdbx_end_seq_num                   ? 
_entity_src_gen.gene_src_common_name               HUMAN 
_entity_src_gen.gene_src_genus                     ? 
_entity_src_gen.pdbx_gene_src_gene                 ? 
_entity_src_gen.gene_src_species                   ? 
_entity_src_gen.gene_src_strain                    ? 
_entity_src_gen.gene_src_tissue                    ? 
_entity_src_gen.gene_src_tissue_fraction           ? 
_entity_src_gen.gene_src_details                   ? 
_entity_src_gen.pdbx_gene_src_fragment             ? 
_entity_src_gen.pdbx_gene_src_scientific_name      'HOMO SAPIENS' 
_entity_src_gen.pdbx_gene_src_ncbi_taxonomy_id     9606 
_entity_src_gen.pdbx_gene_src_variant              ? 
_entity_src_gen.pdbx_gene_src_cell_line            ? 
_entity_src_gen.pdbx_gene_src_atcc                 ? 
_entity_src_gen.pdbx_gene_src_organ                ? 
_entity_src_gen.pdbx_gene_src_organelle            ? 
_entity_src_gen.pdbx_gene_src_cell                 ? 
_entity_src_gen.pdbx_gene_src_cellular_location    ? 
_entity_src_gen.host_org_common_name               ? 
_entity_src_gen.pdbx_host_org_scientific_name      'ESCHERICHIA COLI BL21(DE3)' 
_entity_src_gen.pdbx_host_org_ncbi_taxonomy_id     469008 
_entity_src_gen.host_org_genus                     ? 
_entity_src_gen.pdbx_host_org_gene                 ? 
_entity_src_gen.pdbx_host_org_organ                ? 
_entity_src_gen.host_org_species                   ? 
_entity_src_gen.pdbx_host_org_tissue               ? 
_entity_src_gen.pdbx_host_org_tissue_fraction      ? 
_entity_src_gen.pdbx_host_org_strain               ? 
_entity_src_gen.pdbx_host_org_variant              ? 
_entity_src_gen.pdbx_host_org_cell_line            ? 
_entity_src_gen.pdbx_host_org_atcc                 ? 
_entity_src_gen.pdbx_host_org_culture_collection   ? 
_entity_src_gen.pdbx_host_org_cell                 ? 
_entity_src_gen.pdbx_host_org_organelle            ? 
_entity_src_gen.pdbx_host_org_cellular_location    ? 
_entity_src_gen.pdbx_host_org_vector_type          ? 
_entity_src_gen.pdbx_host_org_vector               ? 
_entity_src_gen.host_org_details                   ? 
_entity_src_gen.expression_system_id               ? 
_entity_src_gen.plasmid_name                       ? 
_entity_src_gen.plasmid_details                    ? 
_entity_src_gen.pdbx_description                   ? 
# 
_struct_ref.id                         1 
_struct_ref.db_name                    UNP 
_struct_ref.db_code                    CDC37_HUMAN 
_struct_ref.entity_id                  1 
_struct_ref.pdbx_seq_one_letter_code   ? 
_struct_ref.pdbx_align_begin           ? 
_struct_ref.pdbx_db_accession          Q16543 
_struct_ref.pdbx_db_isoform            ? 
# 
_struct_ref_seq.align_id                      1 
_struct_ref_seq.ref_id                        1 
_struct_ref_seq.pdbx_PDB_id_code              2W0G 
_struct_ref_seq.pdbx_strand_id                A 
_struct_ref_seq.seq_align_beg                 1 
_struct_ref_seq.pdbx_seq_align_beg_ins_code   ? 
_struct_ref_seq.seq_align_end                 129 
_struct_ref_seq.pdbx_seq_align_end_ins_code   ? 
_struct_ref_seq.pdbx_db_accession             Q16543 
_struct_ref_seq.db_align_beg                  148 
_struct_ref_seq.pdbx_db_align_beg_ins_code    ? 
_struct_ref_seq.db_align_end                  276 
_struct_ref_seq.pdbx_db_align_end_ins_code    ? 
_struct_ref_seq.pdbx_auth_seq_align_beg       148 
_struct_ref_seq.pdbx_auth_seq_align_end       276 
# 
loop_
_chem_comp.id 
_chem_comp.type 
_chem_comp.mon_nstd_flag 
_chem_comp.name 
_chem_comp.pdbx_synonyms 
_chem_comp.formula 
_chem_comp.formula_weight 
ALA 'L-peptide linking' y ALANINE         ? 'C3 H7 N O2'     89.093  
ARG 'L-peptide linking' y ARGININE        ? 'C6 H15 N4 O2 1' 175.209 
ASN 'L-peptide linking' y ASPARAGINE      ? 'C4 H8 N2 O3'    132.118 
ASP 'L-peptide linking' y 'ASPARTIC ACID' ? 'C4 H7 N O4'     133.103 
CYS 'L-peptide linking' y CYSTEINE        ? 'C3 H7 N O2 S'   121.158 
GLN 'L-peptide linking' y GLUTAMINE       ? 'C5 H10 N2 O3'   146.144 
GLU 'L-peptide linking' y 'GLUTAMIC ACID' ? 'C5 H9 N O4'     147.129 
GLY 'peptide linking'   y GLYCINE         ? 'C2 H5 N O2'     75.067  
HIS 'L-peptide linking' y HISTIDINE       ? 'C6 H10 N3 O2 1' 156.162 
HOH non-polymer         . WATER           ? 'H2 O'           18.015  
ILE 'L-peptide linking' y ISOLEUCINE      ? 'C6 H13 N O2'    131.173 
LEU 'L-peptide linking' y LEUCINE         ? 'C6 H13 N O2'    131.173 
LYS 'L-peptide linking' y LYSINE          ? 'C6 H15 N2 O2 1' 147.195 
MET 'L-peptide linking' y METHIONINE      ? 'C5 H11 N O2 S'  149.211 
PHE 'L-peptide linking' y PHENYLALANINE   ? 'C9 H11 N O2'    165.189 
PRO 'L-peptide linking' y PROLINE         ? 'C5 H9 N O2'     115.130 
SER 'L-peptide linking' y SERINE          ? 'C3 H7 N O3'     105.093 
THR 'L-peptide linking' y THREONINE       ? 'C4 H9 N O3'     119.119 
TRP 'L-peptide linking' y TRYPTOPHAN      ? 'C11 H12 N2 O2'  204.225 
TYR 'L-peptide linking' y TYROSINE        ? 'C9 H11 N O3'    181.189 
VAL 'L-peptide linking' y VALINE          ? 'C5 H11 N O2'    117.146 
# 
_exptl.entry_id          2W0G 
_exptl.method            'X-RAY DIFFRACTION' 
_exptl.crystals_number   1 
# 
_exptl_crystal.id                    1 
_exptl_crystal.density_meas          ? 
_exptl_crystal.density_Matthews      2.36 
_exptl_crystal.density_percent_sol   48 
_exptl_crystal.description           NONE 
# 
_diffrn.id                     1 
_diffrn.ambient_temp           140 
_diffrn.ambient_temp_details   ? 
_diffrn.crystal_id             1 
# 
_diffrn_detector.diffrn_id              1 
_diffrn_detector.detector               'IMAGE PLATE' 
_diffrn_detector.type                   'RIGAKU IMAGE PLATE' 
_diffrn_detector.pdbx_collection_date   2006-10-29 
_diffrn_detector.details                ? 
# 
_diffrn_radiation.diffrn_id                        1 
_diffrn_radiation.wavelength_id                    1 
_diffrn_radiation.pdbx_monochromatic_or_laue_m_l   M 
_diffrn_radiation.monochromator                    ? 
_diffrn_radiation.pdbx_diffrn_protocol             'SINGLE WAVELENGTH' 
_diffrn_radiation.pdbx_scattering_type             x-ray 
# 
_diffrn_radiation_wavelength.id           1 
_diffrn_radiation_wavelength.wavelength   1.5418 
_diffrn_radiation_wavelength.wt           1.0 
# 
_diffrn_source.diffrn_id                   1 
_diffrn_source.source                      'ROTATING ANODE' 
_diffrn_source.type                        'RIGAKU MICROMAX-007' 
_diffrn_source.pdbx_synchrotron_site       ? 
_diffrn_source.pdbx_synchrotron_beamline   ? 
_diffrn_source.pdbx_wavelength             1.5418 
_diffrn_source.pdbx_wavelength_list        ? 
# 
_reflns.pdbx_diffrn_id               1 
_reflns.pdbx_ordinal                 1 
_reflns.entry_id                     2W0G 
_reflns.observed_criterion_sigma_I   -3.0 
_reflns.observed_criterion_sigma_F   ? 
_reflns.d_resolution_low             42.14 
_reflns.d_resolution_high            1.88 
_reflns.number_obs                   11278 
_reflns.number_all                   ? 
_reflns.percent_possible_obs         98.7 
_reflns.pdbx_Rmerge_I_obs            0.06 
_reflns.pdbx_Rsym_value              ? 
_reflns.pdbx_netI_over_sigmaI        49.80 
_reflns.B_iso_Wilson_estimate        ? 
_reflns.pdbx_redundancy              32.7 
# 
_reflns_shell.pdbx_diffrn_id         1 
_reflns_shell.pdbx_ordinal           1 
_reflns_shell.d_res_high             1.88 
_reflns_shell.d_res_low              1.95 
_reflns_shell.percent_possible_all   100.0 
_reflns_shell.Rmerge_I_obs           0.31 
_reflns_shell.pdbx_Rsym_value        ? 
_reflns_shell.meanI_over_sigI_obs    18.70 
_reflns_shell.pdbx_redundancy        36.8 
# 
_refine.pdbx_refine_id                           'X-RAY DIFFRACTION' 
_refine.entry_id                                 2W0G 
_refine.pdbx_diffrn_id                           1 
_refine.pdbx_TLS_residual_ADP_flag               ? 
_refine.ls_number_reflns_obs                     10483 
_refine.ls_number_reflns_all                     ? 
_refine.pdbx_ls_sigma_I                          ? 
_refine.pdbx_ls_sigma_F                          ? 
_refine.pdbx_data_cutoff_high_absF               ? 
_refine.pdbx_data_cutoff_low_absF                ? 
_refine.pdbx_data_cutoff_high_rms_absF           ? 
_refine.ls_d_res_low                             42.14 
_refine.ls_d_res_high                            1.88 
_refine.ls_percent_reflns_obs                    96.9 
_refine.ls_R_factor_obs                          0.213 
_refine.ls_R_factor_all                          ? 
_refine.ls_R_factor_R_work                       0.212 
_refine.ls_R_factor_R_free                       0.246 
_refine.ls_R_factor_R_free_error                 ? 
_refine.ls_R_factor_R_free_error_details         ? 
_refine.ls_percent_reflns_R_free                 4.900 
_refine.ls_number_reflns_R_free                  536 
_refine.ls_number_parameters                     ? 
_refine.ls_number_restraints                     ? 
_refine.occupancy_min                            ? 
_refine.occupancy_max                            ? 
_refine.correlation_coeff_Fo_to_Fc               0.943 
_refine.correlation_coeff_Fo_to_Fc_free          0.926 
_refine.B_iso_mean                               29.28 
_refine.aniso_B[1][1]                            0.24000 
_refine.aniso_B[2][2]                            0.24000 
_refine.aniso_B[3][3]                            -0.36000 
_refine.aniso_B[1][2]                            0.12000 
_refine.aniso_B[1][3]                            0.00000 
_refine.aniso_B[2][3]                            0.00000 
_refine.solvent_model_details                    MASK 
_refine.solvent_model_param_ksol                 ? 
_refine.solvent_model_param_bsol                 ? 
_refine.pdbx_solvent_vdw_probe_radii             1.20 
_refine.pdbx_solvent_ion_probe_radii             0.80 
_refine.pdbx_solvent_shrinkage_radii             0.80 
_refine.pdbx_ls_cross_valid_method               THROUGHOUT 
_refine.details                                  'HYDROGENS HAVE BEEN ADDED IN THE RIDING POSITIONS.' 
_refine.pdbx_starting_model                      'PDB ENTRY 1US7' 
_refine.pdbx_method_to_determine_struct          'MOLECULAR REPLACEMENT' 
_refine.pdbx_isotropic_thermal_model             ? 
_refine.pdbx_stereochemistry_target_values       'MAXIMUM LIKELIHOOD' 
_refine.pdbx_stereochem_target_val_spec_case     ? 
_refine.pdbx_R_Free_selection_details            RANDOM 
_refine.pdbx_overall_ESU_R                       0.178 
_refine.pdbx_overall_ESU_R_Free                  0.156 
_refine.overall_SU_ML                            0.104 
_refine.pdbx_overall_phase_error                 ? 
_refine.overall_SU_B                             3.364 
_refine.overall_SU_R_Cruickshank_DPI             ? 
_refine.pdbx_overall_SU_R_free_Cruickshank_DPI   ? 
_refine.pdbx_overall_SU_R_Blow_DPI               ? 
_refine.pdbx_overall_SU_R_free_Blow_DPI          ? 
# 
_refine_hist.pdbx_refine_id                   'X-RAY DIFFRACTION' 
_refine_hist.cycle_id                         LAST 
_refine_hist.pdbx_number_atoms_protein        1086 
_refine_hist.pdbx_number_atoms_nucleic_acid   0 
_refine_hist.pdbx_number_atoms_ligand         0 
_refine_hist.number_atoms_solvent             74 
_refine_hist.number_atoms_total               1160 
_refine_hist.d_res_high                       1.88 
_refine_hist.d_res_low                        42.14 
# 
loop_
_refine_ls_restr.type 
_refine_ls_restr.dev_ideal 
_refine_ls_restr.dev_ideal_target 
_refine_ls_restr.weight 
_refine_ls_restr.number 
_refine_ls_restr.pdbx_refine_id 
_refine_ls_restr.pdbx_restraint_function 
r_bond_refined_d             0.018  0.022  ? 1077 'X-RAY DIFFRACTION' ? 
r_bond_other_d               ?      ?      ? ?    'X-RAY DIFFRACTION' ? 
r_angle_refined_deg          1.544  1.944  ? 1446 'X-RAY DIFFRACTION' ? 
r_angle_other_deg            ?      ?      ? ?    'X-RAY DIFFRACTION' ? 
r_dihedral_angle_1_deg       5.208  5.000  ? 126  'X-RAY DIFFRACTION' ? 
r_dihedral_angle_2_deg       35.654 23.729 ? 59   'X-RAY DIFFRACTION' ? 
r_dihedral_angle_3_deg       16.160 15.000 ? 214  'X-RAY DIFFRACTION' ? 
r_dihedral_angle_4_deg       15.248 15.000 ? 10   'X-RAY DIFFRACTION' ? 
r_chiral_restr               0.118  0.200  ? 154  'X-RAY DIFFRACTION' ? 
r_gen_planes_refined         0.006  0.020  ? 812  'X-RAY DIFFRACTION' ? 
r_gen_planes_other           ?      ?      ? ?    'X-RAY DIFFRACTION' ? 
r_nbd_refined                0.222  0.200  ? 540  'X-RAY DIFFRACTION' ? 
r_nbd_other                  ?      ?      ? ?    'X-RAY DIFFRACTION' ? 
r_nbtor_refined              0.303  0.200  ? 762  'X-RAY DIFFRACTION' ? 
r_nbtor_other                ?      ?      ? ?    'X-RAY DIFFRACTION' ? 
r_xyhbond_nbd_refined        0.120  0.200  ? 65   'X-RAY DIFFRACTION' ? 
r_xyhbond_nbd_other          ?      ?      ? ?    'X-RAY DIFFRACTION' ? 
r_metal_ion_refined          ?      ?      ? ?    'X-RAY DIFFRACTION' ? 
r_metal_ion_other            ?      ?      ? ?    'X-RAY DIFFRACTION' ? 
r_symmetry_vdw_refined       0.377  0.200  ? 40   'X-RAY DIFFRACTION' ? 
r_symmetry_vdw_other         ?      ?      ? ?    'X-RAY DIFFRACTION' ? 
r_symmetry_hbond_refined     0.520  0.200  ? 7    'X-RAY DIFFRACTION' ? 
r_symmetry_hbond_other       ?      ?      ? ?    'X-RAY DIFFRACTION' ? 
r_symmetry_metal_ion_refined ?      ?      ? ?    'X-RAY DIFFRACTION' ? 
r_symmetry_metal_ion_other   ?      ?      ? ?    'X-RAY DIFFRACTION' ? 
r_mcbond_it                  1.270  1.500  ? 653  'X-RAY DIFFRACTION' ? 
r_mcbond_other               ?      ?      ? ?    'X-RAY DIFFRACTION' ? 
r_mcangle_it                 1.813  2.000  ? 1010 'X-RAY DIFFRACTION' ? 
r_mcangle_other              ?      ?      ? ?    'X-RAY DIFFRACTION' ? 
r_scbond_it                  2.887  3.000  ? 492  'X-RAY DIFFRACTION' ? 
r_scbond_other               ?      ?      ? ?    'X-RAY DIFFRACTION' ? 
r_scangle_it                 4.373  4.500  ? 436  'X-RAY DIFFRACTION' ? 
r_scangle_other              ?      ?      ? ?    'X-RAY DIFFRACTION' ? 
r_long_range_B_refined       ?      ?      ? ?    'X-RAY DIFFRACTION' ? 
r_long_range_B_other         ?      ?      ? ?    'X-RAY DIFFRACTION' ? 
r_rigid_bond_restr           ?      ?      ? ?    'X-RAY DIFFRACTION' ? 
r_sphericity_free            ?      ?      ? ?    'X-RAY DIFFRACTION' ? 
r_sphericity_bonded          ?      ?      ? ?    'X-RAY DIFFRACTION' ? 
# 
_refine_ls_shell.pdbx_refine_id                   'X-RAY DIFFRACTION' 
_refine_ls_shell.pdbx_total_number_of_bins_used   20 
_refine_ls_shell.d_res_high                       1.88 
_refine_ls_shell.d_res_low                        1.93 
_refine_ls_shell.number_reflns_R_work             762 
_refine_ls_shell.R_factor_R_work                  0.2910 
_refine_ls_shell.percent_reflns_obs               ? 
_refine_ls_shell.R_factor_R_free                  0.4500 
_refine_ls_shell.R_factor_R_free_error            ? 
_refine_ls_shell.percent_reflns_R_free            ? 
_refine_ls_shell.number_reflns_R_free             37 
_refine_ls_shell.number_reflns_all                ? 
_refine_ls_shell.R_factor_all                     ? 
# 
_struct.entry_id                  2W0G 
_struct.title                     'HSP90 CO-CHAPERONE CDC37' 
_struct.pdbx_model_details        ? 
_struct.pdbx_CASP_flag            ? 
_struct.pdbx_model_type_details   ? 
# 
_struct_keywords.entry_id        2W0G 
_struct_keywords.pdbx_keywords   CHAPERONE 
_struct_keywords.text            
;CHAPERONE, HEAT SHOCK, ATP-BINDING, STRESS RESPONSE, NUCLEOTIDE-BINDING, PHOSPHOPROTEIN, PHOSPHORYLATION, CHAPERONE CO-CHAPERONE REGULATION
;
# 
loop_
_struct_asym.id 
_struct_asym.pdbx_blank_PDB_chainid_flag 
_struct_asym.pdbx_modified 
_struct_asym.entity_id 
_struct_asym.details 
A N N 1 ? 
B N N 2 ? 
# 
_struct_biol.id   1 
# 
loop_
_struct_conf.conf_type_id 
_struct_conf.id 
_struct_conf.pdbx_PDB_helix_id 
_struct_conf.beg_label_comp_id 
_struct_conf.beg_label_asym_id 
_struct_conf.beg_label_seq_id 
_struct_conf.pdbx_beg_PDB_ins_code 
_struct_conf.end_label_comp_id 
_struct_conf.end_label_asym_id 
_struct_conf.end_label_seq_id 
_struct_conf.pdbx_end_PDB_ins_code 
_struct_conf.beg_auth_comp_id 
_struct_conf.beg_auth_asym_id 
_struct_conf.beg_auth_seq_id 
_struct_conf.end_auth_comp_id 
_struct_conf.end_auth_asym_id 
_struct_conf.end_auth_seq_id 
_struct_conf.pdbx_PDB_helix_class 
_struct_conf.details 
_struct_conf.pdbx_PDB_helix_length 
HELX_P HELX_P1 1 HIS A 1  ? MET A 17  ? HIS A 148 MET A 164 1 ? 17 
HELX_P HELX_P2 2 ARG A 20 ? ASN A 31  ? ARG A 167 ASN A 178 1 ? 12 
HELX_P HELX_P3 3 VAL A 32 ? VAL A 35  ? VAL A 179 VAL A 182 5 ? 4  
HELX_P HELX_P4 4 CYS A 36 ? GLU A 53  ? CYS A 183 GLU A 200 1 ? 18 
HELX_P HELX_P5 5 LYS A 55 ? LYS A 80  ? LYS A 202 LYS A 227 1 ? 26 
HELX_P HELX_P6 6 ASP A 82 ? LYS A 95  ? ASP A 229 LYS A 242 1 ? 14 
HELX_P HELX_P7 7 ARG A 99 ? LYS A 126 ? ARG A 246 LYS A 273 1 ? 28 
# 
_struct_conf_type.id          HELX_P 
_struct_conf_type.criteria    ? 
_struct_conf_type.reference   ? 
# 
_atom_sites.entry_id                    2W0G 
_atom_sites.fract_transf_matrix[1][1]   -0.01246947 
_atom_sites.fract_transf_matrix[1][2]   -0.00274806 
_atom_sites.fract_transf_matrix[1][3]   -0.01999676 
_atom_sites.fract_transf_matrix[2][1]   -0.02371447 
_atom_sites.fract_transf_matrix[2][2]   0.00007633 
_atom_sites.fract_transf_matrix[2][3]   0.00070249 
_atom_sites.fract_transf_matrix[3][1]   -0.00000795 
_atom_sites.fract_transf_matrix[3][2]   0.00950335 
_atom_sites.fract_transf_matrix[3][3]   -0.00130104 
_atom_sites.fract_transf_vector[1]      -0.309492 
_atom_sites.fract_transf_vector[2]      0.092832 
_atom_sites.fract_transf_vector[3]      0.003223 
# 
loop_
_atom_type.symbol 
C 
N 
O 
S 
# 
loop_
_atom_site.group_PDB 
_atom_site.id 
_atom_site.type_symbol 
_atom_site.label_atom_id 
_atom_site.label_alt_id 
_atom_site.label_comp_id 
_atom_site.label_asym_id 
_atom_site.label_entity_id 
_atom_site.label_seq_id 
_atom_site.pdbx_PDB_ins_code 
_atom_site.Cartn_x 
_atom_site.Cartn_y 
_atom_site.Cartn_z 
_atom_site.occupancy 
_atom_site.B_iso_or_equiv 
_atom_site.pdbx_formal_charge 
_atom_site.auth_seq_id 
_atom_site.auth_comp_id 
_atom_site.auth_asym_id 
_atom_site.auth_atom_id 
_atom_site.pdbx_PDB_model_num 
ATOM   1    N N   . HIS A 1 1   ? 5.804   3.157   14.615  0.0000 58.59 ? 148  HIS A N   1 
ATOM   2    C CA  . HIS A 1 1   ? 7.091   2.398   14.656  0.0000 57.97 ? 148  HIS A CA  1 
ATOM   3    C C   . HIS A 1 1   ? 6.969   0.981   15.262  0.0000 57.22 ? 148  HIS A C   1 
ATOM   4    O O   . HIS A 1 1   ? 6.098   0.168   14.857  0.0000 57.09 ? 148  HIS A O   1 
ATOM   5    C CB  . HIS A 1 1   ? 8.214   3.218   15.349  0.0000 58.58 ? 148  HIS A CB  1 
ATOM   6    C CG  . HIS A 1 1   ? 7.721   4.375   16.174  0.0000 60.31 ? 148  HIS A CG  1 
ATOM   7    N ND1 . HIS A 1 1   ? 8.142   5.673   15.958  0.0000 60.92 ? 148  HIS A ND1 1 
ATOM   8    C CD2 . HIS A 1 1   ? 6.852   4.432   17.214  0.0000 61.42 ? 148  HIS A CD2 1 
ATOM   9    C CE1 . HIS A 1 1   ? 7.553   6.476   16.827  0.0000 61.61 ? 148  HIS A CE1 1 
ATOM   10   N NE2 . HIS A 1 1   ? 6.759   5.749   17.596  0.0000 61.73 ? 148  HIS A NE2 1 
ATOM   11   N N   . LYS A 1 2   ? 7.842   0.723   16.238  0.0000 55.42 ? 149  LYS A N   1 
ATOM   12   C CA  . LYS A 1 2   ? 8.168   -0.610  16.761  0.0000 53.82 ? 149  LYS A CA  1 
ATOM   13   C C   . LYS A 1 2   ? 7.013   -1.575  17.059  0.0000 51.91 ? 149  LYS A C   1 
ATOM   14   O O   . LYS A 1 2   ? 6.826   -2.563  16.334  0.0000 52.35 ? 149  LYS A O   1 
ATOM   15   C CB  . LYS A 1 2   ? 9.084   -0.476  17.986  0.0000 54.41 ? 149  LYS A CB  1 
ATOM   16   C CG  . LYS A 1 2   ? 8.558   0.520   19.033  0.0000 55.64 ? 149  LYS A CG  1 
ATOM   17   C CD  . LYS A 1 2   ? 9.652   1.167   19.866  0.0000 55.86 ? 149  LYS A CD  1 
ATOM   18   C CE  . LYS A 1 2   ? 9.057   2.277   20.750  0.0000 57.15 ? 149  LYS A CE  1 
ATOM   19   N NZ  . LYS A 1 2   ? 8.232   3.272   19.956  0.0000 56.05 ? 149  LYS A NZ  1 
ATOM   20   N N   . THR A 1 3   ? 6.238   -1.230  18.176  1.00   40.82 ? 150  THR A N   1 
ATOM   21   C CA  . THR A 1 3   ? 5.486   -2.452  18.441  1.00   40.94 ? 150  THR A CA  1 
ATOM   22   C C   . THR A 1 3   ? 4.070   -2.462  17.863  1.00   39.07 ? 150  THR A C   1 
ATOM   23   O O   . THR A 1 3   ? 3.350   -3.435  18.062  1.00   39.45 ? 150  THR A O   1 
ATOM   24   C CB  . THR A 1 3   ? 5.500   -2.881  19.960  1.00   40.56 ? 150  THR A CB  1 
ATOM   25   O OG1 . THR A 1 3   ? 4.308   -2.443  20.650  1.00   40.80 ? 150  THR A OG1 1 
ATOM   26   C CG2 . THR A 1 3   ? 6.781   -2.347  20.662  1.00   43.81 ? 150  THR A CG2 1 
ATOM   27   N N   . PHE A 1 4   ? 3.674   -1.403  17.152  1.00   38.29 ? 151  PHE A N   1 
ATOM   28   C CA  . PHE A 1 4   ? 2.466   -1.482  16.298  1.00   37.78 ? 151  PHE A CA  1 
ATOM   29   C C   . PHE A 1 4   ? 2.637   -2.705  15.367  1.00   37.39 ? 151  PHE A C   1 
ATOM   30   O O   . PHE A 1 4   ? 1.760   -3.555  15.270  1.00   35.80 ? 151  PHE A O   1 
ATOM   31   C CB  . PHE A 1 4   ? 2.250   -0.181  15.499  1.00   36.87 ? 151  PHE A CB  1 
ATOM   32   C CG  . PHE A 1 4   ? 1.109   -0.254  14.502  1.00   37.20 ? 151  PHE A CG  1 
ATOM   33   C CD1 . PHE A 1 4   ? -0.176  0.108   14.866  1.00   37.02 ? 151  PHE A CD1 1 
ATOM   34   C CD2 . PHE A 1 4   ? 1.339   -0.672  13.178  1.00   37.06 ? 151  PHE A CD2 1 
ATOM   35   C CE1 . PHE A 1 4   ? -1.248  0.030   13.931  1.00   37.25 ? 151  PHE A CE1 1 
ATOM   36   C CE2 . PHE A 1 4   ? 0.283   -0.750  12.243  1.00   36.22 ? 151  PHE A CE2 1 
ATOM   37   C CZ  . PHE A 1 4   ? -1.003  -0.410  12.627  1.00   33.49 ? 151  PHE A CZ  1 
ATOM   38   N N   . VAL A 1 5   ? 3.810   -2.805  14.746  1.00   38.48 ? 152  VAL A N   1 
ATOM   39   C CA  . VAL A 1 5   ? 4.164   -3.935  13.847  1.00   39.59 ? 152  VAL A CA  1 
ATOM   40   C C   . VAL A 1 5   ? 4.304   -5.286  14.559  1.00   40.23 ? 152  VAL A C   1 
ATOM   41   O O   . VAL A 1 5   ? 3.873   -6.322  14.035  1.00   40.37 ? 152  VAL A O   1 
ATOM   42   C CB  . VAL A 1 5   ? 5.440   -3.621  13.010  1.00   39.78 ? 152  VAL A CB  1 
ATOM   43   C CG1 . VAL A 1 5   ? 5.979   -4.881  12.310  1.00   41.81 ? 152  VAL A CG1 1 
ATOM   44   C CG2 . VAL A 1 5   ? 5.145   -2.519  11.995  1.00   38.90 ? 152  VAL A CG2 1 
ATOM   45   N N   . GLU A 1 6   ? 4.906   -5.302  15.749  1.00   40.93 ? 153  GLU A N   1 
ATOM   46   C CA  . GLU A 1 6   ? 4.891   -6.526  16.547  1.00   40.99 ? 153  GLU A CA  1 
ATOM   47   C C   . GLU A 1 6   ? 3.465   -6.974  16.867  1.00   40.40 ? 153  GLU A C   1 
ATOM   48   O O   . GLU A 1 6   ? 3.191   -8.174  16.935  1.00   41.10 ? 153  GLU A O   1 
ATOM   49   C CB  . GLU A 1 6   ? 5.684   -6.344  17.833  1.00   42.23 ? 153  GLU A CB  1 
ATOM   50   C CG  . GLU A 1 6   ? 7.048   -5.742  17.623  1.00   44.82 ? 153  GLU A CG  1 
ATOM   51   C CD  . GLU A 1 6   ? 7.780   -5.550  18.942  1.00   50.25 ? 153  GLU A CD  1 
ATOM   52   O OE1 . GLU A 1 6   ? 7.105   -5.500  20.009  1.00   49.96 ? 153  GLU A OE1 1 
ATOM   53   O OE2 . GLU A 1 6   ? 9.027   -5.463  18.898  1.00   51.53 ? 153  GLU A OE2 1 
ATOM   54   N N   . LYS A 1 7   ? 2.558   -6.013  17.044  1.00   38.66 ? 154  LYS A N   1 
ATOM   55   C CA  . LYS A 1 7   ? 1.152   -6.290  17.335  1.00   37.62 ? 154  LYS A CA  1 
ATOM   56   C C   . LYS A 1 7   ? 0.388   -6.789  16.084  1.00   36.26 ? 154  LYS A C   1 
ATOM   57   O O   . LYS A 1 7   ? -0.308  -7.821  16.119  1.00   35.50 ? 154  LYS A O   1 
ATOM   58   C CB  . LYS A 1 7   ? 0.494   -5.023  17.892  1.00   37.53 ? 154  LYS A CB  1 
ATOM   59   C CG  . LYS A 1 7   ? 0.657   -4.802  19.421  1.00   41.67 ? 154  LYS A CG  1 
ATOM   60   C CD  . LYS A 1 7   ? 0.914   -3.315  19.773  1.00   46.68 ? 154  LYS A CD  1 
ATOM   61   C CE  . LYS A 1 7   ? -0.270  -2.606  20.415  1.00   51.11 ? 154  LYS A CE  1 
ATOM   62   N NZ  . LYS A 1 7   ? -1.464  -2.482  19.521  1.00   52.71 ? 154  LYS A NZ  1 
ATOM   63   N N   . TYR A 1 8   ? 0.554   -6.071  14.968  1.00   34.53 ? 155  TYR A N   1 
ATOM   64   C CA  . TYR A 1 8   ? -0.332  -6.253  13.810  1.00   32.27 ? 155  TYR A CA  1 
ATOM   65   C C   . TYR A 1 8   ? 0.307   -6.792  12.526  1.00   32.35 ? 155  TYR A C   1 
ATOM   66   O O   . TYR A 1 8   ? -0.366  -6.880  11.497  1.00   30.25 ? 155  TYR A O   1 
ATOM   67   C CB  . TYR A 1 8   ? -1.072  -4.937  13.519  1.00   33.09 ? 155  TYR A CB  1 
ATOM   68   C CG  . TYR A 1 8   ? -1.794  -4.346  14.729  1.00   33.43 ? 155  TYR A CG  1 
ATOM   69   C CD1 . TYR A 1 8   ? -2.785  -5.069  15.410  1.00   35.84 ? 155  TYR A CD1 1 
ATOM   70   C CD2 . TYR A 1 8   ? -1.500  -3.068  15.172  1.00   34.10 ? 155  TYR A CD2 1 
ATOM   71   C CE1 . TYR A 1 8   ? -3.454  -4.516  16.511  1.00   37.54 ? 155  TYR A CE1 1 
ATOM   72   C CE2 . TYR A 1 8   ? -2.162  -2.512  16.252  1.00   36.05 ? 155  TYR A CE2 1 
ATOM   73   C CZ  . TYR A 1 8   ? -3.129  -3.243  16.924  1.00   36.70 ? 155  TYR A CZ  1 
ATOM   74   O OH  . TYR A 1 8   ? -3.766  -2.679  18.015  1.00   37.28 ? 155  TYR A OH  1 
ATOM   75   N N   . GLU A 1 9   ? 1.579   -7.177  12.593  1.00   31.87 ? 156  GLU A N   1 
ATOM   76   C CA  . GLU A 1 9   ? 2.284   -7.673  11.414  1.00   32.32 ? 156  GLU A CA  1 
ATOM   77   C C   . GLU A 1 9   ? 1.487   -8.648  10.550  1.00   31.38 ? 156  GLU A C   1 
ATOM   78   O O   . GLU A 1 9   ? 1.473   -8.488  9.330   1.00   30.44 ? 156  GLU A O   1 
ATOM   79   C CB  . GLU A 1 9   ? 3.617   -8.303  11.782  1.00   32.63 ? 156  GLU A CB  1 
ATOM   80   C CG  . GLU A 1 9   ? 4.368   -8.853  10.545  1.00   35.11 ? 156  GLU A CG  1 
ATOM   81   C CD  . GLU A 1 9   ? 5.827   -9.160  10.869  1.00   39.17 ? 156  GLU A CD  1 
ATOM   82   O OE1 . GLU A 1 9   ? 6.687   -9.013  9.969   1.00   36.91 ? 156  GLU A OE1 1 
ATOM   83   O OE2 . GLU A 1 9   ? 6.094   -9.533  12.038  1.00   37.68 ? 156  GLU A OE2 1 
ATOM   84   N N   . LYS A 1 10  ? 0.821   -9.647  11.149  1.00   30.96 ? 157  LYS A N   1 
ATOM   85   C CA  . LYS A 1 10  ? 0.093   -10.615 10.308  1.00   29.97 ? 157  LYS A CA  1 
ATOM   86   C C   . LYS A 1 10  ? -1.125  -10.012 9.636   1.00   28.58 ? 157  LYS A C   1 
ATOM   87   O O   . LYS A 1 10  ? -1.458  -10.411 8.503   1.00   27.25 ? 157  LYS A O   1 
ATOM   88   C CB  . LYS A 1 10  ? -0.241  -11.899 11.054  1.00   31.82 ? 157  LYS A CB  1 
ATOM   89   C CG  . LYS A 1 10  ? 1.041   -12.487 11.647  1.00   34.45 ? 157  LYS A CG  1 
ATOM   90   C CD  . LYS A 1 10  ? 0.996   -13.962 11.919  1.00   41.35 ? 157  LYS A CD  1 
ATOM   91   C CE  . LYS A 1 10  ? 2.385   -14.380 12.394  1.00   44.56 ? 157  LYS A CE  1 
ATOM   92   N NZ  . LYS A 1 10  ? 3.505   -13.581 11.766  1.00   45.56 ? 157  LYS A NZ  1 
ATOM   93   N N   . GLN A 1 11  ? -1.767  -9.053  10.313  1.00   25.97 ? 158  GLN A N   1 
ATOM   94   C CA  . GLN A 1 11  ? -2.915  -8.317  9.732   1.00   27.13 ? 158  GLN A CA  1 
ATOM   95   C C   . GLN A 1 11  ? -2.494  -7.391  8.569   1.00   24.76 ? 158  GLN A C   1 
ATOM   96   O O   . GLN A 1 11  ? -3.180  -7.290  7.550   1.00   23.71 ? 158  GLN A O   1 
ATOM   97   C CB  . GLN A 1 11  ? -3.682  -7.512  10.795  1.00   25.39 ? 158  GLN A CB  1 
ATOM   98   C CG  . GLN A 1 11  ? -4.607  -8.387  11.702  1.00   29.35 ? 158  GLN A CG  1 
ATOM   99   C CD  . GLN A 1 11  ? -5.271  -7.592  12.862  1.00   33.20 ? 158  GLN A CD  1 
ATOM   100  O OE1 . GLN A 1 11  ? -4.864  -6.477  13.217  1.00   37.99 ? 158  GLN A OE1 1 
ATOM   101  N NE2 . GLN A 1 11  ? -6.297  -8.206  13.475  1.00   42.84 ? 158  GLN A NE2 1 
ATOM   102  N N   . ILE A 1 12  ? -1.384  -6.714  8.757   1.00   23.18 ? 159  ILE A N   1 
ATOM   103  C CA  . ILE A 1 12  ? -0.792  -5.849  7.683   1.00   23.35 ? 159  ILE A CA  1 
ATOM   104  C C   . ILE A 1 12  ? -0.433  -6.717  6.478   1.00   22.67 ? 159  ILE A C   1 
ATOM   105  O O   . ILE A 1 12  ? -0.753  -6.361  5.351   1.00   22.05 ? 159  ILE A O   1 
ATOM   106  C CB  . ILE A 1 12  ? 0.480   -5.085  8.165   1.00   23.17 ? 159  ILE A CB  1 
ATOM   107  C CG1 . ILE A 1 12  ? 0.127   -4.077  9.271   1.00   24.15 ? 159  ILE A CG1 1 
ATOM   108  C CG2 . ILE A 1 12  ? 1.140   -4.273  6.942   1.00   23.40 ? 159  ILE A CG2 1 
ATOM   109  C CD1 . ILE A 1 12  ? 1.354   -3.618  10.092  1.00   24.50 ? 159  ILE A CD1 1 
ATOM   110  N N   . LYS A 1 13  ? 0.287   -7.807  6.708   1.00   21.96 ? 160  LYS A N   1 
ATOM   111  C CA  . LYS A 1 13  ? 0.586   -8.776  5.622   1.00   24.06 ? 160  LYS A CA  1 
ATOM   112  C C   . LYS A 1 13  ? -0.704  -9.270  4.869   1.00   23.57 ? 160  LYS A C   1 
ATOM   113  O O   . LYS A 1 13  ? -0.750  -9.251  3.629   1.00   22.67 ? 160  LYS A O   1 
ATOM   114  C CB  . LYS A 1 13  ? 1.448   -9.920  6.115   1.00   24.78 ? 160  LYS A CB  1 
ATOM   115  C CG  . LYS A 1 13  ? 2.940   -9.552  6.425   1.00   27.49 ? 160  LYS A CG  1 
ATOM   116  C CD  . LYS A 1 13  ? 3.706   -10.810 6.850   1.00   26.78 ? 160  LYS A CD  1 
ATOM   117  C CE  . LYS A 1 13  ? 5.202   -10.733 6.604   1.00   36.34 ? 160  LYS A CE  1 
ATOM   118  N NZ  . LYS A 1 13  ? 5.777   -12.122 6.456   1.00   37.79 ? 160  LYS A NZ  1 
ATOM   119  N N   . HIS A 1 14  ? -1.721  -9.686  5.618   1.00   21.95 ? 161  HIS A N   1 
ATOM   120  C CA  . HIS A 1 14  ? -3.037  -10.093 5.099   1.00   22.53 ? 161  HIS A CA  1 
ATOM   121  C C   . HIS A 1 14  ? -3.599  -8.972  4.197   1.00   21.64 ? 161  HIS A C   1 
ATOM   122  O O   . HIS A 1 14  ? -3.949  -9.235  3.047   1.00   22.60 ? 161  HIS A O   1 
ATOM   123  C CB  . HIS A 1 14  ? -3.994  -10.409 6.272   1.00   21.93 ? 161  HIS A CB  1 
ATOM   124  C CG  . HIS A 1 14  ? -5.365  -10.856 5.851   1.00   24.96 ? 161  HIS A CG  1 
ATOM   125  N ND1 . HIS A 1 14  ? -5.872  -12.088 6.187   1.00   26.53 ? 161  HIS A ND1 1 
ATOM   126  C CD2 . HIS A 1 14  ? -6.348  -10.218 5.172   1.00   26.85 ? 161  HIS A CD2 1 
ATOM   127  C CE1 . HIS A 1 14  ? -7.095  -12.211 5.695   1.00   29.08 ? 161  HIS A CE1 1 
ATOM   128  N NE2 . HIS A 1 14  ? -7.409  -11.092 5.067   1.00   26.01 ? 161  HIS A NE2 1 
ATOM   129  N N   . PHE A 1 15  ? -3.696  -7.736  4.707   1.00   21.89 ? 162  PHE A N   1 
ATOM   130  C CA  . PHE A 1 15  ? -4.180  -6.610  3.882   1.00   21.67 ? 162  PHE A CA  1 
ATOM   131  C C   . PHE A 1 15  ? -3.334  -6.486  2.601   1.00   21.65 ? 162  PHE A C   1 
ATOM   132  O O   . PHE A 1 15  ? -3.876  -6.221  1.512   1.00   22.06 ? 162  PHE A O   1 
ATOM   133  C CB  . PHE A 1 15  ? -4.109  -5.292  4.647   1.00   21.33 ? 162  PHE A CB  1 
ATOM   134  C CG  . PHE A 1 15  ? -4.447  -4.101  3.805   1.00   22.33 ? 162  PHE A CG  1 
ATOM   135  C CD1 . PHE A 1 15  ? -5.764  -3.843  3.446   1.00   23.02 ? 162  PHE A CD1 1 
ATOM   136  C CD2 . PHE A 1 15  ? -3.439  -3.278  3.310   1.00   25.25 ? 162  PHE A CD2 1 
ATOM   137  C CE1 . PHE A 1 15  ? -6.076  -2.764  2.596   1.00   25.07 ? 162  PHE A CE1 1 
ATOM   138  C CE2 . PHE A 1 15  ? -3.751  -2.179  2.512   1.00   24.68 ? 162  PHE A CE2 1 
ATOM   139  C CZ  . PHE A 1 15  ? -5.076  -1.932  2.170   1.00   23.62 ? 162  PHE A CZ  1 
ATOM   140  N N   . GLY A 1 16  ? -2.016  -6.627  2.766   1.00   22.39 ? 163  GLY A N   1 
ATOM   141  C CA  . GLY A 1 16  ? -1.050  -6.567  1.670   1.00   23.06 ? 163  GLY A CA  1 
ATOM   142  C C   . GLY A 1 16  ? -1.306  -7.587  0.564   1.00   23.17 ? 163  GLY A C   1 
ATOM   143  O O   . GLY A 1 16  ? -0.814  -7.439  -0.568  1.00   23.63 ? 163  GLY A O   1 
ATOM   144  N N   . MET A 1 17  ? -2.065  -8.620  0.894   1.00   21.53 ? 164  MET A N   1 
ATOM   145  C CA  . MET A 1 17  ? -2.339  -9.710  -0.051  1.00   24.57 ? 164  MET A CA  1 
ATOM   146  C C   . MET A 1 17  ? -3.778  -9.758  -0.593  1.00   21.82 ? 164  MET A C   1 
ATOM   147  O O   . MET A 1 17  ? -4.216  -10.736 -1.237  1.00   22.18 ? 164  MET A O   1 
ATOM   148  C CB  . MET A 1 17  ? -1.850  -11.024 0.561   1.00   24.67 ? 164  MET A CB  1 
ATOM   149  C CG  . MET A 1 17  ? -0.345  -10.981 0.441   1.00   28.87 ? 164  MET A CG  1 
ATOM   150  S SD  . MET A 1 17  ? 0.609   -12.378 0.893   1.00   32.78 ? 164  MET A SD  1 
ATOM   151  C CE  . MET A 1 17  ? -0.219  -12.782 2.442   1.00   30.46 ? 164  MET A CE  1 
ATOM   152  N N   . LEU A 1 18  ? -4.512  -8.685  -0.333  1.00   21.30 ? 165  LEU A N   1 
ATOM   153  C CA  . LEU A 1 18  ? -5.841  -8.517  -0.895  1.00   21.27 ? 165  LEU A CA  1 
ATOM   154  C C   . LEU A 1 18  ? -5.742  -7.755  -2.226  1.00   22.64 ? 165  LEU A C   1 
ATOM   155  O O   . LEU A 1 18  ? -4.672  -7.232  -2.539  1.00   21.35 ? 165  LEU A O   1 
ATOM   156  C CB  . LEU A 1 18  ? -6.753  -7.814  0.083   1.00   20.58 ? 165  LEU A CB  1 
ATOM   157  C CG  . LEU A 1 18  ? -6.997  -8.536  1.424   1.00   20.65 ? 165  LEU A CG  1 
ATOM   158  C CD1 . LEU A 1 18  ? -7.919  -7.600  2.243   1.00   20.85 ? 165  LEU A CD1 1 
ATOM   159  C CD2 . LEU A 1 18  ? -7.715  -9.874  1.172   1.00   23.22 ? 165  LEU A CD2 1 
ATOM   160  N N   . ARG A 1 19  ? -6.835  -7.713  -2.982  1.00   21.82 ? 166  ARG A N   1 
ATOM   161  C CA  . ARG A 1 19  ? -6.831  -6.994  -4.278  1.00   22.11 ? 166  ARG A CA  1 
ATOM   162  C C   . ARG A 1 19  ? -8.149  -6.325  -4.630  1.00   22.64 ? 166  ARG A C   1 
ATOM   163  O O   . ARG A 1 19  ? -8.134  -5.149  -5.000  1.00   21.60 ? 166  ARG A O   1 
ATOM   164  C CB  . ARG A 1 19  ? -6.305  -7.874  -5.438  1.00   22.45 ? 166  ARG A CB  1 
ATOM   165  C CG  . ARG A 1 19  ? -6.508  -7.305  -6.922  1.00   23.67 ? 166  ARG A CG  1 
ATOM   166  C CD  . ARG A 1 19  ? -5.744  -5.995  -7.056  1.00   29.16 ? 166  ARG A CD  1 
ATOM   167  N NE  . ARG A 1 19  ? -5.097  -5.852  -8.366  0.50   34.41 ? 166  ARG A NE  1 
ATOM   168  C CZ  . ARG A 1 19  ? -3.811  -6.108  -8.591  0.50   32.16 ? 166  ARG A CZ  1 
ATOM   169  N NH1 . ARG A 1 19  ? -3.003  -6.518  -7.604  0.50   27.10 ? 166  ARG A NH1 1 
ATOM   170  N NH2 . ARG A 1 19  ? -3.331  -5.948  -9.804  0.50   34.37 ? 166  ARG A NH2 1 
ATOM   171  N N   A ARG A 1 20  ? -9.271  -7.057  -4.554  0.50   21.92 ? 167  ARG A N   1 
ATOM   172  N N   B ARG A 1 20  ? -9.268  -7.056  -4.547  0.50   21.65 ? 167  ARG A N   1 
ATOM   173  C CA  A ARG A 1 20  ? -10.573 -6.497  -4.951  0.50   23.75 ? 167  ARG A CA  1 
ATOM   174  C CA  B ARG A 1 20  ? -10.563 -6.483  -4.921  0.50   23.10 ? 167  ARG A CA  1 
ATOM   175  C C   A ARG A 1 20  ? -10.954 -5.350  -4.016  0.50   23.64 ? 167  ARG A C   1 
ATOM   176  C C   B ARG A 1 20  ? -10.907 -5.317  -4.008  0.50   23.33 ? 167  ARG A C   1 
ATOM   177  O O   A ARG A 1 20  ? -10.741 -5.463  -2.796  0.50   23.09 ? 167  ARG A O   1 
ATOM   178  O O   B ARG A 1 20  ? -10.626 -5.382  -2.797  0.50   22.75 ? 167  ARG A O   1 
ATOM   179  C CB  A ARG A 1 20  ? -11.667 -7.574  -4.936  0.50   24.38 ? 167  ARG A CB  1 
ATOM   180  C CB  B ARG A 1 20  ? -11.670 -7.530  -4.840  0.50   23.86 ? 167  ARG A CB  1 
ATOM   181  C CG  A ARG A 1 20  ? -11.337 -8.815  -5.780  0.50   24.42 ? 167  ARG A CG  1 
ATOM   182  C CG  B ARG A 1 20  ? -11.617 -8.557  -5.963  0.50   23.52 ? 167  ARG A CG  1 
ATOM   183  C CD  A ARG A 1 20  ? -12.532 -9.777  -5.895  0.50   25.42 ? 167  ARG A CD  1 
ATOM   184  C CD  B ARG A 1 20  ? -12.915 -9.311  -6.060  0.50   25.04 ? 167  ARG A CD  1 
ATOM   185  N NE  A ARG A 1 20  ? -13.364 -9.557  -7.087  0.50   30.20 ? 167  ARG A NE  1 
ATOM   186  N NE  B ARG A 1 20  ? -13.184 -10.110 -4.866  0.50   22.96 ? 167  ARG A NE  1 
ATOM   187  C CZ  A ARG A 1 20  ? -14.514 -10.200 -7.334  0.50   30.02 ? 167  ARG A CZ  1 
ATOM   188  C CZ  B ARG A 1 20  ? -14.335 -10.729 -4.625  0.50   27.23 ? 167  ARG A CZ  1 
ATOM   189  N NH1 A ARG A 1 20  ? -14.978 -11.101 -6.455  0.50   31.27 ? 167  ARG A NH1 1 
ATOM   190  N NH1 B ARG A 1 20  ? -15.349 -10.664 -5.484  0.50   24.28 ? 167  ARG A NH1 1 
ATOM   191  N NH2 A ARG A 1 20  ? -15.212 -9.945  -8.445  0.50   20.05 ? 167  ARG A NH2 1 
ATOM   192  N NH2 B ARG A 1 20  ? -14.474 -11.426 -3.503  0.50   28.11 ? 167  ARG A NH2 1 
ATOM   193  N N   . TRP A 1 21  ? -11.503 -4.265  -4.575  1.00   23.22 ? 168  TRP A N   1 
ATOM   194  C CA  . TRP A 1 21  ? -11.840 -3.069  -3.759  1.00   24.68 ? 168  TRP A CA  1 
ATOM   195  C C   . TRP A 1 21  ? -12.667 -3.428  -2.523  1.00   25.30 ? 168  TRP A C   1 
ATOM   196  O O   . TRP A 1 21  ? -12.334 -3.019  -1.411  1.00   24.45 ? 168  TRP A O   1 
ATOM   197  C CB  . TRP A 1 21  ? -12.519 -1.944  -4.563  1.00   25.57 ? 168  TRP A CB  1 
ATOM   198  C CG  . TRP A 1 21  ? -11.824 -1.529  -5.844  1.00   27.21 ? 168  TRP A CG  1 
ATOM   199  C CD1 . TRP A 1 21  ? -12.390 -1.430  -7.093  1.00   29.90 ? 168  TRP A CD1 1 
ATOM   200  C CD2 . TRP A 1 21  ? -10.469 -1.091  -5.983  1.00   26.12 ? 168  TRP A CD2 1 
ATOM   201  N NE1 . TRP A 1 21  ? -11.461 -0.997  -8.010  1.00   30.14 ? 168  TRP A NE1 1 
ATOM   202  C CE2 . TRP A 1 21  ? -10.271 -0.774  -7.357  1.00   29.41 ? 168  TRP A CE2 1 
ATOM   203  C CE3 . TRP A 1 21  ? -9.407  -0.911  -5.078  1.00   27.44 ? 168  TRP A CE3 1 
ATOM   204  C CZ2 . TRP A 1 21  ? -9.047  -0.309  -7.855  1.00   28.63 ? 168  TRP A CZ2 1 
ATOM   205  C CZ3 . TRP A 1 21  ? -8.183  -0.444  -5.568  1.00   27.95 ? 168  TRP A CZ3 1 
ATOM   206  C CH2 . TRP A 1 21  ? -8.008  -0.156  -6.960  1.00   28.16 ? 168  TRP A CH2 1 
ATOM   207  N N   . ASP A 1 22  ? -13.702 -4.237  -2.705  1.00   25.40 ? 169  ASP A N   1 
ATOM   208  C CA  . ASP A 1 22  ? -14.590 -4.579  -1.594  1.00   26.30 ? 169  ASP A CA  1 
ATOM   209  C C   . ASP A 1 22  ? -13.876 -5.434  -0.528  1.00   25.53 ? 169  ASP A C   1 
ATOM   210  O O   . ASP A 1 22  ? -14.104 -5.251  0.658   1.00   24.25 ? 169  ASP A O   1 
ATOM   211  C CB  . ASP A 1 22  ? -15.851 -5.272  -2.100  1.00   28.03 ? 169  ASP A CB  1 
ATOM   212  C CG  . ASP A 1 22  ? -16.790 -4.320  -2.850  1.00   30.60 ? 169  ASP A CG  1 
ATOM   213  O OD1 . ASP A 1 22  ? -16.412 -3.162  -3.099  1.00   35.11 ? 169  ASP A OD1 1 
ATOM   214  O OD2 . ASP A 1 22  ? -17.912 -4.751  -3.208  1.00   37.92 ? 169  ASP A OD2 1 
ATOM   215  N N   . ASP A 1 23  ? -13.002 -6.348  -0.965  1.00   24.20 ? 170  ASP A N   1 
ATOM   216  C CA  . ASP A 1 23  ? -12.171 -7.116  -0.028  1.00   24.56 ? 170  ASP A CA  1 
ATOM   217  C C   . ASP A 1 23  ? -11.310 -6.174  0.880   1.00   23.87 ? 170  ASP A C   1 
ATOM   218  O O   . ASP A 1 23  ? -11.320 -6.279  2.114   1.00   23.12 ? 170  ASP A O   1 
ATOM   219  C CB  . ASP A 1 23  ? -11.262 -8.058  -0.810  1.00   23.53 ? 170  ASP A CB  1 
ATOM   220  C CG  . ASP A 1 23  ? -12.015 -9.258  -1.397  1.00   28.81 ? 170  ASP A CG  1 
ATOM   221  O OD1 . ASP A 1 23  ? -13.210 -9.441  -1.099  1.00   32.57 ? 170  ASP A OD1 1 
ATOM   222  O OD2 . ASP A 1 23  ? -11.413 -10.001 -2.181  1.00   25.09 ? 170  ASP A OD2 1 
ATOM   223  N N   . SER A 1 24  ? -10.544 -5.285  0.252   1.00   23.65 ? 171  SER A N   1 
ATOM   224  C CA  . SER A 1 24  ? -9.768  -4.268  1.002   1.00   24.03 ? 171  SER A CA  1 
ATOM   225  C C   . SER A 1 24  ? -10.628 -3.371  1.918   1.00   24.97 ? 171  SER A C   1 
ATOM   226  O O   . SER A 1 24  ? -10.258 -3.124  3.091   1.00   23.61 ? 171  SER A O   1 
ATOM   227  C CB  . SER A 1 24  ? -8.995  -3.378  0.026   1.00   21.71 ? 171  SER A CB  1 
ATOM   228  O OG  . SER A 1 24  ? -8.068  -4.178  -0.686  1.00   23.24 ? 171  SER A OG  1 
ATOM   229  N N   . GLN A 1 25  ? -11.752 -2.873  1.389   1.00   24.02 ? 172  GLN A N   1 
ATOM   230  C CA  . GLN A 1 25  ? -12.599 -1.979  2.171   1.00   25.15 ? 172  GLN A CA  1 
ATOM   231  C C   . GLN A 1 25  ? -13.164 -2.727  3.406   1.00   26.10 ? 172  GLN A C   1 
ATOM   232  O O   . GLN A 1 25  ? -13.110 -2.212  4.521   1.00   25.78 ? 172  GLN A O   1 
ATOM   233  C CB  . GLN A 1 25  ? -13.746 -1.404  1.328   1.00   24.95 ? 172  GLN A CB  1 
ATOM   234  C CG  . GLN A 1 25  ? -14.550 -0.416  2.152   1.00   28.93 ? 172  GLN A CG  1 
ATOM   235  C CD  . GLN A 1 25  ? -15.738 0.196   1.450   1.00   36.67 ? 172  GLN A CD  1 
ATOM   236  O OE1 . GLN A 1 25  ? -16.842 0.245   2.014   1.00   42.36 ? 172  GLN A OE1 1 
ATOM   237  N NE2 . GLN A 1 25  ? -15.524 0.718   0.264   1.00   36.58 ? 172  GLN A NE2 1 
ATOM   238  N N   . LYS A 1 26  ? -13.652 -3.952  3.192   1.00   25.65 ? 173  LYS A N   1 
ATOM   239  C CA  . LYS A 1 26  ? -14.186 -4.748  4.313   1.00   26.54 ? 173  LYS A CA  1 
ATOM   240  C C   . LYS A 1 26  ? -13.109 -4.998  5.360   1.00   26.54 ? 173  LYS A C   1 
ATOM   241  O O   . LYS A 1 26  ? -13.349 -4.823  6.565   1.00   26.52 ? 173  LYS A O   1 
ATOM   242  C CB  . LYS A 1 26  ? -14.772 -6.051  3.800   1.00   25.72 ? 173  LYS A CB  1 
ATOM   243  C CG  . LYS A 1 26  ? -15.282 -6.992  4.895   1.00   26.51 ? 173  LYS A CG  1 
ATOM   244  C CD  . LYS A 1 26  ? -16.148 -8.114  4.336   0.10   23.05 ? 173  LYS A CD  1 
ATOM   245  C CE  . LYS A 1 26  ? -16.505 -9.132  5.416   0.10   22.01 ? 173  LYS A CE  1 
ATOM   246  N NZ  . LYS A 1 26  ? -16.927 -8.504  6.701   0.10   19.87 ? 173  LYS A NZ  1 
ATOM   247  N N   . TYR A 1 27  ? -11.916 -5.399  4.901   1.00   26.28 ? 174  TYR A N   1 
ATOM   248  C CA  . TYR A 1 27  ? -10.831 -5.750  5.816   1.00   25.70 ? 174  TYR A CA  1 
ATOM   249  C C   . TYR A 1 27  ? -10.459 -4.560  6.670   1.00   26.15 ? 174  TYR A C   1 
ATOM   250  O O   . TYR A 1 27  ? -10.314 -4.676  7.909   1.00   25.63 ? 174  TYR A O   1 
ATOM   251  C CB  . TYR A 1 27  ? -9.613  -6.319  5.073   1.00   25.51 ? 174  TYR A CB  1 
ATOM   252  C CG  . TYR A 1 27  ? -8.663  -7.028  6.043   1.00   25.30 ? 174  TYR A CG  1 
ATOM   253  C CD1 . TYR A 1 27  ? -9.046  -8.212  6.698   1.00   26.80 ? 174  TYR A CD1 1 
ATOM   254  C CD2 . TYR A 1 27  ? -7.432  -6.461  6.366   1.00   25.92 ? 174  TYR A CD2 1 
ATOM   255  C CE1 . TYR A 1 27  ? -8.193  -8.829  7.604   1.00   27.33 ? 174  TYR A CE1 1 
ATOM   256  C CE2 . TYR A 1 27  ? -6.556  -7.081  7.286   1.00   26.42 ? 174  TYR A CE2 1 
ATOM   257  C CZ  . TYR A 1 27  ? -6.966  -8.248  7.905   1.00   27.41 ? 174  TYR A CZ  1 
ATOM   258  O OH  . TYR A 1 27  ? -6.120  -8.854  8.793   1.00   27.91 ? 174  TYR A OH  1 
ATOM   259  N N   . LEU A 1 28  ? -10.309 -3.410  6.027   1.00   25.30 ? 175  LEU A N   1 
ATOM   260  C CA  . LEU A 1 28  ? -10.025 -2.172  6.764   1.00   25.69 ? 175  LEU A CA  1 
ATOM   261  C C   . LEU A 1 28  ? -11.149 -1.766  7.696   1.00   26.32 ? 175  LEU A C   1 
ATOM   262  O O   . LEU A 1 28  ? -10.864 -1.350  8.808   1.00   26.60 ? 175  LEU A O   1 
ATOM   263  C CB  . LEU A 1 28  ? -9.683  -0.994  5.827   1.00   25.82 ? 175  LEU A CB  1 
ATOM   264  C CG  . LEU A 1 28  ? -8.400  -1.291  5.033   1.00   23.29 ? 175  LEU A CG  1 
ATOM   265  C CD1 . LEU A 1 28  ? -8.073  -0.170  4.061   1.00   26.49 ? 175  LEU A CD1 1 
ATOM   266  C CD2 . LEU A 1 28  ? -7.215  -1.496  5.971   1.00   23.42 ? 175  LEU A CD2 1 
ATOM   267  N N   . SER A 1 29  ? -12.395 -1.833  7.227   1.00   27.48 ? 176  SER A N   1 
ATOM   268  C CA  . SER A 1 29  ? -13.585 -1.527  8.065   1.00   29.49 ? 176  SER A CA  1 
ATOM   269  C C   . SER A 1 29  ? -13.597 -2.350  9.357   1.00   28.72 ? 176  SER A C   1 
ATOM   270  O O   . SER A 1 29  ? -13.986 -1.820  10.404  1.00   30.31 ? 176  SER A O   1 
ATOM   271  C CB  . SER A 1 29  ? -14.896 -1.765  7.315   1.00   29.14 ? 176  SER A CB  1 
ATOM   272  O OG  . SER A 1 29  ? -15.120 -0.706  6.371   1.00   36.03 ? 176  SER A OG  1 
ATOM   273  N N   . ASP A 1 30  ? -13.199 -3.622  9.237   1.00   28.59 ? 177  ASP A N   1 
ATOM   274  C CA  . ASP A 1 30  ? -13.071 -4.617  10.338  1.00   29.03 ? 177  ASP A CA  1 
ATOM   275  C C   . ASP A 1 30  ? -11.826 -4.446  11.195  1.00   30.01 ? 177  ASP A C   1 
ATOM   276  O O   . ASP A 1 30  ? -11.777 -4.949  12.329  1.00   30.56 ? 177  ASP A O   1 
ATOM   277  C CB  . ASP A 1 30  ? -13.148 -6.062  9.793   1.00   28.36 ? 177  ASP A CB  1 
ATOM   278  C CG  . ASP A 1 30  ? -14.561 -6.437  9.329   1.00   29.32 ? 177  ASP A CG  1 
ATOM   279  O OD1 . ASP A 1 30  ? -15.514 -5.707  9.683   1.00   29.33 ? 177  ASP A OD1 1 
ATOM   280  O OD2 . ASP A 1 30  ? -14.729 -7.413  8.576   1.00   32.85 ? 177  ASP A OD2 1 
ATOM   281  N N   . ASN A 1 31  ? -10.832 -3.730  10.670  1.00   28.58 ? 178  ASN A N   1 
ATOM   282  C CA  . ASN A 1 31  ? -9.538  -3.553  11.305  1.00   28.34 ? 178  ASN A CA  1 
ATOM   283  C C   . ASN A 1 31  ? -9.071  -2.107  11.096  1.00   29.12 ? 178  ASN A C   1 
ATOM   284  O O   . ASN A 1 31  ? -7.997  -1.853  10.543  1.00   28.31 ? 178  ASN A O   1 
ATOM   285  C CB  . ASN A 1 31  ? -8.510  -4.514  10.691  1.00   28.06 ? 178  ASN A CB  1 
ATOM   286  C CG  . ASN A 1 31  ? -8.869  -5.955  10.897  1.00   30.43 ? 178  ASN A CG  1 
ATOM   287  O OD1 . ASN A 1 31  ? -9.527  -6.611  10.052  1.00   31.50 ? 178  ASN A OD1 1 
ATOM   288  N ND2 . ASN A 1 31  ? -8.471  -6.470  12.041  1.00   24.24 ? 178  ASN A ND2 1 
ATOM   289  N N   . VAL A 1 32  ? -9.894  -1.156  11.542  1.00   28.46 ? 179  VAL A N   1 
ATOM   290  C CA  . VAL A 1 32  ? -9.663  0.271   11.262  1.00   29.26 ? 179  VAL A CA  1 
ATOM   291  C C   . VAL A 1 32  ? -8.317  0.798   11.808  1.00   28.69 ? 179  VAL A C   1 
ATOM   292  O O   . VAL A 1 32  ? -7.759  1.720   11.265  1.00   26.53 ? 179  VAL A O   1 
ATOM   293  C CB  . VAL A 1 32  ? -10.950 1.148   11.640  1.00   28.79 ? 179  VAL A CB  1 
ATOM   294  C CG1 . VAL A 1 32  ? -11.043 1.442   13.104  1.00   33.01 ? 179  VAL A CG1 1 
ATOM   295  C CG2 . VAL A 1 32  ? -11.072 2.454   10.802  1.00   32.35 ? 179  VAL A CG2 1 
ATOM   296  N N   . HIS A 1 33  ? -7.784  0.177   12.865  1.00   28.47 ? 180  HIS A N   1 
ATOM   297  C CA  . HIS A 1 33  ? -6.482  0.557   13.444  1.00   28.52 ? 180  HIS A CA  1 
ATOM   298  C C   . HIS A 1 33  ? -5.320  0.420   12.439  1.00   27.82 ? 180  HIS A C   1 
ATOM   299  O O   . HIS A 1 33  ? -4.325  1.126   12.537  1.00   28.75 ? 180  HIS A O   1 
ATOM   300  C CB  . HIS A 1 33  ? -6.205  -0.314  14.688  1.00   29.06 ? 180  HIS A CB  1 
ATOM   301  C CG  . HIS A 1 33  ? -6.289  -1.784  14.414  1.00   28.26 ? 180  HIS A CG  1 
ATOM   302  N ND1 . HIS A 1 33  ? -7.487  -2.448  14.272  1.00   27.50 ? 180  HIS A ND1 1 
ATOM   303  C CD2 . HIS A 1 33  ? -5.323  -2.717  14.239  1.00   29.35 ? 180  HIS A CD2 1 
ATOM   304  C CE1 . HIS A 1 33  ? -7.260  -3.723  14.020  1.00   27.13 ? 180  HIS A CE1 1 
ATOM   305  N NE2 . HIS A 1 33  ? -5.955  -3.912  13.987  1.00   25.97 ? 180  HIS A NE2 1 
ATOM   306  N N   . LEU A 1 34  ? -5.464  -0.459  11.449  1.00   26.82 ? 181  LEU A N   1 
ATOM   307  C CA  . LEU A 1 34  ? -4.477  -0.567  10.363  1.00   26.28 ? 181  LEU A CA  1 
ATOM   308  C C   . LEU A 1 34  ? -4.421  0.622   9.393   1.00   26.55 ? 181  LEU A C   1 
ATOM   309  O O   . LEU A 1 34  ? -3.524  0.678   8.586   1.00   26.42 ? 181  LEU A O   1 
ATOM   310  C CB  . LEU A 1 34  ? -4.758  -1.799  9.512   1.00   27.36 ? 181  LEU A CB  1 
ATOM   311  C CG  . LEU A 1 34  ? -4.816  -3.133  10.237  1.00   25.63 ? 181  LEU A CG  1 
ATOM   312  C CD1 . LEU A 1 34  ? -5.212  -4.219  9.220   1.00   26.46 ? 181  LEU A CD1 1 
ATOM   313  C CD2 . LEU A 1 34  ? -3.462  -3.421  10.862  1.00   25.80 ? 181  LEU A CD2 1 
ATOM   314  N N   . VAL A 1 35  ? -5.397  1.524   9.427   1.00   26.50 ? 182  VAL A N   1 
ATOM   315  C CA  . VAL A 1 35  ? -5.398  2.659   8.506   1.00   26.27 ? 182  VAL A CA  1 
ATOM   316  C C   . VAL A 1 35  ? -4.461  3.730   9.097   1.00   26.83 ? 182  VAL A C   1 
ATOM   317  O O   . VAL A 1 35  ? -4.905  4.642   9.807   1.00   27.41 ? 182  VAL A O   1 
ATOM   318  C CB  . VAL A 1 35  ? -6.831  3.201   8.242   1.00   26.03 ? 182  VAL A CB  1 
ATOM   319  C CG1 . VAL A 1 35  ? -6.799  4.413   7.297   1.00   24.34 ? 182  VAL A CG1 1 
ATOM   320  C CG2 . VAL A 1 35  ? -7.789  2.088   7.677   1.00   26.20 ? 182  VAL A CG2 1 
ATOM   321  N N   . CYS A 1 36  ? -3.162  3.585   8.847   1.00   28.66 ? 183  CYS A N   1 
ATOM   322  C CA  . CYS A 1 36  ? -2.179  4.510   9.424   1.00   27.96 ? 183  CYS A CA  1 
ATOM   323  C C   . CYS A 1 36  ? -0.852  4.458   8.662   1.00   27.55 ? 183  CYS A C   1 
ATOM   324  O O   . CYS A 1 36  ? -0.572  3.500   7.903   1.00   25.76 ? 183  CYS A O   1 
ATOM   325  C CB  . CYS A 1 36  ? -1.990  4.210   10.924  1.00   28.79 ? 183  CYS A CB  1 
ATOM   326  S SG  . CYS A 1 36  ? -1.184  2.634   11.226  1.00   30.20 ? 183  CYS A SG  1 
ATOM   327  N N   . GLU A 1 37  ? -0.018  5.473   8.878   1.00   27.16 ? 184  GLU A N   1 
ATOM   328  C CA  . GLU A 1 37  ? 1.277   5.502   8.220   1.00   28.48 ? 184  GLU A CA  1 
ATOM   329  C C   . GLU A 1 37  ? 2.143   4.299   8.551   1.00   28.96 ? 184  GLU A C   1 
ATOM   330  O O   . GLU A 1 37  ? 2.844   3.782   7.685   1.00   28.29 ? 184  GLU A O   1 
ATOM   331  C CB  . GLU A 1 37  ? 2.021   6.828   8.500   1.00   30.22 ? 184  GLU A CB  1 
ATOM   332  C CG  . GLU A 1 37  ? 3.450   6.851   7.904   1.00   31.18 ? 184  GLU A CG  1 
ATOM   333  C CD  . GLU A 1 37  ? 3.489   6.852   6.345   1.00   32.36 ? 184  GLU A CD  1 
ATOM   334  O OE1 . GLU A 1 37  ? 2.572   7.382   5.662   1.00   34.88 ? 184  GLU A OE1 1 
ATOM   335  O OE2 . GLU A 1 37  ? 4.462   6.312   5.793   1.00   35.32 ? 184  GLU A OE2 1 
ATOM   336  N N   . GLU A 1 38  ? 2.077   3.815   9.795   1.00   28.22 ? 185  GLU A N   1 
ATOM   337  C CA  . GLU A 1 38  ? 2.870   2.654   10.174  1.00   28.45 ? 185  GLU A CA  1 
ATOM   338  C C   . GLU A 1 38  ? 2.632   1.468   9.235   1.00   27.39 ? 185  GLU A C   1 
ATOM   339  O O   . GLU A 1 38  ? 3.589   0.738   8.872   1.00   25.02 ? 185  GLU A O   1 
ATOM   340  C CB  . GLU A 1 38  ? 2.576   2.240   11.621  1.00   30.71 ? 185  GLU A CB  1 
ATOM   341  C CG  . GLU A 1 38  ? 3.101   3.242   12.686  1.00   33.06 ? 185  GLU A CG  1 
ATOM   342  C CD  . GLU A 1 38  ? 2.431   4.614   12.635  1.00   41.09 ? 185  GLU A CD  1 
ATOM   343  O OE1 . GLU A 1 38  ? 3.163   5.614   12.824  1.00   47.40 ? 185  GLU A OE1 1 
ATOM   344  O OE2 . GLU A 1 38  ? 1.197   4.724   12.397  1.00   39.27 ? 185  GLU A OE2 1 
ATOM   345  N N   . THR A 1 39  ? 1.369   1.288   8.848   1.00   26.42 ? 186  THR A N   1 
ATOM   346  C CA  . THR A 1 39  ? 1.003   0.186   7.940   1.00   26.32 ? 186  THR A CA  1 
ATOM   347  C C   . THR A 1 39  ? 1.630   0.421   6.554   1.00   25.75 ? 186  THR A C   1 
ATOM   348  O O   . THR A 1 39  ? 2.242   -0.501  6.008   1.00   25.48 ? 186  THR A O   1 
ATOM   349  C CB  . THR A 1 39  ? -0.510  0.011   7.832   1.00   26.57 ? 186  THR A CB  1 
ATOM   350  O OG1 . THR A 1 39  ? -1.024  -0.373  9.109   1.00   26.58 ? 186  THR A OG1 1 
ATOM   351  C CG2 . THR A 1 39  ? -0.947  -1.042  6.713   1.00   26.40 ? 186  THR A CG2 1 
ATOM   352  N N   . ALA A 1 40  ? 1.458   1.624   6.008   1.00   25.41 ? 187  ALA A N   1 
ATOM   353  C CA  . ALA A 1 40  ? 2.003   1.936   4.667   1.00   25.99 ? 187  ALA A CA  1 
ATOM   354  C C   . ALA A 1 40  ? 3.495   1.785   4.654   1.00   26.29 ? 187  ALA A C   1 
ATOM   355  O O   . ALA A 1 40  ? 4.030   1.229   3.697   1.00   24.83 ? 187  ALA A O   1 
ATOM   356  C CB  . ALA A 1 40  ? 1.629   3.311   4.190   1.00   25.61 ? 187  ALA A CB  1 
ATOM   357  N N   . ASN A 1 41  ? 4.160   2.311   5.705   1.00   27.47 ? 188  ASN A N   1 
ATOM   358  C CA  . ASN A 1 41  ? 5.606   2.155   5.891   1.00   27.98 ? 188  ASN A CA  1 
ATOM   359  C C   . ASN A 1 41  ? 6.115   0.715   5.905   1.00   27.48 ? 188  ASN A C   1 
ATOM   360  O O   . ASN A 1 41  ? 7.175   0.422   5.328   1.00   26.62 ? 188  ASN A O   1 
ATOM   361  C CB  . ASN A 1 41  ? 6.077   2.919   7.150   1.00   30.15 ? 188  ASN A CB  1 
ATOM   362  C CG  . ASN A 1 41  ? 6.114   4.430   6.934   1.00   36.27 ? 188  ASN A CG  1 
ATOM   363  O OD1 . ASN A 1 41  ? 6.199   4.896   5.788   1.00   40.87 ? 188  ASN A OD1 1 
ATOM   364  N ND2 . ASN A 1 41  ? 6.046   5.205   8.028   1.00   40.27 ? 188  ASN A ND2 1 
ATOM   365  N N   . TYR A 1 42  ? 5.385   -0.181  6.584   1.00   26.14 ? 189  TYR A N   1 
ATOM   366  C CA  . TYR A 1 42  ? 5.735   -1.578  6.598   1.00   25.57 ? 189  TYR A CA  1 
ATOM   367  C C   . TYR A 1 42  ? 5.616   -2.205  5.200   1.00   23.94 ? 189  TYR A C   1 
ATOM   368  O O   . TYR A 1 42  ? 6.449   -2.997  4.829   1.00   23.90 ? 189  TYR A O   1 
ATOM   369  C CB  . TYR A 1 42  ? 4.839   -2.373  7.597   1.00   25.70 ? 189  TYR A CB  1 
ATOM   370  C CG  . TYR A 1 42  ? 5.142   -3.862  7.659   1.00   28.49 ? 189  TYR A CG  1 
ATOM   371  C CD1 . TYR A 1 42  ? 5.935   -4.404  8.687   1.00   31.45 ? 189  TYR A CD1 1 
ATOM   372  C CD2 . TYR A 1 42  ? 4.617   -4.734  6.702   1.00   28.13 ? 189  TYR A CD2 1 
ATOM   373  C CE1 . TYR A 1 42  ? 6.184   -5.781  8.742   1.00   32.45 ? 189  TYR A CE1 1 
ATOM   374  C CE2 . TYR A 1 42  ? 4.861   -6.094  6.740   1.00   29.47 ? 189  TYR A CE2 1 
ATOM   375  C CZ  . TYR A 1 42  ? 5.656   -6.607  7.757   1.00   30.18 ? 189  TYR A CZ  1 
ATOM   376  O OH  . TYR A 1 42  ? 5.886   -7.949  7.769   1.00   30.77 ? 189  TYR A OH  1 
ATOM   377  N N   . LEU A 1 43  ? 4.564   -1.837  4.466   1.00   22.93 ? 190  LEU A N   1 
ATOM   378  C CA  . LEU A 1 43  ? 4.260   -2.397  3.146   1.00   21.41 ? 190  LEU A CA  1 
ATOM   379  C C   . LEU A 1 43  ? 5.363   -1.966  2.176   1.00   21.85 ? 190  LEU A C   1 
ATOM   380  O O   . LEU A 1 43  ? 5.859   -2.761  1.374   1.00   19.91 ? 190  LEU A O   1 
ATOM   381  C CB  . LEU A 1 43  ? 2.850   -1.913  2.703   1.00   22.97 ? 190  LEU A CB  1 
ATOM   382  C CG  . LEU A 1 43  ? 1.666   -2.600  3.452   1.00   22.56 ? 190  LEU A CG  1 
ATOM   383  C CD1 . LEU A 1 43  ? 0.298   -1.911  3.209   1.00   24.93 ? 190  LEU A CD1 1 
ATOM   384  C CD2 . LEU A 1 43  ? 1.588   -4.146  3.203   1.00   26.88 ? 190  LEU A CD2 1 
ATOM   385  N N   . VAL A 1 44  ? 5.808   -0.710  2.296   1.00   22.06 ? 191  VAL A N   1 
ATOM   386  C CA  . VAL A 1 44  ? 6.938   -0.273  1.445   1.00   22.73 ? 191  VAL A CA  1 
ATOM   387  C C   . VAL A 1 44  ? 8.191   -1.147  1.646   1.00   23.86 ? 191  VAL A C   1 
ATOM   388  O O   . VAL A 1 44  ? 8.797   -1.636  0.683   1.00   23.15 ? 191  VAL A O   1 
ATOM   389  C CB  . VAL A 1 44  ? 7.230   1.213   1.626   1.00   21.84 ? 191  VAL A CB  1 
ATOM   390  C CG1 . VAL A 1 44  ? 8.514   1.611   0.868   1.00   26.31 ? 191  VAL A CG1 1 
ATOM   391  C CG2 . VAL A 1 44  ? 6.053   2.035   1.131   1.00   23.51 ? 191  VAL A CG2 1 
ATOM   392  N N   . ILE A 1 45  ? 8.604   -1.336  2.894   1.00   23.58 ? 192  ILE A N   1 
ATOM   393  C CA  . ILE A 1 45  ? 9.794   -2.171  3.147   1.00   25.63 ? 192  ILE A CA  1 
ATOM   394  C C   . ILE A 1 45  ? 9.625   -3.564  2.613   1.00   23.93 ? 192  ILE A C   1 
ATOM   395  O O   . ILE A 1 45  ? 10.576  -4.189  2.068   1.00   24.32 ? 192  ILE A O   1 
ATOM   396  C CB  . ILE A 1 45  ? 10.089  -2.370  4.662   1.00   25.68 ? 192  ILE A CB  1 
ATOM   397  C CG1 . ILE A 1 45  ? 10.013  -1.053  5.436   1.00   32.23 ? 192  ILE A CG1 1 
ATOM   398  C CG2 . ILE A 1 45  ? 11.439  -3.157  4.839   1.00   27.56 ? 192  ILE A CG2 1 
ATOM   399  C CD1 . ILE A 1 45  ? 10.701  0.063   4.787   1.00   30.79 ? 192  ILE A CD1 1 
ATOM   400  N N   . TRP A 1 46  ? 8.427   -4.087  2.818   1.00   23.46 ? 193  TRP A N   1 
ATOM   401  C CA  . TRP A 1 46  ? 8.114   -5.468  2.431   1.00   23.55 ? 193  TRP A CA  1 
ATOM   402  C C   . TRP A 1 46  ? 8.236   -5.622  0.908   1.00   23.01 ? 193  TRP A C   1 
ATOM   403  O O   . TRP A 1 46  ? 8.830   -6.591  0.434   1.00   22.23 ? 193  TRP A O   1 
ATOM   404  C CB  . TRP A 1 46  ? 6.749   -5.911  3.013   1.00   23.38 ? 193  TRP A CB  1 
ATOM   405  C CG  . TRP A 1 46  ? 6.400   -7.395  2.789   1.00   23.96 ? 193  TRP A CG  1 
ATOM   406  C CD1 . TRP A 1 46  ? 7.287   -8.450  2.647   1.00   24.62 ? 193  TRP A CD1 1 
ATOM   407  C CD2 . TRP A 1 46  ? 5.084   -7.958  2.722   1.00   24.43 ? 193  TRP A CD2 1 
ATOM   408  N NE1 . TRP A 1 46  ? 6.574   -9.626  2.433   1.00   27.26 ? 193  TRP A NE1 1 
ATOM   409  C CE2 . TRP A 1 46  ? 5.230   -9.356  2.502   1.00   26.34 ? 193  TRP A CE2 1 
ATOM   410  C CE3 . TRP A 1 46  ? 3.794   -7.417  2.829   1.00   25.46 ? 193  TRP A CE3 1 
ATOM   411  C CZ2 . TRP A 1 46  ? 4.132   -10.219 2.366   1.00   27.18 ? 193  TRP A CZ2 1 
ATOM   412  C CZ3 . TRP A 1 46  ? 2.688   -8.274  2.685   1.00   26.69 ? 193  TRP A CZ3 1 
ATOM   413  C CH2 . TRP A 1 46  ? 2.866   -9.660  2.469   1.00   25.56 ? 193  TRP A CH2 1 
ATOM   414  N N   . CYS A 1 47  ? 7.764   -4.621  0.165   1.00   21.78 ? 194  CYS A N   1 
ATOM   415  C CA  . CYS A 1 47  ? 7.906   -4.596  -1.303  1.00   22.12 ? 194  CYS A CA  1 
ATOM   416  C C   . CYS A 1 47  ? 9.376   -4.713  -1.728  1.00   21.12 ? 194  CYS A C   1 
ATOM   417  O O   . CYS A 1 47  ? 9.744   -5.481  -2.636  1.00   19.87 ? 194  CYS A O   1 
ATOM   418  C CB  . CYS A 1 47  ? 7.290   -3.282  -1.871  1.00   22.04 ? 194  CYS A CB  1 
ATOM   419  S SG  . CYS A 1 47  ? 5.468   -3.307  -1.882  1.00   24.88 ? 194  CYS A SG  1 
ATOM   420  N N   . ILE A 1 48  ? 10.209  -3.950  -1.048  1.00   22.26 ? 195  ILE A N   1 
ATOM   421  C CA  . ILE A 1 48  ? 11.641  -3.871  -1.373  1.00   23.48 ? 195  ILE A CA  1 
ATOM   422  C C   . ILE A 1 48  ? 12.266  -5.237  -1.024  1.00   24.21 ? 195  ILE A C   1 
ATOM   423  O O   . ILE A 1 48  ? 12.991  -5.790  -1.831  1.00   24.54 ? 195  ILE A O   1 
ATOM   424  C CB  . ILE A 1 48  ? 12.339  -2.691  -0.637  1.00   24.05 ? 195  ILE A CB  1 
ATOM   425  C CG1 . ILE A 1 48  ? 11.723  -1.338  -1.039  1.00   24.37 ? 195  ILE A CG1 1 
ATOM   426  C CG2 . ILE A 1 48  ? 13.840  -2.647  -0.964  1.00   25.02 ? 195  ILE A CG2 1 
ATOM   427  C CD1 . ILE A 1 48  ? 12.185  -0.121  -0.162  1.00   24.00 ? 195  ILE A CD1 1 
ATOM   428  N N   . ASP A 1 49  ? 11.939  -5.767  0.166   1.00   26.77 ? 196  ASP A N   1 
ATOM   429  C CA  . ASP A 1 49  ? 12.330  -7.133  0.593   1.00   28.06 ? 196  ASP A CA  1 
ATOM   430  C C   . ASP A 1 49  ? 11.951  -8.173  -0.497  1.00   27.76 ? 196  ASP A C   1 
ATOM   431  O O   . ASP A 1 49  ? 12.796  -8.951  -0.936  1.00   28.26 ? 196  ASP A O   1 
ATOM   432  C CB  . ASP A 1 49  ? 11.687  -7.501  1.946   1.00   29.49 ? 196  ASP A CB  1 
ATOM   433  C CG  . ASP A 1 49  ? 12.244  -6.703  3.136   1.00   35.01 ? 196  ASP A CG  1 
ATOM   434  O OD1 . ASP A 1 49  ? 13.251  -5.965  3.002   1.00   40.10 ? 196  ASP A OD1 1 
ATOM   435  O OD2 . ASP A 1 49  ? 11.638  -6.812  4.232   1.00   41.62 ? 196  ASP A OD2 1 
ATOM   436  N N   . LEU A 1 50  ? 10.700  -8.147  -0.971  1.00   27.68 ? 197  LEU A N   1 
ATOM   437  C CA  . LEU A 1 50  ? 10.249  -9.135  -1.955  1.00   27.07 ? 197  LEU A CA  1 
ATOM   438  C C   . LEU A 1 50  ? 10.975  -8.998  -3.288  1.00   27.41 ? 197  LEU A C   1 
ATOM   439  O O   . LEU A 1 50  ? 11.386  -10.008 -3.894  1.00   26.65 ? 197  LEU A O   1 
ATOM   440  C CB  . LEU A 1 50  ? 8.744   -9.051  -2.164  1.00   26.59 ? 197  LEU A CB  1 
ATOM   441  C CG  . LEU A 1 50  ? 7.878   -9.533  -0.991  1.00   26.50 ? 197  LEU A CG  1 
ATOM   442  C CD1 . LEU A 1 50  ? 6.440   -9.011  -1.134  1.00   24.07 ? 197  LEU A CD1 1 
ATOM   443  C CD2 . LEU A 1 50  ? 7.933   -11.102 -0.869  1.00   24.26 ? 197  LEU A CD2 1 
ATOM   444  N N   . GLU A 1 51  ? 11.160  -7.746  -3.727  1.00   26.08 ? 198  GLU A N   1 
ATOM   445  C CA  . GLU A 1 51  ? 11.852  -7.480  -4.990  1.00   27.47 ? 198  GLU A CA  1 
ATOM   446  C C   . GLU A 1 51  ? 13.303  -7.975  -4.933  1.00   27.70 ? 198  GLU A C   1 
ATOM   447  O O   . GLU A 1 51  ? 13.800  -8.536  -5.898  1.00   28.21 ? 198  GLU A O   1 
ATOM   448  C CB  . GLU A 1 51  ? 11.828  -5.984  -5.342  1.00   26.38 ? 198  GLU A CB  1 
ATOM   449  C CG  . GLU A 1 51  ? 12.554  -5.593  -6.616  1.00   27.37 ? 198  GLU A CG  1 
ATOM   450  C CD  . GLU A 1 51  ? 12.078  -6.283  -7.909  1.00   31.75 ? 198  GLU A CD  1 
ATOM   451  O OE1 . GLU A 1 51  ? 10.914  -6.752  -8.023  1.00   29.16 ? 198  GLU A OE1 1 
ATOM   452  O OE2 . GLU A 1 51  ? 12.928  -6.343  -8.829  1.00   35.30 ? 198  GLU A OE2 1 
ATOM   453  N N   . VAL A 1 52  ? 13.980  -7.700  -3.838  1.00   29.86 ? 199  VAL A N   1 
ATOM   454  C CA  . VAL A 1 52  ? 15.404  -8.105  -3.695  1.00   32.77 ? 199  VAL A CA  1 
ATOM   455  C C   . VAL A 1 52  ? 15.547  -9.631  -3.758  1.00   33.91 ? 199  VAL A C   1 
ATOM   456  O O   . VAL A 1 52  ? 16.470  -10.158 -4.399  1.00   34.99 ? 199  VAL A O   1 
ATOM   457  C CB  . VAL A 1 52  ? 16.022  -7.535  -2.400  1.00   32.34 ? 199  VAL A CB  1 
ATOM   458  C CG1 . VAL A 1 52  ? 17.078  -8.467  -1.808  1.00   34.81 ? 199  VAL A CG1 1 
ATOM   459  C CG2 . VAL A 1 52  ? 16.627  -6.192  -2.663  1.00   33.16 ? 199  VAL A CG2 1 
ATOM   460  N N   . GLU A 1 53  ? 14.612  -10.325 -3.121  1.00   34.91 ? 200  GLU A N   1 
ATOM   461  C CA  . GLU A 1 53  ? 14.535  -11.787 -3.145  1.00   37.49 ? 200  GLU A CA  1 
ATOM   462  C C   . GLU A 1 53  ? 13.967  -12.365 -4.441  1.00   37.01 ? 200  GLU A C   1 
ATOM   463  O O   . GLU A 1 53  ? 13.709  -13.567 -4.507  1.00   38.04 ? 200  GLU A O   1 
ATOM   464  C CB  . GLU A 1 53  ? 13.700  -12.304 -1.968  1.00   37.20 ? 200  GLU A CB  1 
ATOM   465  C CG  . GLU A 1 53  ? 14.195  -11.997 -0.562  1.00   39.81 ? 200  GLU A CG  1 
ATOM   466  C CD  . GLU A 1 53  ? 13.189  -12.403 0.508   1.00   40.88 ? 200  GLU A CD  1 
ATOM   467  O OE1 . GLU A 1 53  ? 13.316  -11.947 1.680   1.00   47.42 ? 200  GLU A OE1 1 
ATOM   468  O OE2 . GLU A 1 53  ? 12.266  -13.191 0.202   1.00   45.31 ? 200  GLU A OE2 1 
ATOM   469  N N   . GLU A 1 54  ? 13.756  -11.520 -5.459  1.00   36.67 ? 201  GLU A N   1 
ATOM   470  C CA  . GLU A 1 54  ? 13.273  -11.929 -6.790  1.00   36.16 ? 201  GLU A CA  1 
ATOM   471  C C   . GLU A 1 54  ? 11.836  -12.469 -6.768  1.00   35.22 ? 201  GLU A C   1 
ATOM   472  O O   . GLU A 1 54  ? 11.422  -13.198 -7.666  1.00   35.01 ? 201  GLU A O   1 
ATOM   473  C CB  . GLU A 1 54  ? 14.247  -12.936 -7.485  1.00   35.75 ? 201  GLU A CB  1 
ATOM   474  C CG  . GLU A 1 54  ? 15.574  -12.316 -7.917  1.00   37.03 ? 201  GLU A CG  1 
ATOM   475  C CD  . GLU A 1 54  ? 16.462  -13.263 -8.729  1.00   39.16 ? 201  GLU A CD  1 
ATOM   476  O OE1 . GLU A 1 54  ? 15.959  -14.254 -9.311  1.00   43.60 ? 201  GLU A OE1 1 
ATOM   477  O OE2 . GLU A 1 54  ? 17.677  -13.001 -8.785  1.00   45.38 ? 201  GLU A OE2 1 
ATOM   478  N N   . LYS A 1 55  ? 11.069  -12.070 -5.750  1.00   34.75 ? 202  LYS A N   1 
ATOM   479  C CA  . LYS A 1 55  ? 9.639   -12.391 -5.672  1.00   32.86 ? 202  LYS A CA  1 
ATOM   480  C C   . LYS A 1 55  ? 8.844   -11.240 -6.243  1.00   31.48 ? 202  LYS A C   1 
ATOM   481  O O   . LYS A 1 55  ? 8.038   -10.611 -5.563  1.00   28.64 ? 202  LYS A O   1 
ATOM   482  C CB  . LYS A 1 55  ? 9.223   -12.709 -4.247  1.00   33.05 ? 202  LYS A CB  1 
ATOM   483  C CG  . LYS A 1 55  ? 10.025  -13.905 -3.678  1.00   34.56 ? 202  LYS A CG  1 
ATOM   484  C CD  . LYS A 1 55  ? 9.581   -14.236 -2.276  1.00   37.70 ? 202  LYS A CD  1 
ATOM   485  C CE  . LYS A 1 55  ? 10.102  -15.621 -1.892  1.00   42.29 ? 202  LYS A CE  1 
ATOM   486  N NZ  . LYS A 1 55  ? 9.883   -15.825 -0.445  1.00   45.29 ? 202  LYS A NZ  1 
ATOM   487  N N   . CYS A 1 56  ? 9.110   -11.014 -7.520  1.00   31.38 ? 203  CYS A N   1 
ATOM   488  C CA  . CYS A 1 56  ? 8.672   -9.851  -8.271  1.00   30.26 ? 203  CYS A CA  1 
ATOM   489  C C   . CYS A 1 56  ? 7.169   -9.884  -8.457  1.00   27.74 ? 203  CYS A C   1 
ATOM   490  O O   . CYS A 1 56  ? 6.525   -8.845  -8.374  1.00   26.56 ? 203  CYS A O   1 
ATOM   491  C CB  . CYS A 1 56  ? 9.317   -9.864  -9.665  1.00   31.88 ? 203  CYS A CB  1 
ATOM   492  S SG  . CYS A 1 56  ? 11.114  -9.797  -9.619  1.00   35.09 ? 203  CYS A SG  1 
ATOM   493  N N   . ALA A 1 57  ? 6.628   -11.075 -8.739  1.00   25.77 ? 204  ALA A N   1 
ATOM   494  C CA  . ALA A 1 57  ? 5.174   -11.222 -8.898  1.00   25.43 ? 204  ALA A CA  1 
ATOM   495  C C   . ALA A 1 57  ? 4.477   -10.856 -7.588  1.00   23.87 ? 204  ALA A C   1 
ATOM   496  O O   . ALA A 1 57  ? 3.518   -10.090 -7.572  1.00   23.16 ? 204  ALA A O   1 
ATOM   497  C CB  . ALA A 1 57  ? 4.793   -12.638 -9.360  1.00   25.89 ? 204  ALA A CB  1 
ATOM   498  N N   . LEU A 1 58  ? 4.985   -11.355 -6.470  1.00   22.55 ? 205  LEU A N   1 
ATOM   499  C CA  . LEU A 1 58  ? 4.337   -11.001 -5.193  1.00   23.10 ? 205  LEU A CA  1 
ATOM   500  C C   . LEU A 1 58  ? 4.592   -9.521  -4.851  1.00   22.22 ? 205  LEU A C   1 
ATOM   501  O O   . LEU A 1 58  ? 3.716   -8.846  -4.333  1.00   22.48 ? 205  LEU A O   1 
ATOM   502  C CB  . LEU A 1 58  ? 4.809   -11.930 -4.040  1.00   23.50 ? 205  LEU A CB  1 
ATOM   503  C CG  . LEU A 1 58  ? 4.035   -11.737 -2.718  1.00   23.46 ? 205  LEU A CG  1 
ATOM   504  C CD1 . LEU A 1 58  ? 2.511   -11.763 -2.873  1.00   22.03 ? 205  LEU A CD1 1 
ATOM   505  C CD2 . LEU A 1 58  ? 4.533   -12.758 -1.721  1.00   23.46 ? 205  LEU A CD2 1 
ATOM   506  N N   . MET A 1 59  ? 5.775   -9.003  -5.165  1.00   21.55 ? 206  MET A N   1 
ATOM   507  C CA  . MET A 1 59  ? 5.995   -7.575  -4.903  1.00   23.10 ? 206  MET A CA  1 
ATOM   508  C C   . MET A 1 59  ? 4.898   -6.701  -5.605  1.00   21.52 ? 206  MET A C   1 
ATOM   509  O O   . MET A 1 59  ? 4.412   -5.766  -5.040  1.00   20.11 ? 206  MET A O   1 
ATOM   510  C CB  . MET A 1 59  ? 7.384   -7.132  -5.340  1.00   21.03 ? 206  MET A CB  1 
ATOM   511  C CG  . MET A 1 59  ? 7.633   -5.626  -5.100  1.00   23.37 ? 206  MET A CG  1 
ATOM   512  S SD  . MET A 1 59  ? 6.986   -4.453  -6.384  1.00   25.06 ? 206  MET A SD  1 
ATOM   513  C CE  . MET A 1 59  ? 8.224   -4.578  -7.677  1.00   31.17 ? 206  MET A CE  1 
ATOM   514  N N   . GLU A 1 60  ? 4.537   -7.058  -6.836  1.00   22.35 ? 207  GLU A N   1 
ATOM   515  C CA  . GLU A 1 60  ? 3.562   -6.273  -7.590  1.00   23.44 ? 207  GLU A CA  1 
ATOM   516  C C   . GLU A 1 60  ? 2.192   -6.274  -6.897  1.00   21.44 ? 207  GLU A C   1 
ATOM   517  O O   . GLU A 1 60  ? 1.499   -5.228  -6.887  1.00   20.39 ? 207  GLU A O   1 
ATOM   518  C CB  . GLU A 1 60  ? 3.439   -6.796  -9.021  1.00   25.72 ? 207  GLU A CB  1 
ATOM   519  C CG  . GLU A 1 60  ? 4.664   -6.434  -9.881  1.00   30.57 ? 207  GLU A CG  1 
ATOM   520  C CD  . GLU A 1 60  ? 4.355   -6.485  -11.373 1.00   38.96 ? 207  GLU A CD  1 
ATOM   521  O OE1 . GLU A 1 60  ? 3.481   -5.704  -11.860 1.00   43.20 ? 207  GLU A OE1 1 
ATOM   522  O OE2 . GLU A 1 60  ? 5.011   -7.295  -12.058 1.00   41.05 ? 207  GLU A OE2 1 
ATOM   523  N N   A GLN A 1 61  ? 1.845   -7.430  -6.316  0.50   21.15 ? 208  GLN A N   1 
ATOM   524  N N   B GLN A 1 61  ? 1.790   -7.415  -6.324  0.50   21.64 ? 208  GLN A N   1 
ATOM   525  C CA  A GLN A 1 61  ? 0.599   -7.618  -5.568  0.50   20.83 ? 208  GLN A CA  1 
ATOM   526  C CA  B GLN A 1 61  ? 0.516   -7.445  -5.596  0.50   21.84 ? 208  GLN A CA  1 
ATOM   527  C C   A GLN A 1 61  ? 0.554   -6.719  -4.318  0.50   20.65 ? 208  GLN A C   1 
ATOM   528  C C   B GLN A 1 61  ? 0.596   -6.562  -4.347  0.50   21.01 ? 208  GLN A C   1 
ATOM   529  O O   A GLN A 1 61  ? -0.436  -6.004  -4.062  0.50   20.50 ? 208  GLN A O   1 
ATOM   530  O O   B GLN A 1 61  ? -0.288  -5.726  -4.092  0.50   20.61 ? 208  GLN A O   1 
ATOM   531  C CB  A GLN A 1 61  ? 0.419   -9.100  -5.178  0.50   20.17 ? 208  GLN A CB  1 
ATOM   532  C CB  B GLN A 1 61  ? 0.094   -8.852  -5.161  0.50   21.71 ? 208  GLN A CB  1 
ATOM   533  C CG  A GLN A 1 61  ? 0.373   -10.034 -6.380  0.50   20.34 ? 208  GLN A CG  1 
ATOM   534  C CG  B GLN A 1 61  ? -1.445  -8.982  -5.061  0.50   24.56 ? 208  GLN A CG  1 
ATOM   535  C CD  A GLN A 1 61  ? -0.465  -9.473  -7.506  0.50   20.25 ? 208  GLN A CD  1 
ATOM   536  C CD  B GLN A 1 61  ? -2.179  -7.880  -4.237  0.50   24.03 ? 208  GLN A CD  1 
ATOM   537  O OE1 A GLN A 1 61  ? -1.596  -9.093  -7.298  0.50   15.90 ? 208  GLN A OE1 1 
ATOM   538  O OE1 B GLN A 1 61  ? -2.801  -6.902  -4.778  0.50   19.84 ? 208  GLN A OE1 1 
ATOM   539  N NE2 A GLN A 1 61  ? 0.122   -9.359  -8.703  0.50   21.08 ? 208  GLN A NE2 1 
ATOM   540  N NE2 B GLN A 1 61  ? -2.154  -8.068  -2.908  0.50   22.79 ? 208  GLN A NE2 1 
ATOM   541  N N   . VAL A 1 62  ? 1.636   -6.779  -3.558  1.00   20.87 ? 209  VAL A N   1 
ATOM   542  C CA  . VAL A 1 62  ? 1.804   -5.984  -2.324  1.00   20.42 ? 209  VAL A CA  1 
ATOM   543  C C   . VAL A 1 62  ? 1.905   -4.477  -2.666  1.00   19.96 ? 209  VAL A C   1 
ATOM   544  O O   . VAL A 1 62  ? 1.362   -3.603  -1.963  1.00   20.65 ? 209  VAL A O   1 
ATOM   545  C CB  . VAL A 1 62  ? 3.032   -6.474  -1.501  1.00   21.48 ? 209  VAL A CB  1 
ATOM   546  C CG1 . VAL A 1 62  ? 3.206   -5.558  -0.261  1.00   19.62 ? 209  VAL A CG1 1 
ATOM   547  C CG2 . VAL A 1 62  ? 2.821   -7.936  -1.027  1.00   20.43 ? 209  VAL A CG2 1 
ATOM   548  N N   . ALA A 1 63  ? 2.584   -4.169  -3.768  1.00   21.18 ? 210  ALA A N   1 
ATOM   549  C CA  . ALA A 1 63  ? 2.707   -2.769  -4.175  1.00   19.20 ? 210  ALA A CA  1 
ATOM   550  C C   . ALA A 1 63  ? 1.339   -2.158  -4.406  1.00   18.73 ? 210  ALA A C   1 
ATOM   551  O O   . ALA A 1 63  ? 1.128   -1.016  -4.040  1.00   18.62 ? 210  ALA A O   1 
ATOM   552  C CB  . ALA A 1 63  ? 3.581   -2.615  -5.426  1.00   19.20 ? 210  ALA A CB  1 
ATOM   553  N N   . HIS A 1 64  ? 0.411   -2.907  -5.020  1.00   19.09 ? 211  HIS A N   1 
ATOM   554  C CA  . HIS A 1 64  ? -0.990  -2.406  -5.262  1.00   19.35 ? 211  HIS A CA  1 
ATOM   555  C C   . HIS A 1 64  ? -1.593  -1.919  -3.909  1.00   19.53 ? 211  HIS A C   1 
ATOM   556  O O   . HIS A 1 64  ? -2.105  -0.815  -3.781  1.00   17.16 ? 211  HIS A O   1 
ATOM   557  C CB  . HIS A 1 64  ? -1.875  -3.499  -5.933  1.00   20.35 ? 211  HIS A CB  1 
ATOM   558  C CG  . HIS A 1 64  ? -3.300  -3.074  -6.224  1.00   20.49 ? 211  HIS A CG  1 
ATOM   559  N ND1 . HIS A 1 64  ? -4.307  -3.047  -5.269  1.00   21.17 ? 211  HIS A ND1 1 
ATOM   560  C CD2 . HIS A 1 64  ? -3.873  -2.657  -7.384  1.00   19.50 ? 211  HIS A CD2 1 
ATOM   561  C CE1 . HIS A 1 64  ? -5.432  -2.624  -5.828  1.00   20.70 ? 211  HIS A CE1 1 
ATOM   562  N NE2 . HIS A 1 64  ? -5.195  -2.373  -7.111  1.00   17.72 ? 211  HIS A NE2 1 
ATOM   563  N N   . GLN A 1 65  ? -1.467  -2.752  -2.889  1.00   18.73 ? 212  GLN A N   1 
ATOM   564  C CA  . GLN A 1 65  ? -2.045  -2.472  -1.568  1.00   18.83 ? 212  GLN A CA  1 
ATOM   565  C C   . GLN A 1 65  ? -1.335  -1.348  -0.829  1.00   18.70 ? 212  GLN A C   1 
ATOM   566  O O   . GLN A 1 65  ? -1.955  -0.582  -0.083  1.00   18.62 ? 212  GLN A O   1 
ATOM   567  C CB  . GLN A 1 65  ? -2.036  -3.772  -0.759  1.00   16.53 ? 212  GLN A CB  1 
ATOM   568  C CG  . GLN A 1 65  ? -2.945  -4.851  -1.454  1.00   19.41 ? 212  GLN A CG  1 
ATOM   569  C CD  . GLN A 1 65  ? -4.393  -4.379  -1.576  1.00   20.29 ? 212  GLN A CD  1 
ATOM   570  O OE1 . GLN A 1 65  ? -4.815  -3.843  -2.623  1.00   22.57 ? 212  GLN A OE1 1 
ATOM   571  N NE2 . GLN A 1 65  ? -5.140  -4.524  -0.521  1.00   18.45 ? 212  GLN A NE2 1 
ATOM   572  N N   . THR A 1 66  ? -0.029  -1.261  -1.069  1.00   19.63 ? 213  THR A N   1 
ATOM   573  C CA  . THR A 1 66  ? 0.816   -0.162  -0.567  1.00   20.52 ? 213  THR A CA  1 
ATOM   574  C C   . THR A 1 66  ? 0.274   1.177   -1.066  1.00   20.80 ? 213  THR A C   1 
ATOM   575  O O   . THR A 1 66  ? 0.090   2.093   -0.276  1.00   19.79 ? 213  THR A O   1 
ATOM   576  C CB  . THR A 1 66  ? 2.289   -0.318  -0.951  1.00   20.79 ? 213  THR A CB  1 
ATOM   577  O OG1 . THR A 1 66  ? 2.766   -1.613  -0.544  1.00   22.06 ? 213  THR A OG1 1 
ATOM   578  C CG2 . THR A 1 66  ? 3.188   0.830   -0.308  1.00   19.94 ? 213  THR A CG2 1 
ATOM   579  N N   . ILE A 1 67  ? -0.023  1.258   -2.365  1.00   20.05 ? 214  ILE A N   1 
ATOM   580  C CA  . ILE A 1 67  ? -0.537  2.504   -2.949  1.00   21.40 ? 214  ILE A CA  1 
ATOM   581  C C   . ILE A 1 67  ? -1.963  2.810   -2.527  1.00   21.13 ? 214  ILE A C   1 
ATOM   582  O O   . ILE A 1 67  ? -2.311  3.955   -2.289  1.00   22.12 ? 214  ILE A O   1 
ATOM   583  C CB  . ILE A 1 67  ? -0.309  2.535   -4.487  1.00   21.60 ? 214  ILE A CB  1 
ATOM   584  C CG1 . ILE A 1 67  ? 1.189   2.373   -4.802  1.00   21.90 ? 214  ILE A CG1 1 
ATOM   585  C CG2 . ILE A 1 67  ? -0.914  3.849   -5.117  1.00   21.16 ? 214  ILE A CG2 1 
ATOM   586  C CD1 . ILE A 1 67  ? 2.158   3.455   -4.205  1.00   24.13 ? 214  ILE A CD1 1 
ATOM   587  N N   . VAL A 1 68  ? -2.804  1.769   -2.416  1.00   21.48 ? 215  VAL A N   1 
ATOM   588  C CA  . VAL A 1 68  ? -4.104  1.935   -1.762  1.00   21.62 ? 215  VAL A CA  1 
ATOM   589  C C   . VAL A 1 68  ? -3.968  2.659   -0.432  1.00   21.10 ? 215  VAL A C   1 
ATOM   590  O O   . VAL A 1 68  ? -4.658  3.656   -0.198  1.00   21.27 ? 215  VAL A O   1 
ATOM   591  C CB  . VAL A 1 68  ? -4.838  0.581   -1.582  1.00   20.14 ? 215  VAL A CB  1 
ATOM   592  C CG1 . VAL A 1 68  ? -6.022  0.744   -0.707  1.00   20.79 ? 215  VAL A CG1 1 
ATOM   593  C CG2 . VAL A 1 68  ? -5.286  -0.014  -3.013  1.00   20.39 ? 215  VAL A CG2 1 
ATOM   594  N N   . MET A 1 69  ? -3.120  2.156   0.473   1.00   21.85 ? 216  MET A N   1 
ATOM   595  C CA  . MET A 1 69  ? -3.000  2.817   1.768   1.00   21.33 ? 216  MET A CA  1 
ATOM   596  C C   . MET A 1 69  ? -2.417  4.235   1.628   1.00   21.65 ? 216  MET A C   1 
ATOM   597  O O   . MET A 1 69  ? -2.900  5.175   2.270   1.00   22.18 ? 216  MET A O   1 
ATOM   598  C CB  . MET A 1 69  ? -2.158  1.967   2.741   1.00   22.11 ? 216  MET A CB  1 
ATOM   599  C CG  . MET A 1 69  ? -2.147  2.459   4.192   1.00   23.47 ? 216  MET A CG  1 
ATOM   600  S SD  . MET A 1 69  ? -3.785  2.532   4.953   1.00   26.76 ? 216  MET A SD  1 
ATOM   601  C CE  . MET A 1 69  ? -4.231  0.793   5.028   1.00   21.90 ? 216  MET A CE  1 
ATOM   602  N N   . GLN A 1 70  ? -1.461  4.422   0.730   1.00   22.18 ? 217  GLN A N   1 
ATOM   603  C CA  . GLN A 1 70  ? -0.878  5.785   0.584   1.00   23.44 ? 217  GLN A CA  1 
ATOM   604  C C   . GLN A 1 70  ? -1.921  6.806   0.090   1.00   23.23 ? 217  GLN A C   1 
ATOM   605  O O   . GLN A 1 70  ? -2.026  7.932   0.600   1.00   24.13 ? 217  GLN A O   1 
ATOM   606  C CB  . GLN A 1 70  ? 0.378   5.725   -0.276  1.00   22.81 ? 217  GLN A CB  1 
ATOM   607  C CG  . GLN A 1 70  ? 1.510   4.967   0.468   1.00   27.73 ? 217  GLN A CG  1 
ATOM   608  C CD  . GLN A 1 70  ? 2.862   5.172   -0.165  1.00   30.19 ? 217  GLN A CD  1 
ATOM   609  O OE1 . GLN A 1 70  ? 2.944   5.612   -1.320  1.00   28.67 ? 217  GLN A OE1 1 
ATOM   610  N NE2 . GLN A 1 70  ? 3.936   4.873   0.591   1.00   29.65 ? 217  GLN A NE2 1 
ATOM   611  N N   . PHE A 1 71  ? -2.714  6.386   -0.888  1.00   23.81 ? 218  PHE A N   1 
ATOM   612  C CA  . PHE A 1 71  ? -3.840  7.162   -1.390  1.00   23.65 ? 218  PHE A CA  1 
ATOM   613  C C   . PHE A 1 71  ? -4.880  7.532   -0.355  1.00   24.20 ? 218  PHE A C   1 
ATOM   614  O O   . PHE A 1 71  ? -5.321  8.698   -0.306  1.00   25.86 ? 218  PHE A O   1 
ATOM   615  C CB  . PHE A 1 71  ? -4.479  6.495   -2.624  1.00   24.44 ? 218  PHE A CB  1 
ATOM   616  C CG  . PHE A 1 71  ? -3.906  6.987   -3.925  1.00   25.55 ? 218  PHE A CG  1 
ATOM   617  C CD1 . PHE A 1 71  ? -2.556  6.828   -4.209  1.00   25.04 ? 218  PHE A CD1 1 
ATOM   618  C CD2 . PHE A 1 71  ? -4.734  7.592   -4.875  1.00   25.45 ? 218  PHE A CD2 1 
ATOM   619  C CE1 . PHE A 1 71  ? -2.027  7.253   -5.424  1.00   28.52 ? 218  PHE A CE1 1 
ATOM   620  C CE2 . PHE A 1 71  ? -4.223  8.042   -6.077  1.00   27.12 ? 218  PHE A CE2 1 
ATOM   621  C CZ  . PHE A 1 71  ? -2.865  7.870   -6.366  1.00   28.26 ? 218  PHE A CZ  1 
ATOM   622  N N   . ILE A 1 72  ? -5.274  6.552   0.475   1.00   24.32 ? 219  ILE A N   1 
ATOM   623  C CA  . ILE A 1 72  ? -6.113  6.787   1.645   1.00   24.89 ? 219  ILE A CA  1 
ATOM   624  C C   . ILE A 1 72  ? -5.498  7.867   2.546   1.00   25.65 ? 219  ILE A C   1 
ATOM   625  O O   . ILE A 1 72  ? -6.178  8.820   2.936   1.00   25.13 ? 219  ILE A O   1 
ATOM   626  C CB  . ILE A 1 72  ? -6.359  5.449   2.440   1.00   23.84 ? 219  ILE A CB  1 
ATOM   627  C CG1 . ILE A 1 72  ? -7.289  4.512   1.631   1.00   24.45 ? 219  ILE A CG1 1 
ATOM   628  C CG2 . ILE A 1 72  ? -6.979  5.746   3.826   1.00   26.37 ? 219  ILE A CG2 1 
ATOM   629  C CD1 . ILE A 1 72  ? -7.406  3.075   2.230   1.00   24.86 ? 219  ILE A CD1 1 
ATOM   630  N N   . LEU A 1 73  ? -4.217  7.726   2.870   1.00   25.62 ? 220  LEU A N   1 
ATOM   631  C CA  . LEU A 1 73  ? -3.616  8.624   3.840   1.00   27.59 ? 220  LEU A CA  1 
ATOM   632  C C   . LEU A 1 73  ? -3.514  10.040  3.260   1.00   28.25 ? 220  LEU A C   1 
ATOM   633  O O   . LEU A 1 73  ? -3.790  11.045  3.972   1.00   29.12 ? 220  LEU A O   1 
ATOM   634  C CB  . LEU A 1 73  ? -2.260  8.076   4.320   1.00   27.32 ? 220  LEU A CB  1 
ATOM   635  C CG  . LEU A 1 73  ? -2.248  6.700   4.991   1.00   27.30 ? 220  LEU A CG  1 
ATOM   636  C CD1 . LEU A 1 73  ? -0.861  6.246   5.232   1.00   27.39 ? 220  LEU A CD1 1 
ATOM   637  C CD2 . LEU A 1 73  ? -3.070  6.712   6.295   1.00   31.67 ? 220  LEU A CD2 1 
ATOM   638  N N   . GLU A 1 74  ? -3.169  10.107  1.974   1.00   28.48 ? 221  GLU A N   1 
ATOM   639  C CA  . GLU A 1 74  ? -3.138  11.363  1.210   1.00   30.13 ? 221  GLU A CA  1 
ATOM   640  C C   . GLU A 1 74  ? -4.524  12.029  1.110   1.00   30.34 ? 221  GLU A C   1 
ATOM   641  O O   . GLU A 1 74  ? -4.658  13.246  1.313   1.00   31.00 ? 221  GLU A O   1 
ATOM   642  C CB  . GLU A 1 74  ? -2.517  11.151  -0.177  1.00   29.96 ? 221  GLU A CB  1 
ATOM   643  C CG  . GLU A 1 74  ? -2.475  12.433  -1.078  1.00   31.69 ? 221  GLU A CG  1 
ATOM   644  C CD  . GLU A 1 74  ? -1.891  12.193  -2.460  0.10   30.50 ? 221  GLU A CD  1 
ATOM   645  O OE1 . GLU A 1 74  ? -2.490  12.681  -3.445  0.10   31.14 ? 221  GLU A OE1 1 
ATOM   646  O OE2 . GLU A 1 74  ? -0.836  11.530  -2.568  0.10   30.04 ? 221  GLU A OE2 1 
ATOM   647  N N   . LEU A 1 75  ? -5.550  11.245  0.816   1.00   30.43 ? 222  LEU A N   1 
ATOM   648  C CA  . LEU A 1 75  ? -6.925  11.745  0.771   1.00   31.63 ? 222  LEU A CA  1 
ATOM   649  C C   . LEU A 1 75  ? -7.319  12.427  2.077   1.00   32.57 ? 222  LEU A C   1 
ATOM   650  O O   . LEU A 1 75  ? -7.922  13.500  2.050   1.00   33.44 ? 222  LEU A O   1 
ATOM   651  C CB  . LEU A 1 75  ? -7.922  10.602  0.449   1.00   30.85 ? 222  LEU A CB  1 
ATOM   652  C CG  . LEU A 1 75  ? -9.415  10.963  0.417   1.00   32.68 ? 222  LEU A CG  1 
ATOM   653  C CD1 . LEU A 1 75  ? -9.648  12.098  -0.578  1.00   33.70 ? 222  LEU A CD1 1 
ATOM   654  C CD2 . LEU A 1 75  ? -10.315 9.735   0.109   1.00   31.52 ? 222  LEU A CD2 1 
ATOM   655  N N   . ALA A 1 76  ? -7.015  11.767  3.193   1.00   32.68 ? 223  ALA A N   1 
ATOM   656  C CA  . ALA A 1 76  ? -7.256  12.282  4.540   1.00   34.47 ? 223  ALA A CA  1 
ATOM   657  C C   . ALA A 1 76  ? -6.567  13.618  4.819   1.00   36.48 ? 223  ALA A C   1 
ATOM   658  O O   . ALA A 1 76  ? -7.222  14.555  5.284   1.00   37.85 ? 223  ALA A O   1 
ATOM   659  C CB  . ALA A 1 76  ? -6.855  11.221  5.586   1.00   32.13 ? 223  ALA A CB  1 
ATOM   660  N N   . LYS A 1 77  ? -5.264  13.705  4.538   1.00   37.58 ? 224  LYS A N   1 
ATOM   661  C CA  . LYS A 1 77  ? -4.512  14.983  4.550   1.00   40.53 ? 224  LYS A CA  1 
ATOM   662  C C   . LYS A 1 77  ? -5.168  16.068  3.672   1.00   40.91 ? 224  LYS A C   1 
ATOM   663  O O   . LYS A 1 77  ? -5.194  17.249  4.064   1.00   41.68 ? 224  LYS A O   1 
ATOM   664  C CB  . LYS A 1 77  ? -3.038  14.782  4.116   1.00   39.68 ? 224  LYS A CB  1 
ATOM   665  C CG  . LYS A 1 77  ? -2.230  13.815  4.977   1.00   42.65 ? 224  LYS A CG  1 
ATOM   666  C CD  . LYS A 1 77  ? -0.985  13.230  4.216   1.00   42.32 ? 224  LYS A CD  1 
ATOM   667  C CE  . LYS A 1 77  ? -0.398  11.953  4.900   1.00   44.05 ? 224  LYS A CE  1 
ATOM   668  N NZ  . LYS A 1 77  ? 0.384   11.020  3.968   1.00   45.78 ? 224  LYS A NZ  1 
ATOM   669  N N   . SER A 1 78  ? -5.666  15.671  2.494   1.00   41.41 ? 225  SER A N   1 
ATOM   670  C CA  . SER A 1 78  ? -6.425  16.553  1.589   1.00   43.10 ? 225  SER A CA  1 
ATOM   671  C C   . SER A 1 78  ? -7.654  17.228  2.195   1.00   43.82 ? 225  SER A C   1 
ATOM   672  O O   . SER A 1 78  ? -7.952  18.387  1.889   1.00   42.44 ? 225  SER A O   1 
ATOM   673  C CB  . SER A 1 78  ? -6.936  15.777  0.392   1.00   42.94 ? 225  SER A CB  1 
ATOM   674  O OG  . SER A 1 78  ? -6.332  16.251  -0.777  1.00   46.21 ? 225  SER A OG  1 
ATOM   675  N N   . LEU A 1 79  ? -8.385  16.456  3.000   1.00   45.16 ? 226  LEU A N   1 
ATOM   676  C CA  . LEU A 1 79  ? -9.670  16.857  3.539   1.00   46.31 ? 226  LEU A CA  1 
ATOM   677  C C   . LEU A 1 79  ? -9.490  17.299  4.981   1.00   47.38 ? 226  LEU A C   1 
ATOM   678  O O   . LEU A 1 79  ? -10.432 17.795  5.608   1.00   48.16 ? 226  LEU A O   1 
ATOM   679  C CB  . LEU A 1 79  ? -10.666 15.692  3.450   1.00   46.39 ? 226  LEU A CB  1 
ATOM   680  C CG  . LEU A 1 79  ? -11.066 15.050  2.113   1.00   46.13 ? 226  LEU A CG  1 
ATOM   681  C CD1 . LEU A 1 79  ? -11.608 13.617  2.321   1.00   46.40 ? 226  LEU A CD1 1 
ATOM   682  C CD2 . LEU A 1 79  ? -12.085 15.895  1.338   1.00   49.34 ? 226  LEU A CD2 1 
ATOM   683  N N   . LYS A 1 80  ? -8.279  17.127  5.497   1.00   47.59 ? 227  LYS A N   1 
ATOM   684  C CA  . LYS A 1 80  ? -7.926  17.438  6.893   1.00   48.65 ? 227  LYS A CA  1 
ATOM   685  C C   . LYS A 1 80  ? -8.652  16.570  7.932   1.00   48.30 ? 227  LYS A C   1 
ATOM   686  O O   . LYS A 1 80  ? -8.743  16.952  9.104   1.00   49.02 ? 227  LYS A O   1 
ATOM   687  C CB  . LYS A 1 80  ? -8.142  18.933  7.214   1.00   49.11 ? 227  LYS A CB  1 
ATOM   688  C CG  . LYS A 1 80  ? -7.207  19.855  6.456   1.00   50.58 ? 227  LYS A CG  1 
ATOM   689  C CD  . LYS A 1 80  ? -7.556  21.320  6.696   1.00   49.58 ? 227  LYS A CD  1 
ATOM   690  C CE  . LYS A 1 80  ? -7.224  22.152  5.467   1.00   52.74 ? 227  LYS A CE  1 
ATOM   691  N NZ  . LYS A 1 80  ? -8.199  21.964  4.335   1.00   51.11 ? 227  LYS A NZ  1 
ATOM   692  N N   . VAL A 1 81  ? -9.168  15.418  7.501   1.00   46.87 ? 228  VAL A N   1 
ATOM   693  C CA  . VAL A 1 81  ? -9.937  14.528  8.379   1.00   45.87 ? 228  VAL A CA  1 
ATOM   694  C C   . VAL A 1 81  ? -9.056  13.332  8.778   1.00   44.40 ? 228  VAL A C   1 
ATOM   695  O O   . VAL A 1 81  ? -7.968  13.130  8.221   1.00   44.50 ? 228  VAL A O   1 
ATOM   696  C CB  . VAL A 1 81  ? -11.274 14.041  7.712   1.00   46.20 ? 228  VAL A CB  1 
ATOM   697  C CG1 . VAL A 1 81  ? -12.215 13.388  8.748   1.00   48.08 ? 228  VAL A CG1 1 
ATOM   698  C CG2 . VAL A 1 81  ? -12.008 15.186  7.032   1.00   47.18 ? 228  VAL A CG2 1 
ATOM   699  N N   . ASP A 1 82  ? -9.503  12.557  9.757   1.00   41.85 ? 229  ASP A N   1 
ATOM   700  C CA  . ASP A 1 82  ? -8.752  11.375  10.156  1.00   40.24 ? 229  ASP A CA  1 
ATOM   701  C C   . ASP A 1 82  ? -8.904  10.307  9.085   1.00   37.83 ? 229  ASP A C   1 
ATOM   702  O O   . ASP A 1 82  ? -10.018 10.045  8.652   1.00   37.72 ? 229  ASP A O   1 
ATOM   703  C CB  . ASP A 1 82  ? -9.301  10.825  11.454  1.00   40.67 ? 229  ASP A CB  1 
ATOM   704  C CG  . ASP A 1 82  ? -8.343  9.890   12.120  1.00   42.76 ? 229  ASP A CG  1 
ATOM   705  O OD1 . ASP A 1 82  ? -7.799  10.312  13.160  1.00   46.46 ? 229  ASP A OD1 1 
ATOM   706  O OD2 . ASP A 1 82  ? -8.109  8.770   11.603  1.00   40.97 ? 229  ASP A OD2 1 
ATOM   707  N N   . PRO A 1 83  ? -7.786  9.692   8.636   1.00   35.85 ? 230  PRO A N   1 
ATOM   708  C CA  . PRO A 1 83  ? -7.949  8.631   7.595   1.00   34.54 ? 230  PRO A CA  1 
ATOM   709  C C   . PRO A 1 83  ? -8.823  7.435   8.050   1.00   33.20 ? 230  PRO A C   1 
ATOM   710  O O   . PRO A 1 83  ? -9.440  6.776   7.228   1.00   33.04 ? 230  PRO A O   1 
ATOM   711  C CB  . PRO A 1 83  ? -6.510  8.166   7.333   1.00   32.93 ? 230  PRO A CB  1 
ATOM   712  C CG  . PRO A 1 83  ? -5.716  8.570   8.511   1.00   34.81 ? 230  PRO A CG  1 
ATOM   713  C CD  . PRO A 1 83  ? -6.366  9.891   8.994   1.00   35.18 ? 230  PRO A CD  1 
ATOM   714  N N   . ARG A 1 84  ? -8.879  7.172   9.349   1.00   34.44 ? 231  ARG A N   1 
ATOM   715  C CA  . ARG A 1 84  ? -9.753  6.111   9.876   1.00   35.91 ? 231  ARG A CA  1 
ATOM   716  C C   . ARG A 1 84  ? -11.219 6.433   9.679   1.00   37.19 ? 231  ARG A C   1 
ATOM   717  O O   . ARG A 1 84  ? -12.061 5.533   9.651   1.00   37.34 ? 231  ARG A O   1 
ATOM   718  C CB  . ARG A 1 84  ? -9.449  5.812   11.342  1.00   36.04 ? 231  ARG A CB  1 
ATOM   719  C CG  . ARG A 1 84  ? -8.062  5.207   11.554  1.00   37.76 ? 231  ARG A CG  1 
ATOM   720  C CD  . ARG A 1 84  ? -7.865  4.745   12.995  1.00   39.20 ? 231  ARG A CD  1 
ATOM   721  N NE  . ARG A 1 84  ? -6.670  3.920   13.188  1.00   43.35 ? 231  ARG A NE  1 
ATOM   722  C CZ  . ARG A 1 84  ? -5.541  4.336   13.775  1.00   45.01 ? 231  ARG A CZ  1 
ATOM   723  N NH1 . ARG A 1 84  ? -5.456  5.590   14.209  1.00   45.68 ? 231  ARG A NH1 1 
ATOM   724  N NH2 . ARG A 1 84  ? -4.501  3.501   13.945  1.00   44.20 ? 231  ARG A NH2 1 
ATOM   725  N N   . ALA A 1 85  ? -11.522 7.722   9.533   1.00   38.13 ? 232  ALA A N   1 
ATOM   726  C CA  . ALA A 1 85  ? -12.916 8.158   9.380   1.00   39.23 ? 232  ALA A CA  1 
ATOM   727  C C   . ALA A 1 85  ? -13.345 8.292   7.922   1.00   39.18 ? 232  ALA A C   1 
ATOM   728  O O   . ALA A 1 85  ? -14.555 8.254   7.614   1.00   41.65 ? 232  ALA A O   1 
ATOM   729  C CB  . ALA A 1 85  ? -13.159 9.473   10.154  1.00   39.13 ? 232  ALA A CB  1 
ATOM   730  N N   . CYS A 1 86  ? -12.378 8.422   7.012   1.00   38.52 ? 233  CYS A N   1 
ATOM   731  C CA  . CYS A 1 86  ? -12.681 8.712   5.613   1.00   36.63 ? 233  CYS A CA  1 
ATOM   732  C C   . CYS A 1 86  ? -12.160 7.718   4.559   1.00   35.46 ? 233  CYS A C   1 
ATOM   733  O O   . CYS A 1 86  ? -12.318 7.962   3.358   1.00   35.23 ? 233  CYS A O   1 
ATOM   734  C CB  . CYS A 1 86  ? -12.165 10.107  5.267   1.00   37.44 ? 233  CYS A CB  1 
ATOM   735  S SG  . CYS A 1 86  ? -10.374 10.200  4.918   1.00   40.20 ? 233  CYS A SG  1 
ATOM   736  N N   . PHE A 1 87  ? -11.550 6.612   4.982   1.00   32.95 ? 234  PHE A N   1 
ATOM   737  C CA  . PHE A 1 87  ? -10.902 5.695   4.033   1.00   31.28 ? 234  PHE A CA  1 
ATOM   738  C C   . PHE A 1 87  ? -11.884 5.071   3.014   1.00   30.30 ? 234  PHE A C   1 
ATOM   739  O O   . PHE A 1 87  ? -11.498 4.763   1.905   1.00   29.59 ? 234  PHE A O   1 
ATOM   740  C CB  . PHE A 1 87  ? -10.155 4.585   4.789   1.00   31.48 ? 234  PHE A CB  1 
ATOM   741  C CG  . PHE A 1 87  ? -11.073 3.563   5.403   1.00   29.29 ? 234  PHE A CG  1 
ATOM   742  C CD1 . PHE A 1 87  ? -11.467 2.454   4.684   1.00   30.26 ? 234  PHE A CD1 1 
ATOM   743  C CD2 . PHE A 1 87  ? -11.569 3.740   6.700   1.00   29.81 ? 234  PHE A CD2 1 
ATOM   744  C CE1 . PHE A 1 87  ? -12.359 1.526   5.237   1.00   30.57 ? 234  PHE A CE1 1 
ATOM   745  C CE2 . PHE A 1 87  ? -12.449 2.819   7.253   1.00   29.94 ? 234  PHE A CE2 1 
ATOM   746  C CZ  . PHE A 1 87  ? -12.825 1.709   6.526   1.00   29.87 ? 234  PHE A CZ  1 
ATOM   747  N N   . ARG A 1 88  ? -13.145 4.855   3.390   1.00   29.51 ? 235  ARG A N   1 
ATOM   748  C CA  . ARG A 1 88  ? -14.150 4.330   2.432   1.00   30.08 ? 235  ARG A CA  1 
ATOM   749  C C   . ARG A 1 88  ? -14.286 5.224   1.159   1.00   29.77 ? 235  ARG A C   1 
ATOM   750  O O   . ARG A 1 88  ? -14.541 4.727   0.055   1.00   28.11 ? 235  ARG A O   1 
ATOM   751  C CB  . ARG A 1 88  ? -15.517 4.088   3.124   1.00   31.28 ? 235  ARG A CB  1 
ATOM   752  C CG  . ARG A 1 88  ? -15.404 3.168   4.351   1.00   30.88 ? 235  ARG A CG  1 
ATOM   753  C CD  . ARG A 1 88  ? -16.807 2.891   5.055   1.00   32.95 ? 235  ARG A CD  1 
ATOM   754  N NE  . ARG A 1 88  ? -16.660 2.048   6.247   1.00   37.22 ? 235  ARG A NE  1 
ATOM   755  C CZ  . ARG A 1 88  ? -16.215 2.442   7.455   1.00   40.10 ? 235  ARG A CZ  1 
ATOM   756  N NH1 . ARG A 1 88  ? -15.848 3.701   7.693   1.00   42.57 ? 235  ARG A NH1 1 
ATOM   757  N NH2 . ARG A 1 88  ? -16.111 1.559   8.441   1.00   39.86 ? 235  ARG A NH2 1 
ATOM   758  N N   . GLN A 1 89  ? -14.093 6.538   1.319   1.00   29.70 ? 236  GLN A N   1 
ATOM   759  C CA  . GLN A 1 89  ? -14.225 7.406   0.164   1.00   31.14 ? 236  GLN A CA  1 
ATOM   760  C C   . GLN A 1 89  ? -13.129 7.208   -0.875  1.00   30.27 ? 236  GLN A C   1 
ATOM   761  O O   . GLN A 1 89  ? -13.357 7.480   -2.034  1.00   30.28 ? 236  GLN A O   1 
ATOM   762  C CB  . GLN A 1 89  ? -14.543 8.890   0.500   1.00   32.41 ? 236  GLN A CB  1 
ATOM   763  C CG  . GLN A 1 89  ? -13.788 9.479   1.611   1.00   35.45 ? 236  GLN A CG  1 
ATOM   764  C CD  . GLN A 1 89  ? -14.652 10.410  2.464   1.00   39.97 ? 236  GLN A CD  1 
ATOM   765  O OE1 . GLN A 1 89  ? -15.395 9.971   3.322   1.00   39.91 ? 236  GLN A OE1 1 
ATOM   766  N NE2 . GLN A 1 89  ? -14.517 11.710  2.238   1.00   41.11 ? 236  GLN A NE2 1 
ATOM   767  N N   . PHE A 1 90  ? -11.955 6.700   -0.481  1.00   28.78 ? 237  PHE A N   1 
ATOM   768  C CA  . PHE A 1 90  ? -11.000 6.227   -1.491  1.00   27.40 ? 237  PHE A CA  1 
ATOM   769  C C   . PHE A 1 90  ? -11.626 5.228   -2.464  1.00   26.28 ? 237  PHE A C   1 
ATOM   770  O O   . PHE A 1 90  ? -11.481 5.379   -3.693  1.00   26.34 ? 237  PHE A O   1 
ATOM   771  C CB  . PHE A 1 90  ? -9.773  5.537   -0.856  1.00   26.24 ? 237  PHE A CB  1 
ATOM   772  C CG  . PHE A 1 90  ? -8.970  4.767   -1.854  1.00   25.61 ? 237  PHE A CG  1 
ATOM   773  C CD1 . PHE A 1 90  ? -8.101  5.434   -2.743  1.00   24.16 ? 237  PHE A CD1 1 
ATOM   774  C CD2 . PHE A 1 90  ? -9.117  3.380   -1.981  1.00   24.84 ? 237  PHE A CD2 1 
ATOM   775  C CE1 . PHE A 1 90  ? -7.363  4.743   -3.698  1.00   24.69 ? 237  PHE A CE1 1 
ATOM   776  C CE2 . PHE A 1 90  ? -8.381  2.682   -2.914  1.00   26.48 ? 237  PHE A CE2 1 
ATOM   777  C CZ  . PHE A 1 90  ? -7.491  3.359   -3.791  1.00   27.97 ? 237  PHE A CZ  1 
ATOM   778  N N   . PHE A 1 91  ? -12.266 4.181   -1.923  1.00   24.70 ? 238  PHE A N   1 
ATOM   779  C CA  . PHE A 1 91  ? -12.909 3.156   -2.755  1.00   26.92 ? 238  PHE A CA  1 
ATOM   780  C C   . PHE A 1 91  ? -14.046 3.730   -3.584  1.00   26.87 ? 238  PHE A C   1 
ATOM   781  O O   . PHE A 1 91  ? -14.145 3.447   -4.790  1.00   27.95 ? 238  PHE A O   1 
ATOM   782  C CB  . PHE A 1 91  ? -13.332 1.944   -1.905  1.00   27.22 ? 238  PHE A CB  1 
ATOM   783  C CG  . PHE A 1 91  ? -12.158 1.320   -1.158  1.00   27.52 ? 238  PHE A CG  1 
ATOM   784  C CD1 . PHE A 1 91  ? -11.980 1.562   0.202   1.00   25.00 ? 238  PHE A CD1 1 
ATOM   785  C CD2 . PHE A 1 91  ? -11.210 0.543   -1.844  1.00   27.71 ? 238  PHE A CD2 1 
ATOM   786  C CE1 . PHE A 1 91  ? -10.887 1.004   0.892   1.00   25.66 ? 238  PHE A CE1 1 
ATOM   787  C CE2 . PHE A 1 91  ? -10.099 0.003   -1.177  1.00   26.28 ? 238  PHE A CE2 1 
ATOM   788  C CZ  . PHE A 1 91  ? -9.953  0.242   0.208   1.00   26.64 ? 238  PHE A CZ  1 
ATOM   789  N N   . THR A 1 92  ? -14.860 4.582   -2.965  1.00   26.31 ? 239  THR A N   1 
ATOM   790  C CA  . THR A 1 92  ? -15.890 5.296   -3.749  1.00   27.89 ? 239  THR A CA  1 
ATOM   791  C C   . THR A 1 92  ? -15.294 6.052   -4.943  1.00   27.67 ? 239  THR A C   1 
ATOM   792  O O   . THR A 1 92  ? -15.724 5.888   -6.085  1.00   26.35 ? 239  THR A O   1 
ATOM   793  C CB  . THR A 1 92  ? -16.723 6.252   -2.887  1.00   27.67 ? 239  THR A CB  1 
ATOM   794  O OG1 . THR A 1 92  ? -17.275 5.525   -1.770  1.00   30.57 ? 239  THR A OG1 1 
ATOM   795  C CG2 . THR A 1 92  ? -17.876 6.825   -3.717  1.00   28.87 ? 239  THR A CG2 1 
ATOM   796  N N   . LYS A 1 93  ? -14.284 6.865   -4.665  1.00   27.73 ? 240  LYS A N   1 
ATOM   797  C CA  . LYS A 1 93  ? -13.631 7.651   -5.703  1.00   28.45 ? 240  LYS A CA  1 
ATOM   798  C C   . LYS A 1 93  ? -13.012 6.820   -6.792  1.00   28.91 ? 240  LYS A C   1 
ATOM   799  O O   . LYS A 1 93  ? -13.085 7.179   -7.966  1.00   29.13 ? 240  LYS A O   1 
ATOM   800  C CB  . LYS A 1 93  ? -12.568 8.532   -5.072  1.00   30.54 ? 240  LYS A CB  1 
ATOM   801  C CG  . LYS A 1 93  ? -13.068 9.865   -4.524  1.00   33.67 ? 240  LYS A CG  1 
ATOM   802  C CD  . LYS A 1 93  ? -14.271 9.710   -3.628  1.00   41.15 ? 240  LYS A CD  1 
ATOM   803  C CE  . LYS A 1 93  ? -14.010 10.353  -2.285  1.00   45.86 ? 240  LYS A CE  1 
ATOM   804  N NZ  . LYS A 1 93  ? -12.884 11.341  -2.377  1.00   48.11 ? 240  LYS A NZ  1 
ATOM   805  N N   . ILE A 1 94  ? -12.377 5.704   -6.437  1.00   27.26 ? 241  ILE A N   1 
ATOM   806  C CA  . ILE A 1 94  ? -11.671 4.929   -7.424  1.00   28.63 ? 241  ILE A CA  1 
ATOM   807  C C   . ILE A 1 94  ? -12.654 4.316   -8.447  1.00   29.60 ? 241  ILE A C   1 
ATOM   808  O O   . ILE A 1 94  ? -12.289 4.114   -9.613  1.00   30.66 ? 241  ILE A O   1 
ATOM   809  C CB  . ILE A 1 94  ? -10.745 3.849   -6.736  1.00   28.63 ? 241  ILE A CB  1 
ATOM   810  C CG1 . ILE A 1 94  ? -9.511  3.569   -7.583  1.00   31.83 ? 241  ILE A CG1 1 
ATOM   811  C CG2 . ILE A 1 94  ? -11.502 2.606   -6.322  1.00   29.86 ? 241  ILE A CG2 1 
ATOM   812  C CD1 . ILE A 1 94  ? -8.356  4.487   -7.274  1.00   29.75 ? 241  ILE A CD1 1 
ATOM   813  N N   . LYS A 1 95  ? -13.898 4.096   -8.006  1.00   29.96 ? 242  LYS A N   1 
ATOM   814  C CA  . LYS A 1 95  ? -14.920 3.382   -8.789  1.00   32.36 ? 242  LYS A CA  1 
ATOM   815  C C   . LYS A 1 95  ? -15.750 4.370   -9.639  1.00   33.47 ? 242  LYS A C   1 
ATOM   816  O O   . LYS A 1 95  ? -16.697 3.937   -10.294 1.00   34.02 ? 242  LYS A O   1 
ATOM   817  C CB  . LYS A 1 95  ? -15.888 2.618   -7.857  1.00   31.60 ? 242  LYS A CB  1 
ATOM   818  C CG  . LYS A 1 95  ? -15.334 1.347   -7.223  1.00   31.98 ? 242  LYS A CG  1 
ATOM   819  C CD  . LYS A 1 95  ? -16.240 0.906   -6.042  1.00   33.43 ? 242  LYS A CD  1 
ATOM   820  C CE  . LYS A 1 95  ? -15.735 -0.360  -5.372  1.00   34.80 ? 242  LYS A CE  1 
ATOM   821  N NZ  . LYS A 1 95  ? -16.701 -0.742  -4.320  1.00   40.84 ? 242  LYS A NZ  1 
ATOM   822  N N   . THR A 1 96  ? -15.397 5.667   -9.605  1.00   34.38 ? 243  THR A N   1 
ATOM   823  C CA  . THR A 1 96  ? -16.150 6.710   -10.337 1.00   35.79 ? 243  THR A CA  1 
ATOM   824  C C   . THR A 1 96  ? -16.121 6.545   -11.871 1.00   35.68 ? 243  THR A C   1 
ATOM   825  O O   . THR A 1 96  ? -15.109 6.125   -12.460 1.00   34.23 ? 243  THR A O   1 
ATOM   826  C CB  . THR A 1 96  ? -15.811 8.173   -9.900  1.00   36.08 ? 243  THR A CB  1 
ATOM   827  O OG1 . THR A 1 96  ? -14.434 8.466   -10.114 1.00   37.07 ? 243  THR A OG1 1 
ATOM   828  C CG2 . THR A 1 96  ? -16.112 8.400   -8.423  1.00   37.52 ? 243  THR A CG2 1 
ATOM   829  N N   . ALA A 1 97  ? -17.260 6.913   -12.498 1.00   35.11 ? 244  ALA A N   1 
ATOM   830  C CA  . ALA A 1 97  ? -17.491 6.702   -13.916 1.00   34.88 ? 244  ALA A CA  1 
ATOM   831  C C   . ALA A 1 97  ? -16.409 7.375   -14.729 1.00   34.46 ? 244  ALA A C   1 
ATOM   832  O O   . ALA A 1 97  ? -15.985 6.837   -15.726 1.00   33.82 ? 244  ALA A O   1 
ATOM   833  C CB  . ALA A 1 97  ? -18.880 7.264   -14.318 1.00   34.96 ? 244  ALA A CB  1 
ATOM   834  N N   . ASP A 1 98  ? -15.979 8.568   -14.326 1.00   34.73 ? 245  ASP A N   1 
ATOM   835  C CA  . ASP A 1 98  ? -14.868 9.113   -15.044 1.00   36.20 ? 245  ASP A CA  1 
ATOM   836  C C   . ASP A 1 98  ? -13.654 8.479   -14.369 1.00   35.70 ? 245  ASP A C   1 
ATOM   837  O O   . ASP A 1 98  ? -13.581 8.321   -13.158 1.00   37.40 ? 245  ASP A O   1 
ATOM   838  C CB  . ASP A 1 98  ? -14.902 10.645  -15.201 1.00   37.77 ? 245  ASP A CB  1 
ATOM   839  C CG  . ASP A 1 98  ? -13.982 11.402  -14.244 1.00   39.46 ? 245  ASP A CG  1 
ATOM   840  O OD1 . ASP A 1 98  ? -13.145 10.796  -13.572 1.00   43.19 ? 245  ASP A OD1 1 
ATOM   841  O OD2 . ASP A 1 98  ? -14.117 12.645  -14.175 1.00   39.02 ? 245  ASP A OD2 1 
ATOM   842  N N   . ARG A 1 99  ? -12.767 7.992   -15.169 1.00   35.47 ? 246  ARG A N   1 
ATOM   843  C CA  . ARG A 1 99  ? -11.738 7.129   -14.599 1.00   34.12 ? 246  ARG A CA  1 
ATOM   844  C C   . ARG A 1 99  ? -10.511 7.922   -14.172 1.00   32.32 ? 246  ARG A C   1 
ATOM   845  O O   . ARG A 1 99  ? -9.424  7.347   -14.026 1.00   30.92 ? 246  ARG A O   1 
ATOM   846  C CB  . ARG A 1 99  ? -11.415 6.042   -15.590 1.00   35.15 ? 246  ARG A CB  1 
ATOM   847  C CG  . ARG A 1 99  ? -12.672 5.263   -15.954 1.00   37.27 ? 246  ARG A CG  1 
ATOM   848  C CD  . ARG A 1 99  ? -12.398 4.263   -17.046 0.50   39.15 ? 246  ARG A CD  1 
ATOM   849  N NE  . ARG A 1 99  ? -13.563 4.125   -17.916 0.50   41.53 ? 246  ARG A NE  1 
ATOM   850  C CZ  . ARG A 1 99  ? -13.798 3.083   -18.704 0.50   41.58 ? 246  ARG A CZ  1 
ATOM   851  N NH1 . ARG A 1 99  ? -12.957 2.055   -18.731 0.50   42.79 ? 246  ARG A NH1 1 
ATOM   852  N NH2 . ARG A 1 99  ? -14.889 3.067   -19.450 0.50   41.89 ? 246  ARG A NH2 1 
ATOM   853  N N   . GLN A 1 100 ? -10.702 9.221   -13.930 1.00   31.21 ? 247  GLN A N   1 
ATOM   854  C CA  . GLN A 1 100 ? -9.550  10.140  -13.689 1.00   30.52 ? 247  GLN A CA  1 
ATOM   855  C C   . GLN A 1 100 ? -8.769  9.765   -12.419 1.00   29.31 ? 247  GLN A C   1 
ATOM   856  O O   . GLN A 1 100 ? -7.531  9.656   -12.459 1.00   27.46 ? 247  GLN A O   1 
ATOM   857  C CB  . GLN A 1 100 ? -10.004 11.589  -13.623 1.00   31.22 ? 247  GLN A CB  1 
ATOM   858  C CG  . GLN A 1 100 ? -8.893  12.625  -13.321 1.00   32.57 ? 247  GLN A CG  1 
ATOM   859  C CD  . GLN A 1 100 ? -9.426  14.054  -13.297 0.50   31.51 ? 247  GLN A CD  1 
ATOM   860  O OE1 . GLN A 1 100 ? -10.172 14.467  -14.188 0.50   34.77 ? 247  GLN A OE1 1 
ATOM   861  N NE2 . GLN A 1 100 ? -9.071  14.802  -12.257 0.50   31.51 ? 247  GLN A NE2 1 
ATOM   862  N N   . TYR A 1 101 ? -9.485  9.606   -11.300 1.00   27.94 ? 248  TYR A N   1 
ATOM   863  C CA  . TYR A 1 101 ? -8.829  9.238   -10.035 1.00   27.47 ? 248  TYR A CA  1 
ATOM   864  C C   . TYR A 1 101 ? -8.088  7.912   -10.188 1.00   26.70 ? 248  TYR A C   1 
ATOM   865  O O   . TYR A 1 101 ? -6.923  7.780   -9.752  1.00   25.87 ? 248  TYR A O   1 
ATOM   866  C CB  . TYR A 1 101 ? -9.837  9.193   -8.876  1.00   27.40 ? 248  TYR A CB  1 
ATOM   867  C CG  . TYR A 1 101 ? -9.238  9.063   -7.484  1.00   27.35 ? 248  TYR A CG  1 
ATOM   868  C CD1 . TYR A 1 101 ? -9.526  7.954   -6.678  1.00   28.08 ? 248  TYR A CD1 1 
ATOM   869  C CD2 . TYR A 1 101 ? -8.413  10.072  -6.960  1.00   27.11 ? 248  TYR A CD2 1 
ATOM   870  C CE1 . TYR A 1 101 ? -8.999  7.843   -5.383  1.00   28.23 ? 248  TYR A CE1 1 
ATOM   871  C CE2 . TYR A 1 101 ? -7.860  9.981   -5.664  1.00   27.78 ? 248  TYR A CE2 1 
ATOM   872  C CZ  . TYR A 1 101 ? -8.172  8.852   -4.892  1.00   27.97 ? 248  TYR A CZ  1 
ATOM   873  O OH  . TYR A 1 101 ? -7.683  8.754   -3.645  1.00   26.22 ? 248  TYR A OH  1 
ATOM   874  N N   . MET A 1 102 ? -8.763  6.923   -10.772 1.00   25.99 ? 249  MET A N   1 
ATOM   875  C CA  . MET A 1 102 ? -8.162  5.621   -11.018 1.00   29.52 ? 249  MET A CA  1 
ATOM   876  C C   . MET A 1 102 ? -6.916  5.699   -11.907 1.00   28.18 ? 249  MET A C   1 
ATOM   877  O O   . MET A 1 102 ? -5.913  4.973   -11.675 1.00   26.54 ? 249  MET A O   1 
ATOM   878  C CB  . MET A 1 102 ? -9.175  4.619   -11.596 1.00   28.43 ? 249  MET A CB  1 
ATOM   879  C CG  . MET A 1 102 ? -8.540  3.311   -12.006 1.00   31.14 ? 249  MET A CG  1 
ATOM   880  S SD  . MET A 1 102 ? -9.843  2.151   -12.456 1.00   41.37 ? 249  MET A SD  1 
ATOM   881  C CE  . MET A 1 102 ? -10.445 1.685   -10.856 1.00   38.36 ? 249  MET A CE  1 
ATOM   882  N N   . GLU A 1 103 ? -6.970  6.560   -12.931 1.00   26.82 ? 250  GLU A N   1 
ATOM   883  C CA  . GLU A 1 103 ? -5.818  6.769   -13.806 1.00   28.01 ? 250  GLU A CA  1 
ATOM   884  C C   . GLU A 1 103 ? -4.609  7.233   -13.006 1.00   25.20 ? 250  GLU A C   1 
ATOM   885  O O   . GLU A 1 103 ? -3.505  6.734   -13.213 1.00   25.58 ? 250  GLU A O   1 
ATOM   886  C CB  . GLU A 1 103 ? -6.117  7.761   -14.968 1.00   26.73 ? 250  GLU A CB  1 
ATOM   887  C CG  . GLU A 1 103 ? -4.998  7.647   -16.093 1.00   32.47 ? 250  GLU A CG  1 
ATOM   888  C CD  . GLU A 1 103 ? -5.456  8.009   -17.549 0.50   29.62 ? 250  GLU A CD  1 
ATOM   889  O OE1 . GLU A 1 103 ? -6.309  8.890   -17.726 0.50   31.48 ? 250  GLU A OE1 1 
ATOM   890  O OE2 . GLU A 1 103 ? -4.927  7.420   -18.525 0.50   32.06 ? 250  GLU A OE2 1 
ATOM   891  N N   . GLY A 1 104 ? -4.820  8.186   -12.108 1.00   26.33 ? 251  GLY A N   1 
ATOM   892  C CA  . GLY A 1 104 ? -3.734  8.729   -11.253 1.00   25.20 ? 251  GLY A CA  1 
ATOM   893  C C   . GLY A 1 104 ? -3.198  7.649   -10.308 1.00   26.00 ? 251  GLY A C   1 
ATOM   894  O O   . GLY A 1 104 ? -2.003  7.629   -10.013 1.00   24.21 ? 251  GLY A O   1 
ATOM   895  N N   . PHE A 1 105 ? -4.086  6.756   -9.854  1.00   24.93 ? 252  PHE A N   1 
ATOM   896  C CA  . PHE A 1 105 ? -3.727  5.646   -8.970  1.00   25.38 ? 252  PHE A CA  1 
ATOM   897  C C   . PHE A 1 105 ? -2.814  4.695   -9.704  1.00   25.31 ? 252  PHE A C   1 
ATOM   898  O O   . PHE A 1 105 ? -1.721  4.348   -9.197  1.00   24.06 ? 252  PHE A O   1 
ATOM   899  C CB  . PHE A 1 105 ? -4.973  4.865   -8.506  1.00   24.60 ? 252  PHE A CB  1 
ATOM   900  C CG  . PHE A 1 105 ? -4.638  3.547   -7.804  1.00   22.25 ? 252  PHE A CG  1 
ATOM   901  C CD1 . PHE A 1 105 ? -4.420  3.518   -6.420  1.00   24.50 ? 252  PHE A CD1 1 
ATOM   902  C CD2 . PHE A 1 105 ? -4.577  2.353   -8.518  1.00   22.52 ? 252  PHE A CD2 1 
ATOM   903  C CE1 . PHE A 1 105 ? -4.114  2.305   -5.762  1.00   20.43 ? 252  PHE A CE1 1 
ATOM   904  C CE2 . PHE A 1 105 ? -4.284  1.137   -7.852  1.00   23.01 ? 252  PHE A CE2 1 
ATOM   905  C CZ  . PHE A 1 105 ? -4.051  1.139   -6.484  1.00   21.92 ? 252  PHE A CZ  1 
ATOM   906  N N   . ASN A 1 106 ? -3.221  4.322   -10.920 1.00   25.11 ? 253  ASN A N   1 
ATOM   907  C CA  . ASN A 1 106 ? -2.451  3.439   -11.770 1.00   25.48 ? 253  ASN A CA  1 
ATOM   908  C C   . ASN A 1 106 ? -1.091  4.041   -12.093 1.00   25.53 ? 253  ASN A C   1 
ATOM   909  O O   . ASN A 1 106 ? -0.074  3.327   -12.077 1.00   25.36 ? 253  ASN A O   1 
ATOM   910  C CB  . ASN A 1 106 ? -3.212  3.070   -13.056 1.00   26.74 ? 253  ASN A CB  1 
ATOM   911  C CG  . ASN A 1 106 ? -4.320  2.031   -12.790 1.00   29.75 ? 253  ASN A CG  1 
ATOM   912  O OD1 . ASN A 1 106 ? -4.198  1.221   -11.885 1.00   33.49 ? 253  ASN A OD1 1 
ATOM   913  N ND2 . ASN A 1 106 ? -5.369  2.039   -13.616 1.00   33.46 ? 253  ASN A ND2 1 
ATOM   914  N N   . ASP A 1 107 ? -1.057  5.352   -12.325 1.00   24.27 ? 254  ASP A N   1 
ATOM   915  C CA  . ASP A 1 107 ? 0.223   6.043   -12.643 1.00   26.63 ? 254  ASP A CA  1 
ATOM   916  C C   . ASP A 1 107 ? 1.194   6.021   -11.424 1.00   25.40 ? 254  ASP A C   1 
ATOM   917  O O   . ASP A 1 107 ? 2.378   5.712   -11.562 1.00   25.45 ? 254  ASP A O   1 
ATOM   918  C CB  . ASP A 1 107 ? -0.021  7.481   -13.071 1.00   27.30 ? 254  ASP A CB  1 
ATOM   919  C CG  . ASP A 1 107 ? -0.595  7.597   -14.523 1.00   31.32 ? 254  ASP A CG  1 
ATOM   920  O OD1 . ASP A 1 107 ? -0.453  6.662   -15.339 1.00   34.29 ? 254  ASP A OD1 1 
ATOM   921  O OD2 . ASP A 1 107 ? -1.169  8.643   -14.832 1.00   34.45 ? 254  ASP A OD2 1 
ATOM   922  N N   . GLU A 1 108 ? 0.658   6.341   -10.258 1.00   25.00 ? 255  GLU A N   1 
ATOM   923  C CA  . GLU A 1 108 ? 1.435   6.306   -9.009  1.00   24.10 ? 255  GLU A CA  1 
ATOM   924  C C   . GLU A 1 108 ? 1.905   4.861   -8.745  1.00   23.40 ? 255  GLU A C   1 
ATOM   925  O O   . GLU A 1 108 ? 3.049   4.676   -8.397  1.00   22.76 ? 255  GLU A O   1 
ATOM   926  C CB  . GLU A 1 108 ? 0.634   6.885   -7.859  1.00   25.15 ? 255  GLU A CB  1 
ATOM   927  C CG  . GLU A 1 108 ? 0.305   8.449   -8.019  1.00   28.04 ? 255  GLU A CG  1 
ATOM   928  C CD  . GLU A 1 108 ? 1.514   9.334   -7.775  0.50   30.59 ? 255  GLU A CD  1 
ATOM   929  O OE1 . GLU A 1 108 ? 2.233   9.065   -6.786  0.50   33.35 ? 255  GLU A OE1 1 
ATOM   930  O OE2 . GLU A 1 108 ? 1.738   10.284  -8.578  0.50   31.89 ? 255  GLU A OE2 1 
ATOM   931  N N   . LEU A 1 109 ? 1.046   3.853   -8.955  1.00   21.67 ? 256  LEU A N   1 
ATOM   932  C CA  . LEU A 1 109 ? 1.425   2.446   -8.763  1.00   23.16 ? 256  LEU A CA  1 
ATOM   933  C C   . LEU A 1 109 ? 2.588   1.976   -9.641  1.00   22.78 ? 256  LEU A C   1 
ATOM   934  O O   . LEU A 1 109 ? 3.542   1.375   -9.162  1.00   19.80 ? 256  LEU A O   1 
ATOM   935  C CB  . LEU A 1 109 ? 0.178   1.523   -8.951  1.00   22.06 ? 256  LEU A CB  1 
ATOM   936  C CG  . LEU A 1 109 ? 0.403   0.024   -8.762  1.00   25.28 ? 256  LEU A CG  1 
ATOM   937  C CD1 . LEU A 1 109 ? 1.047   -0.326  -7.390  1.00   22.83 ? 256  LEU A CD1 1 
ATOM   938  C CD2 . LEU A 1 109 ? -0.931  -0.704  -8.946  1.00   23.89 ? 256  LEU A CD2 1 
ATOM   939  N N   . GLU A 1 110 ? 2.521   2.267   -10.947 1.00   21.65 ? 257  GLU A N   1 
ATOM   940  C CA  . GLU A 1 110 ? 3.608   1.964   -11.870 1.00   23.31 ? 257  GLU A CA  1 
ATOM   941  C C   . GLU A 1 110 ? 4.918   2.686   -11.453 1.00   21.58 ? 257  GLU A C   1 
ATOM   942  O O   . GLU A 1 110 ? 5.985   2.056   -11.436 1.00   21.09 ? 257  GLU A O   1 
ATOM   943  C CB  . GLU A 1 110 ? 3.186   2.289   -13.324 1.00   24.18 ? 257  GLU A CB  1 
ATOM   944  C CG  . GLU A 1 110 ? 2.231   1.209   -13.919 1.00   27.72 ? 257  GLU A CG  1 
ATOM   945  C CD  . GLU A 1 110 ? 2.591   -0.232  -13.564 1.00   31.17 ? 257  GLU A CD  1 
ATOM   946  O OE1 . GLU A 1 110 ? 3.701   -0.683  -13.949 1.00   33.33 ? 257  GLU A OE1 1 
ATOM   947  O OE2 . GLU A 1 110 ? 1.752   -0.927  -12.920 1.00   31.02 ? 257  GLU A OE2 1 
ATOM   948  N N   . ALA A 1 111 ? 4.801   3.961   -11.071 1.00   21.22 ? 258  ALA A N   1 
ATOM   949  C CA  . ALA A 1 111 ? 5.955   4.778   -10.650 1.00   21.11 ? 258  ALA A CA  1 
ATOM   950  C C   . ALA A 1 111 ? 6.590   4.169   -9.375  1.00   20.68 ? 258  ALA A C   1 
ATOM   951  O O   . ALA A 1 111 ? 7.819   4.028   -9.259  1.00   22.29 ? 258  ALA A O   1 
ATOM   952  C CB  . ALA A 1 111 ? 5.560   6.278   -10.425 1.00   21.39 ? 258  ALA A CB  1 
ATOM   953  N N   . PHE A 1 112 ? 5.721   3.862   -8.426  1.00   19.62 ? 259  PHE A N   1 
ATOM   954  C CA  . PHE A 1 112 ? 6.146   3.217   -7.204  1.00   19.90 ? 259  PHE A CA  1 
ATOM   955  C C   . PHE A 1 112 ? 6.905   1.955   -7.468  1.00   19.67 ? 259  PHE A C   1 
ATOM   956  O O   . PHE A 1 112 ? 8.016   1.763   -6.948  1.00   20.24 ? 259  PHE A O   1 
ATOM   957  C CB  . PHE A 1 112 ? 4.930   2.964   -6.323  1.00   19.81 ? 259  PHE A CB  1 
ATOM   958  C CG  . PHE A 1 112 ? 5.278   2.198   -5.066  1.00   21.12 ? 259  PHE A CG  1 
ATOM   959  C CD1 . PHE A 1 112 ? 5.979   2.815   -4.035  1.00   20.27 ? 259  PHE A CD1 1 
ATOM   960  C CD2 . PHE A 1 112 ? 4.944   0.860   -4.963  1.00   22.10 ? 259  PHE A CD2 1 
ATOM   961  C CE1 . PHE A 1 112 ? 6.332   2.033   -2.853  1.00   25.63 ? 259  PHE A CE1 1 
ATOM   962  C CE2 . PHE A 1 112 ? 5.234   0.103   -3.783  1.00   25.26 ? 259  PHE A CE2 1 
ATOM   963  C CZ  . PHE A 1 112 ? 5.920   0.702   -2.744  1.00   25.55 ? 259  PHE A CZ  1 
ATOM   964  N N   . LYS A 1 113 ? 6.345   1.037   -8.256  1.00   20.20 ? 260  LYS A N   1 
ATOM   965  C CA  . LYS A 1 113 ? 7.108   -0.167  -8.584  1.00   21.18 ? 260  LYS A CA  1 
ATOM   966  C C   . LYS A 1 113 ? 8.474   0.096   -9.247  1.00   22.01 ? 260  LYS A C   1 
ATOM   967  O O   . LYS A 1 113 ? 9.449   -0.643  -9.002  1.00   20.66 ? 260  LYS A O   1 
ATOM   968  C CB  . LYS A 1 113 ? 6.262   -1.141  -9.396  1.00   21.17 ? 260  LYS A CB  1 
ATOM   969  C CG  . LYS A 1 113 ? 5.021   -1.665  -8.590  1.00   19.23 ? 260  LYS A CG  1 
ATOM   970  C CD  . LYS A 1 113 ? 4.208   -2.681  -9.414  1.00   23.10 ? 260  LYS A CD  1 
ATOM   971  C CE  . LYS A 1 113 ? 3.460   -2.022  -10.573 1.00   27.80 ? 260  LYS A CE  1 
ATOM   972  N NZ  . LYS A 1 113 ? 2.395   -2.914  -11.205 1.00   22.35 ? 260  LYS A NZ  1 
ATOM   973  N N   . GLU A 1 114 ? 8.556   1.115   -10.098 1.00   21.74 ? 261  GLU A N   1 
ATOM   974  C CA  . GLU A 1 114 ? 9.890   1.486   -10.661 1.00   24.37 ? 261  GLU A CA  1 
ATOM   975  C C   . GLU A 1 114 ? 10.891  1.890   -9.567  1.00   22.71 ? 261  GLU A C   1 
ATOM   976  O O   . GLU A 1 114 ? 12.069  1.459   -9.581  1.00   23.38 ? 261  GLU A O   1 
ATOM   977  C CB  . GLU A 1 114 ? 9.750   2.627   -11.680 1.00   24.34 ? 261  GLU A CB  1 
ATOM   978  C CG  . GLU A 1 114 ? 9.455   2.168   -13.049 1.00   33.23 ? 261  GLU A CG  1 
ATOM   979  C CD  . GLU A 1 114 ? 10.572  1.258   -13.578 1.00   39.43 ? 261  GLU A CD  1 
ATOM   980  O OE1 . GLU A 1 114 ? 11.742  1.711   -13.675 1.00   42.55 ? 261  GLU A OE1 1 
ATOM   981  O OE2 . GLU A 1 114 ? 10.298  0.077   -13.823 1.00   40.62 ? 261  GLU A OE2 1 
ATOM   982  N N   . ARG A 1 115 ? 10.413  2.680   -8.607  1.00   22.32 ? 262  ARG A N   1 
ATOM   983  C CA  . ARG A 1 115 ? 11.226  3.083   -7.481  1.00   21.83 ? 262  ARG A CA  1 
ATOM   984  C C   . ARG A 1 115 ? 11.601  1.870   -6.646  1.00   22.87 ? 262  ARG A C   1 
ATOM   985  O O   . ARG A 1 115 ? 12.736  1.775   -6.202  1.00   22.00 ? 262  ARG A O   1 
ATOM   986  C CB  . ARG A 1 115 ? 10.561  4.160   -6.643  1.00   21.63 ? 262  ARG A CB  1 
ATOM   987  C CG  . ARG A 1 115 ? 10.361  5.502   -7.444  1.00   19.68 ? 262  ARG A CG  1 
ATOM   988  C CD  . ARG A 1 115 ? 9.930   6.628   -6.511  1.00   21.10 ? 262  ARG A CD  1 
ATOM   989  N NE  . ARG A 1 115 ? 8.720   6.347   -5.715  1.00   25.49 ? 262  ARG A NE  1 
ATOM   990  C CZ  . ARG A 1 115 ? 7.484   6.575   -6.149  1.00   27.64 ? 262  ARG A CZ  1 
ATOM   991  N NH1 . ARG A 1 115 ? 7.319   7.063   -7.354  1.00   20.08 ? 262  ARG A NH1 1 
ATOM   992  N NH2 . ARG A 1 115 ? 6.429   6.326   -5.383  1.00   26.57 ? 262  ARG A NH2 1 
ATOM   993  N N   . VAL A 1 116 ? 10.651  0.956   -6.412  1.00   23.31 ? 263  VAL A N   1 
ATOM   994  C CA  . VAL A 1 116 ? 10.979  -0.269  -5.672  1.00   23.14 ? 263  VAL A CA  1 
ATOM   995  C C   . VAL A 1 116 ? 12.111  -1.087  -6.335  1.00   24.11 ? 263  VAL A C   1 
ATOM   996  O O   . VAL A 1 116 ? 13.034  -1.561  -5.638  1.00   24.26 ? 263  VAL A O   1 
ATOM   997  C CB  . VAL A 1 116 ? 9.724   -1.156  -5.394  1.00   21.91 ? 263  VAL A CB  1 
ATOM   998  C CG1 . VAL A 1 116 ? 10.135  -2.514  -4.802  1.00   23.12 ? 263  VAL A CG1 1 
ATOM   999  C CG2 . VAL A 1 116 ? 8.815   -0.437  -4.403  1.00   20.42 ? 263  VAL A CG2 1 
ATOM   1000 N N   . ARG A 1 117 ? 12.038  -1.240  -7.653  1.00   24.65 ? 264  ARG A N   1 
ATOM   1001 C CA  . ARG A 1 117 ? 13.055  -1.994  -8.411  1.00   25.60 ? 264  ARG A CA  1 
ATOM   1002 C C   . ARG A 1 117 ? 14.438  -1.373  -8.313  1.00   26.50 ? 264  ARG A C   1 
ATOM   1003 O O   . ARG A 1 117 ? 15.418  -2.095  -8.092  1.00   26.38 ? 264  ARG A O   1 
ATOM   1004 C CB  . ARG A 1 117 ? 12.664  -2.161  -9.873  1.00   25.51 ? 264  ARG A CB  1 
ATOM   1005 C CG  . ARG A 1 117 ? 11.525  -3.140  -10.074 1.00   23.30 ? 264  ARG A CG  1 
ATOM   1006 C CD  . ARG A 1 117 ? 10.953  -3.123  -11.523 1.00   27.76 ? 264  ARG A CD  1 
ATOM   1007 N NE  . ARG A 1 117 ? 9.617   -3.734  -11.504 1.00   30.17 ? 264  ARG A NE  1 
ATOM   1008 C CZ  . ARG A 1 117 ? 8.505   -3.141  -11.913 1.00   31.97 ? 264  ARG A CZ  1 
ATOM   1009 N NH1 . ARG A 1 117 ? 8.528   -1.909  -12.419 1.00   32.31 ? 264  ARG A NH1 1 
ATOM   1010 N NH2 . ARG A 1 117 ? 7.357   -3.801  -11.828 1.00   35.32 ? 264  ARG A NH2 1 
ATOM   1011 N N   . GLY A 1 118 ? 14.491  -0.052  -8.412  1.00   25.54 ? 265  GLY A N   1 
ATOM   1012 C CA  . GLY A 1 118 ? 15.705  0.724   -8.126  1.00   26.44 ? 265  GLY A CA  1 
ATOM   1013 C C   . GLY A 1 118 ? 16.257  0.594   -6.727  1.00   26.32 ? 265  GLY A C   1 
ATOM   1014 O O   . GLY A 1 118 ? 17.485  0.385   -6.567  1.00   26.23 ? 265  GLY A O   1 
ATOM   1015 N N   . ARG A 1 119 ? 15.389  0.695   -5.709  1.00   25.62 ? 266  ARG A N   1 
ATOM   1016 C CA  . ARG A 1 119 ? 15.761  0.512   -4.272  1.00   25.39 ? 266  ARG A CA  1 
ATOM   1017 C C   . ARG A 1 119 ? 16.318  -0.886  -3.964  1.00   26.17 ? 266  ARG A C   1 
ATOM   1018 O O   . ARG A 1 119 ? 17.258  -1.044  -3.171  1.00   25.00 ? 266  ARG A O   1 
ATOM   1019 C CB  . ARG A 1 119 ? 14.546  0.788   -3.359  1.00   25.63 ? 266  ARG A CB  1 
ATOM   1020 C CG  . ARG A 1 119 ? 14.136  2.307   -3.263  1.00   28.20 ? 266  ARG A CG  1 
ATOM   1021 C CD  . ARG A 1 119 ? 15.061  3.140   -2.363  1.00   31.96 ? 266  ARG A CD  1 
ATOM   1022 N NE  . ARG A 1 119 ? 15.090  2.634   -0.971  1.00   35.91 ? 266  ARG A NE  1 
ATOM   1023 C CZ  . ARG A 1 119 ? 14.173  2.882   -0.028  1.00   35.57 ? 266  ARG A CZ  1 
ATOM   1024 N NH1 . ARG A 1 119 ? 13.111  3.632   -0.269  1.00   30.99 ? 266  ARG A NH1 1 
ATOM   1025 N NH2 . ARG A 1 119 ? 14.318  2.354   1.190   1.00   36.15 ? 266  ARG A NH2 1 
ATOM   1026 N N   . ALA A 1 120 ? 15.710  -1.885  -4.582  1.00   26.15 ? 267  ALA A N   1 
ATOM   1027 C CA  . ALA A 1 120 ? 16.148  -3.272  -4.468  1.00   29.08 ? 267  ALA A CA  1 
ATOM   1028 C C   . ALA A 1 120 ? 17.580  -3.444  -4.973  1.00   30.45 ? 267  ALA A C   1 
ATOM   1029 O O   . ALA A 1 120 ? 18.442  -4.043  -4.293  1.00   30.81 ? 267  ALA A O   1 
ATOM   1030 C CB  . ALA A 1 120 ? 15.185  -4.203  -5.255  1.00   28.32 ? 267  ALA A CB  1 
ATOM   1031 N N   . LYS A 1 121 ? 17.822  -2.934  -6.166  1.00   32.04 ? 268  LYS A N   1 
ATOM   1032 C CA  . LYS A 1 121 ? 19.149  -3.016  -6.795  1.00   34.50 ? 268  LYS A CA  1 
ATOM   1033 C C   . LYS A 1 121 ? 20.219  -2.347  -5.938  1.00   35.36 ? 268  LYS A C   1 
ATOM   1034 O O   . LYS A 1 121 ? 21.345  -2.847  -5.808  1.00   34.86 ? 268  LYS A O   1 
ATOM   1035 C CB  . LYS A 1 121 ? 19.130  -2.411  -8.203  1.00   34.47 ? 268  LYS A CB  1 
ATOM   1036 C CG  . LYS A 1 121 ? 18.547  -3.336  -9.281  1.00   38.42 ? 268  LYS A CG  1 
ATOM   1037 C CD  . LYS A 1 121 ? 18.002  -2.533  -10.477 1.00   41.78 ? 268  LYS A CD  1 
ATOM   1038 C CE  . LYS A 1 121 ? 17.153  -3.375  -11.456 1.00   42.13 ? 268  LYS A CE  1 
ATOM   1039 N NZ  . LYS A 1 121 ? 18.006  -4.056  -12.484 1.00   47.14 ? 268  LYS A NZ  1 
ATOM   1040 N N   . LEU A 1 122 ? 19.858  -1.223  -5.326  1.00   36.50 ? 269  LEU A N   1 
ATOM   1041 C CA  . LEU A 1 122 ? 20.746  -0.496  -4.439  1.00   37.51 ? 269  LEU A CA  1 
ATOM   1042 C C   . LEU A 1 122 ? 21.138  -1.293  -3.191  1.00   38.28 ? 269  LEU A C   1 
ATOM   1043 O O   . LEU A 1 122 ? 22.242  -1.153  -2.689  1.00   36.67 ? 269  LEU A O   1 
ATOM   1044 C CB  . LEU A 1 122 ? 20.056  0.817   -4.017  1.00   38.35 ? 269  LEU A CB  1 
ATOM   1045 C CG  . LEU A 1 122 ? 20.632  2.205   -4.241  1.00   39.55 ? 269  LEU A CG  1 
ATOM   1046 C CD1 . LEU A 1 122 ? 19.977  3.108   -3.193  1.00   37.10 ? 269  LEU A CD1 1 
ATOM   1047 C CD2 . LEU A 1 122 ? 22.166  2.248   -4.169  1.00   39.36 ? 269  LEU A CD2 1 
ATOM   1048 N N   . ARG A 1 123 ? 20.241  -2.140  -2.692  1.00   40.01 ? 270  ARG A N   1 
ATOM   1049 C CA  . ARG A 1 123 ? 20.535  -2.957  -1.508  1.00   42.34 ? 270  ARG A CA  1 
ATOM   1050 C C   . ARG A 1 123 ? 21.653  -3.995  -1.745  1.00   43.66 ? 270  ARG A C   1 
ATOM   1051 O O   . ARG A 1 123 ? 22.397  -4.323  -0.821  1.00   43.77 ? 270  ARG A O   1 
ATOM   1052 C CB  . ARG A 1 123 ? 19.249  -3.541  -0.874  1.00   42.30 ? 270  ARG A CB  1 
ATOM   1053 C CG  . ARG A 1 123 ? 18.728  -2.586  0.230   1.00   43.30 ? 270  ARG A CG  1 
ATOM   1054 C CD  . ARG A 1 123 ? 17.289  -2.756  0.705   1.00   44.46 ? 270  ARG A CD  1 
ATOM   1055 N NE  . ARG A 1 123 ? 16.942  -4.119  1.141   1.00   47.73 ? 270  ARG A NE  1 
ATOM   1056 C CZ  . ARG A 1 123 ? 15.826  -4.431  1.799   1.00   46.01 ? 270  ARG A CZ  1 
ATOM   1057 N NH1 . ARG A 1 123 ? 14.949  -3.482  2.108   1.00   48.33 ? 270  ARG A NH1 1 
ATOM   1058 N NH2 . ARG A 1 123 ? 15.579  -5.693  2.146   1.00   47.33 ? 270  ARG A NH2 1 
ATOM   1059 N N   . ILE A 1 124 ? 21.808  -4.438  -2.991  1.00   45.12 ? 271  ILE A N   1 
ATOM   1060 C CA  . ILE A 1 124 ? 22.845  -5.420  -3.368  1.00   47.09 ? 271  ILE A CA  1 
ATOM   1061 C C   . ILE A 1 124 ? 24.150  -4.806  -3.886  1.00   48.51 ? 271  ILE A C   1 
ATOM   1062 O O   . ILE A 1 124 ? 25.201  -5.454  -3.873  1.00   49.45 ? 271  ILE A O   1 
ATOM   1063 C CB  . ILE A 1 124 ? 22.307  -6.555  -4.283  1.00   47.04 ? 271  ILE A CB  1 
ATOM   1064 C CG1 . ILE A 1 124 ? 21.662  -5.988  -5.551  1.00   47.89 ? 271  ILE A CG1 1 
ATOM   1065 C CG2 . ILE A 1 124 ? 21.335  -7.426  -3.488  1.00   46.11 ? 271  ILE A CG2 1 
ATOM   1066 C CD1 . ILE A 1 124 ? 21.527  -6.973  -6.730  1.00   47.51 ? 271  ILE A CD1 1 
ATOM   1067 N N   . GLU A 1 125 ? 24.088  -3.558  -4.334  1.00   49.91 ? 272  GLU A N   1 
ATOM   1068 C CA  . GLU A 1 125 ? 25.290  -2.749  -4.439  1.00   51.07 ? 272  GLU A CA  1 
ATOM   1069 C C   . GLU A 1 125 ? 25.639  -2.317  -3.014  1.00   51.43 ? 272  GLU A C   1 
ATOM   1070 O O   . GLU A 1 125 ? 26.748  -1.867  -2.744  1.00   52.07 ? 272  GLU A O   1 
ATOM   1071 C CB  . GLU A 1 125 ? 25.034  -1.527  -5.307  1.00   51.74 ? 272  GLU A CB  1 
ATOM   1072 C CG  . GLU A 1 125 ? 24.510  -1.858  -6.698  1.00   52.38 ? 272  GLU A CG  1 
ATOM   1073 C CD  . GLU A 1 125 ? 23.924  -0.636  -7.393  1.00   53.91 ? 272  GLU A CD  1 
ATOM   1074 O OE1 . GLU A 1 125 ? 23.847  0.454   -6.764  1.00   55.10 ? 272  GLU A OE1 1 
ATOM   1075 O OE2 . GLU A 1 125 ? 23.541  -0.772  -8.575  1.00   54.89 ? 272  GLU A OE2 1 
ATOM   1076 N N   . LYS A 1 126 ? 24.754  -2.188  -2.381  0.0000 64.53 ? 273  LYS A N   1 
ATOM   1077 C CA  . LYS A 1 126 ? 25.016  -1.731  -1.008  0.0000 66.38 ? 273  LYS A CA  1 
ATOM   1078 C C   . LYS A 1 126 ? 26.231  -2.455  -0.450  0.0000 67.40 ? 273  LYS A C   1 
ATOM   1079 O O   . LYS A 1 126 ? 27.016  -1.896  0.334   0.0000 67.46 ? 273  LYS A O   1 
ATOM   1080 C CB  . LYS A 1 126 ? 23.769  -1.975  -0.137  0.0000 66.51 ? 273  LYS A CB  1 
ATOM   1081 C CG  . LYS A 1 126 ? 23.999  -2.212  1.348   0.0000 66.86 ? 273  LYS A CG  1 
ATOM   1082 C CD  . LYS A 1 126 ? 24.275  -0.909  2.071   0.0000 67.61 ? 273  LYS A CD  1 
ATOM   1083 C CE  . LYS A 1 126 ? 24.200  -1.104  3.560   0.0000 67.07 ? 273  LYS A CE  1 
ATOM   1084 N NZ  . LYS A 1 126 ? 23.655  0.122   4.200   0.0000 67.98 ? 273  LYS A NZ  1 
ATOM   1085 N N   . ALA A 1 127 ? 26.368  -3.708  -0.883  0.0000 68.54 ? 274  ALA A N   1 
ATOM   1086 C CA  . ALA A 1 127 ? 27.541  -4.514  -0.612  0.0000 69.49 ? 274  ALA A CA  1 
ATOM   1087 C C   . ALA A 1 127 ? 27.828  -5.539  -1.733  0.0000 70.33 ? 274  ALA A C   1 
ATOM   1088 O O   . ALA A 1 127 ? 28.506  -6.544  -1.490  0.0000 70.42 ? 274  ALA A O   1 
ATOM   1089 C CB  . ALA A 1 127 ? 27.397  -5.186  0.736   0.0000 69.20 ? 274  ALA A CB  1 
ATOM   1090 N N   . MET A 1 128 ? 27.326  -5.287  -2.953  0.0000 71.28 ? 275  MET A N   1 
ATOM   1091 C CA  . MET A 1 128 ? 27.645  -6.150  -4.112  0.0000 72.31 ? 275  MET A CA  1 
ATOM   1092 C C   . MET A 1 128 ? 29.148  -6.246  -4.264  0.0000 72.46 ? 275  MET A C   1 
ATOM   1093 O O   . MET A 1 128 ? 29.724  -7.305  -4.020  0.0000 72.43 ? 275  MET A O   1 
ATOM   1094 C CB  . MET A 1 128 ? 27.039  -5.646  -5.433  0.0000 72.52 ? 275  MET A CB  1 
ATOM   1095 C CG  . MET A 1 128 ? 26.533  -6.778  -6.346  0.0000 72.96 ? 275  MET A CG  1 
ATOM   1096 S SD  . MET A 1 128 ? 26.402  -6.385  -8.109  0.0000 73.39 ? 275  MET A SD  1 
ATOM   1097 C CE  . MET A 1 128 ? 27.829  -7.215  -8.818  0.0000 72.72 ? 275  MET A CE  1 
ATOM   1098 N N   . LYS A 1 129 ? 29.766  -5.127  -4.647  0.0000 72.42 ? 276  LYS A N   1 
ATOM   1099 C CA  . LYS A 1 129 ? 31.215  -5.024  -4.828  0.0000 72.29 ? 276  LYS A CA  1 
ATOM   1100 C C   . LYS A 1 129 ? 31.948  -5.202  -3.501  0.0000 71.88 ? 276  LYS A C   1 
ATOM   1101 O O   . LYS A 1 129 ? 32.132  -6.318  -3.042  0.0000 70.91 ? 276  LYS A O   1 
ATOM   1102 C CB  . LYS A 1 129 ? 31.571  -3.673  -5.450  0.0000 72.37 ? 276  LYS A CB  1 
ATOM   1103 C CG  . LYS A 1 129 ? 30.994  -2.485  -4.688  0.0000 72.87 ? 276  LYS A CG  1 
ATOM   1104 C CD  . LYS A 1 129 ? 30.497  -1.404  -5.634  0.0000 73.57 ? 276  LYS A CD  1 
ATOM   1105 C CE  . LYS A 1 129 ? 29.132  -0.892  -5.199  0.0000 73.68 ? 276  LYS A CE  1 
ATOM   1106 N NZ  . LYS A 1 129 ? 29.099  -0.531  -3.756  0.0000 74.15 ? 276  LYS A NZ  1 
HETATM 1107 O O   . HOH B 2 .   ? 0.638   -10.087 13.988  1.00   38.70 ? 2001 HOH A O   1 
HETATM 1108 O O   . HOH B 2 .   ? -10.121 -10.713 4.020   1.00   31.35 ? 2002 HOH A O   1 
HETATM 1109 O O   . HOH B 2 .   ? -8.614  -4.124  -7.511  1.00   38.44 ? 2003 HOH A O   1 
HETATM 1110 O O   . HOH B 2 .   ? -15.189 -10.312 -2.602  1.00   47.13 ? 2004 HOH A O   1 
HETATM 1111 O O   . HOH B 2 .   ? -14.461 -13.850 -3.802  1.00   36.63 ? 2005 HOH A O   1 
HETATM 1112 O O   . HOH B 2 .   ? -11.070 -1.545  -11.035 1.00   47.20 ? 2006 HOH A O   1 
HETATM 1113 O O   . HOH B 2 .   ? -14.673 -5.056  -5.414  1.00   28.29 ? 2007 HOH A O   1 
HETATM 1114 O O   . HOH B 2 .   ? -15.093 -1.139  -2.332  1.00   39.04 ? 2008 HOH A O   1 
HETATM 1115 O O   . HOH B 2 .   ? -16.824 -3.565  1.071   1.00   42.85 ? 2009 HOH A O   1 
HETATM 1116 O O   . HOH B 2 .   ? -11.974 -8.772  3.077   1.00   36.01 ? 2010 HOH A O   1 
HETATM 1117 O O   . HOH B 2 .   ? -7.459  -3.161  -3.180  1.00   19.83 ? 2011 HOH A O   1 
HETATM 1118 O O   . HOH B 2 .   ? -17.106 -2.601  3.979   1.00   47.55 ? 2012 HOH A O   1 
HETATM 1119 O O   . HOH B 2 .   ? -16.865 2.747   -0.802  1.00   42.69 ? 2013 HOH A O   1 
HETATM 1120 O O   . HOH B 2 .   ? -7.299  -10.697 10.385  1.00   34.59 ? 2014 HOH A O   1 
HETATM 1121 O O   . HOH B 2 .   ? -15.058 0.554   10.891  1.00   44.60 ? 2015 HOH A O   1 
HETATM 1122 O O   . HOH B 2 .   ? -13.616 -6.596  13.403  1.00   41.03 ? 2016 HOH A O   1 
HETATM 1123 O O   . HOH B 2 .   ? -10.648 -9.109  10.100  1.00   34.89 ? 2017 HOH A O   1 
HETATM 1124 O O   . HOH B 2 .   ? -12.263 -1.808  13.231  1.00   35.76 ? 2018 HOH A O   1 
HETATM 1125 O O   . HOH B 2 .   ? -10.050 -1.836  15.006  1.00   34.11 ? 2019 HOH A O   1 
HETATM 1126 O O   . HOH B 2 .   ? -1.322  7.740   10.291  1.00   38.09 ? 2020 HOH A O   1 
HETATM 1127 O O   . HOH B 2 .   ? 5.799   9.647   6.477   1.00   61.63 ? 2021 HOH A O   1 
HETATM 1128 O O   . HOH B 2 .   ? 6.102   0.924   9.945   1.00   37.32 ? 2022 HOH A O   1 
HETATM 1129 O O   . HOH B 2 .   ? 7.540   4.331   3.753   1.00   29.86 ? 2023 HOH A O   1 
HETATM 1130 O O   . HOH B 2 .   ? 8.823   2.577   5.120   1.00   39.02 ? 2024 HOH A O   1 
HETATM 1131 O O   . HOH B 2 .   ? 7.762   -0.926  9.216   1.00   48.82 ? 2025 HOH A O   1 
HETATM 1132 O O   . HOH B 2 .   ? 8.365   -4.360  6.410   1.00   32.95 ? 2026 HOH A O   1 
HETATM 1133 O O   . HOH B 2 .   ? 9.764   -6.423  -10.396 1.00   29.15 ? 2027 HOH A O   1 
HETATM 1134 O O   . HOH B 2 .   ? 12.729  -6.639  -12.057 1.00   46.02 ? 2028 HOH A O   1 
HETATM 1135 O O   . HOH B 2 .   ? -10.681 -12.775 6.734   1.00   46.88 ? 2029 HOH A O   1 
HETATM 1136 O O   . HOH B 2 .   ? 13.008  -16.120 -0.235  1.00   58.09 ? 2030 HOH A O   1 
HETATM 1137 O O   . HOH B 2 .   ? -18.729 -2.471  -0.215  1.00   56.02 ? 2031 HOH A O   1 
HETATM 1138 O O   . HOH B 2 .   ? -17.865 -3.934  6.218   1.00   63.68 ? 2032 HOH A O   1 
HETATM 1139 O O   . HOH B 2 .   ? 8.353   -13.297 -9.852  1.00   38.76 ? 2033 HOH A O   1 
HETATM 1140 O O   . HOH B 2 .   ? 0.842   -3.957  -9.206  1.00   29.93 ? 2034 HOH A O   1 
HETATM 1141 O O   . HOH B 2 .   ? 6.493   -9.993  -11.896 1.00   54.10 ? 2035 HOH A O   1 
HETATM 1142 O O   . HOH B 2 .   ? 2.208   -9.970  -9.814  1.00   31.14 ? 2036 HOH A O   1 
HETATM 1143 O O   . HOH B 2 .   ? -6.493  -1.929  -9.436  1.00   27.97 ? 2037 HOH A O   1 
HETATM 1144 O O   . HOH B 2 .   ? 1.429   7.054   -3.235  1.00   35.61 ? 2038 HOH A O   1 
HETATM 1145 O O   . HOH B 2 .   ? -5.513  10.121  -2.493  1.00   30.19 ? 2039 HOH A O   1 
HETATM 1146 O O   . HOH B 2 .   ? -6.270  12.879  -2.419  1.00   43.54 ? 2040 HOH A O   1 
HETATM 1147 O O   . HOH B 2 .   ? -3.548  10.774  6.738   1.00   34.43 ? 2041 HOH A O   1 
HETATM 1148 O O   . HOH B 2 .   ? -4.478  14.634  -2.511  1.00   54.61 ? 2042 HOH A O   1 
HETATM 1149 O O   . HOH B 2 .   ? -7.051  20.039  -0.611  1.00   45.15 ? 2043 HOH A O   1 
HETATM 1150 O O   . HOH B 2 .   ? -4.134  11.103  11.304  1.00   47.32 ? 2044 HOH A O   1 
HETATM 1151 O O   . HOH B 2 .   ? -14.465 4.559   10.097  1.00   42.23 ? 2045 HOH A O   1 
HETATM 1152 O O   . HOH B 2 .   ? -2.609  6.689   13.964  1.00   59.10 ? 2046 HOH A O   1 
HETATM 1153 O O   . HOH B 2 .   ? -1.006  1.210   -15.099 1.00   44.61 ? 2047 HOH A O   1 
HETATM 1154 O O   . HOH B 2 .   ? 6.986   2.252   -15.466 1.00   39.93 ? 2048 HOH A O   1 
HETATM 1155 O O   . HOH B 2 .   ? -17.776 7.042   0.061   1.00   39.86 ? 2049 HOH A O   1 
HETATM 1156 O O   . HOH B 2 .   ? -13.174 4.359   -12.090 1.00   30.74 ? 2050 HOH A O   1 
HETATM 1157 O O   . HOH B 2 .   ? -14.393 0.872   -11.846 1.00   43.36 ? 2051 HOH A O   1 
HETATM 1158 O O   . HOH B 2 .   ? -5.234  11.503  -13.511 1.00   46.54 ? 2052 HOH A O   1 
HETATM 1159 O O   . HOH B 2 .   ? -5.604  9.976   -8.745  1.00   26.97 ? 2053 HOH A O   1 
HETATM 1160 O O   . HOH B 2 .   ? -11.672 6.992   -10.987 1.00   27.29 ? 2054 HOH A O   1 
HETATM 1161 O O   . HOH B 2 .   ? -4.810  3.790   -16.125 1.00   38.82 ? 2055 HOH A O   1 
HETATM 1162 O O   . HOH B 2 .   ? -7.590  0.186   -14.504 1.00   51.71 ? 2056 HOH A O   1 
HETATM 1163 O O   . HOH B 2 .   ? -4.186  -1.361  -11.309 1.00   52.40 ? 2057 HOH A O   1 
HETATM 1164 O O   . HOH B 2 .   ? -7.049  0.350   -10.840 1.00   34.59 ? 2058 HOH A O   1 
HETATM 1165 O O   . HOH B 2 .   ? 3.782   5.897   -14.079 1.00   26.53 ? 2059 HOH A O   1 
HETATM 1166 O O   . HOH B 2 .   ? -0.331  3.746   -15.696 1.00   53.74 ? 2060 HOH A O   1 
HETATM 1167 O O   . HOH B 2 .   ? 2.356   4.567   -15.957 1.00   45.19 ? 2061 HOH A O   1 
HETATM 1168 O O   . HOH B 2 .   ? -2.511  5.088   -15.795 1.00   46.80 ? 2062 HOH A O   1 
HETATM 1169 O O   . HOH B 2 .   ? -1.038  10.975  -13.554 1.00   58.89 ? 2063 HOH A O   1 
HETATM 1170 O O   . HOH B 2 .   ? 4.245   6.735   -7.160  1.00   36.72 ? 2064 HOH A O   1 
HETATM 1171 O O   . HOH B 2 .   ? -0.939  0.067   -12.731 1.00   32.25 ? 2065 HOH A O   1 
HETATM 1172 O O   . HOH B 2 .   ? 6.265   -0.205  -12.987 1.00   29.30 ? 2066 HOH A O   1 
HETATM 1173 O O   . HOH B 2 .   ? 1.013   -4.818  -12.499 1.00   45.56 ? 2067 HOH A O   1 
HETATM 1174 O O   . HOH B 2 .   ? 13.660  0.795   -11.640 1.00   32.23 ? 2068 HOH A O   1 
HETATM 1175 O O   . HOH B 2 .   ? 13.090  2.450   -16.137 1.00   27.48 ? 2069 HOH A O   1 
HETATM 1176 O O   . HOH B 2 .   ? 15.271  -4.752  -8.821  1.00   28.45 ? 2070 HOH A O   1 
HETATM 1177 O O   . HOH B 2 .   ? 11.383  4.759   2.028   1.00   43.71 ? 2071 HOH A O   1 
HETATM 1178 O O   . HOH B 2 .   ? 11.986  2.242   3.455   1.00   48.78 ? 2072 HOH A O   1 
HETATM 1179 O O   . HOH B 2 .   ? 17.409  0.231   -0.892  1.00   34.98 ? 2073 HOH A O   1 
HETATM 1180 O O   . HOH B 2 .   ? 31.597  -6.072  -3.188  1.00   29.99 ? 2074 HOH A O   1 
# 
loop_
_pdbx_poly_seq_scheme.asym_id 
_pdbx_poly_seq_scheme.entity_id 
_pdbx_poly_seq_scheme.seq_id 
_pdbx_poly_seq_scheme.mon_id 
_pdbx_poly_seq_scheme.ndb_seq_num 
_pdbx_poly_seq_scheme.pdb_seq_num 
_pdbx_poly_seq_scheme.auth_seq_num 
_pdbx_poly_seq_scheme.pdb_mon_id 
_pdbx_poly_seq_scheme.auth_mon_id 
_pdbx_poly_seq_scheme.pdb_strand_id 
_pdbx_poly_seq_scheme.pdb_ins_code 
_pdbx_poly_seq_scheme.hetero 
A 1 1   HIS 1   148 148 HIS HIS A . n 
A 1 2   LYS 2   149 149 LYS LYS A . n 
A 1 3   THR 3   150 150 THR THR A . n 
A 1 4   PHE 4   151 151 PHE PHE A . n 
A 1 5   VAL 5   152 152 VAL VAL A . n 
A 1 6   GLU 6   153 153 GLU GLU A . n 
A 1 7   LYS 7   154 154 LYS LYS A . n 
A 1 8   TYR 8   155 155 TYR TYR A . n 
A 1 9   GLU 9   156 156 GLU GLU A . n 
A 1 10  LYS 10  157 157 LYS LYS A . n 
A 1 11  GLN 11  158 158 GLN GLN A . n 
A 1 12  ILE 12  159 159 ILE ILE A . n 
A 1 13  LYS 13  160 160 LYS LYS A . n 
A 1 14  HIS 14  161 161 HIS HIS A . n 
A 1 15  PHE 15  162 162 PHE PHE A . n 
A 1 16  GLY 16  163 163 GLY GLY A . n 
A 1 17  MET 17  164 164 MET MET A . n 
A 1 18  LEU 18  165 165 LEU LEU A . n 
A 1 19  ARG 19  166 166 ARG ARG A . n 
A 1 20  ARG 20  167 167 ARG ARG A . n 
A 1 21  TRP 21  168 168 TRP TRP A . n 
A 1 22  ASP 22  169 169 ASP ASP A . n 
A 1 23  ASP 23  170 170 ASP ASP A . n 
A 1 24  SER 24  171 171 SER SER A . n 
A 1 25  GLN 25  172 172 GLN GLN A . n 
A 1 26  LYS 26  173 173 LYS LYS A . n 
A 1 27  TYR 27  174 174 TYR TYR A . n 
A 1 28  LEU 28  175 175 LEU LEU A . n 
A 1 29  SER 29  176 176 SER SER A . n 
A 1 30  ASP 30  177 177 ASP ASP A . n 
A 1 31  ASN 31  178 178 ASN ASN A . n 
A 1 32  VAL 32  179 179 VAL VAL A . n 
A 1 33  HIS 33  180 180 HIS HIS A . n 
A 1 34  LEU 34  181 181 LEU LEU A . n 
A 1 35  VAL 35  182 182 VAL VAL A . n 
A 1 36  CYS 36  183 183 CYS CYS A . n 
A 1 37  GLU 37  184 184 GLU GLU A . n 
A 1 38  GLU 38  185 185 GLU GLU A . n 
A 1 39  THR 39  186 186 THR THR A . n 
A 1 40  ALA 40  187 187 ALA ALA A . n 
A 1 41  ASN 41  188 188 ASN ASN A . n 
A 1 42  TYR 42  189 189 TYR TYR A . n 
A 1 43  LEU 43  190 190 LEU LEU A . n 
A 1 44  VAL 44  191 191 VAL VAL A . n 
A 1 45  ILE 45  192 192 ILE ILE A . n 
A 1 46  TRP 46  193 193 TRP TRP A . n 
A 1 47  CYS 47  194 194 CYS CYS A . n 
A 1 48  ILE 48  195 195 ILE ILE A . n 
A 1 49  ASP 49  196 196 ASP ASP A . n 
A 1 50  LEU 50  197 197 LEU LEU A . n 
A 1 51  GLU 51  198 198 GLU GLU A . n 
A 1 52  VAL 52  199 199 VAL VAL A . n 
A 1 53  GLU 53  200 200 GLU GLU A . n 
A 1 54  GLU 54  201 201 GLU GLU A . n 
A 1 55  LYS 55  202 202 LYS LYS A . n 
A 1 56  CYS 56  203 203 CYS CYS A . n 
A 1 57  ALA 57  204 204 ALA ALA A . n 
A 1 58  LEU 58  205 205 LEU LEU A . n 
A 1 59  MET 59  206 206 MET MET A . n 
A 1 60  GLU 60  207 207 GLU GLU A . n 
A 1 61  GLN 61  208 208 GLN GLN A . n 
A 1 62  VAL 62  209 209 VAL VAL A . n 
A 1 63  ALA 63  210 210 ALA ALA A . n 
A 1 64  HIS 64  211 211 HIS HIS A . n 
A 1 65  GLN 65  212 212 GLN GLN A . n 
A 1 66  THR 66  213 213 THR THR A . n 
A 1 67  ILE 67  214 214 ILE ILE A . n 
A 1 68  VAL 68  215 215 VAL VAL A . n 
A 1 69  MET 69  216 216 MET MET A . n 
A 1 70  GLN 70  217 217 GLN GLN A . n 
A 1 71  PHE 71  218 218 PHE PHE A . n 
A 1 72  ILE 72  219 219 ILE ILE A . n 
A 1 73  LEU 73  220 220 LEU LEU A . n 
A 1 74  GLU 74  221 221 GLU GLU A . n 
A 1 75  LEU 75  222 222 LEU LEU A . n 
A 1 76  ALA 76  223 223 ALA ALA A . n 
A 1 77  LYS 77  224 224 LYS LYS A . n 
A 1 78  SER 78  225 225 SER SER A . n 
A 1 79  LEU 79  226 226 LEU LEU A . n 
A 1 80  LYS 80  227 227 LYS LYS A . n 
A 1 81  VAL 81  228 228 VAL VAL A . n 
A 1 82  ASP 82  229 229 ASP ASP A . n 
A 1 83  PRO 83  230 230 PRO PRO A . n 
A 1 84  ARG 84  231 231 ARG ARG A . n 
A 1 85  ALA 85  232 232 ALA ALA A . n 
A 1 86  CYS 86  233 233 CYS CYS A . n 
A 1 87  PHE 87  234 234 PHE PHE A . n 
A 1 88  ARG 88  235 235 ARG ARG A . n 
A 1 89  GLN 89  236 236 GLN GLN A . n 
A 1 90  PHE 90  237 237 PHE PHE A . n 
A 1 91  PHE 91  238 238 PHE PHE A . n 
A 1 92  THR 92  239 239 THR THR A . n 
A 1 93  LYS 93  240 240 LYS LYS A . n 
A 1 94  ILE 94  241 241 ILE ILE A . n 
A 1 95  LYS 95  242 242 LYS LYS A . n 
A 1 96  THR 96  243 243 THR THR A . n 
A 1 97  ALA 97  244 244 ALA ALA A . n 
A 1 98  ASP 98  245 245 ASP ASP A . n 
A 1 99  ARG 99  246 246 ARG ARG A . n 
A 1 100 GLN 100 247 247 GLN GLN A . n 
A 1 101 TYR 101 248 248 TYR TYR A . n 
A 1 102 MET 102 249 249 MET MET A . n 
A 1 103 GLU 103 250 250 GLU GLU A . n 
A 1 104 GLY 104 251 251 GLY GLY A . n 
A 1 105 PHE 105 252 252 PHE PHE A . n 
A 1 106 ASN 106 253 253 ASN ASN A . n 
A 1 107 ASP 107 254 254 ASP ASP A . n 
A 1 108 GLU 108 255 255 GLU GLU A . n 
A 1 109 LEU 109 256 256 LEU LEU A . n 
A 1 110 GLU 110 257 257 GLU GLU A . n 
A 1 111 ALA 111 258 258 ALA ALA A . n 
A 1 112 PHE 112 259 259 PHE PHE A . n 
A 1 113 LYS 113 260 260 LYS LYS A . n 
A 1 114 GLU 114 261 261 GLU GLU A . n 
A 1 115 ARG 115 262 262 ARG ARG A . n 
A 1 116 VAL 116 263 263 VAL VAL A . n 
A 1 117 ARG 117 264 264 ARG ARG A . n 
A 1 118 GLY 118 265 265 GLY GLY A . n 
A 1 119 ARG 119 266 266 ARG ARG A . n 
A 1 120 ALA 120 267 267 ALA ALA A . n 
A 1 121 LYS 121 268 268 LYS LYS A . n 
A 1 122 LEU 122 269 269 LEU LEU A . n 
A 1 123 ARG 123 270 270 ARG ARG A . n 
A 1 124 ILE 124 271 271 ILE ILE A . n 
A 1 125 GLU 125 272 272 GLU GLU A . n 
A 1 126 LYS 126 273 273 LYS LYS A . n 
A 1 127 ALA 127 274 274 ALA ALA A . n 
A 1 128 MET 128 275 275 MET MET A . n 
A 1 129 LYS 129 276 276 LYS LYS A . n 
# 
loop_
_pdbx_nonpoly_scheme.asym_id 
_pdbx_nonpoly_scheme.entity_id 
_pdbx_nonpoly_scheme.mon_id 
_pdbx_nonpoly_scheme.ndb_seq_num 
_pdbx_nonpoly_scheme.pdb_seq_num 
_pdbx_nonpoly_scheme.auth_seq_num 
_pdbx_nonpoly_scheme.pdb_mon_id 
_pdbx_nonpoly_scheme.auth_mon_id 
_pdbx_nonpoly_scheme.pdb_strand_id 
_pdbx_nonpoly_scheme.pdb_ins_code 
B 2 HOH 1  2001 2001 HOH HOH A . 
B 2 HOH 2  2002 2002 HOH HOH A . 
B 2 HOH 3  2003 2003 HOH HOH A . 
B 2 HOH 4  2004 2004 HOH HOH A . 
B 2 HOH 5  2005 2005 HOH HOH A . 
B 2 HOH 6  2006 2006 HOH HOH A . 
B 2 HOH 7  2007 2007 HOH HOH A . 
B 2 HOH 8  2008 2008 HOH HOH A . 
B 2 HOH 9  2009 2009 HOH HOH A . 
B 2 HOH 10 2010 2010 HOH HOH A . 
B 2 HOH 11 2011 2011 HOH HOH A . 
B 2 HOH 12 2012 2012 HOH HOH A . 
B 2 HOH 13 2013 2013 HOH HOH A . 
B 2 HOH 14 2014 2014 HOH HOH A . 
B 2 HOH 15 2015 2015 HOH HOH A . 
B 2 HOH 16 2016 2016 HOH HOH A . 
B 2 HOH 17 2017 2017 HOH HOH A . 
B 2 HOH 18 2018 2018 HOH HOH A . 
B 2 HOH 19 2019 2019 HOH HOH A . 
B 2 HOH 20 2020 2020 HOH HOH A . 
B 2 HOH 21 2021 2021 HOH HOH A . 
B 2 HOH 22 2022 2022 HOH HOH A . 
B 2 HOH 23 2023 2023 HOH HOH A . 
B 2 HOH 24 2024 2024 HOH HOH A . 
B 2 HOH 25 2025 2025 HOH HOH A . 
B 2 HOH 26 2026 2026 HOH HOH A . 
B 2 HOH 27 2027 2027 HOH HOH A . 
B 2 HOH 28 2028 2028 HOH HOH A . 
B 2 HOH 29 2029 2029 HOH HOH A . 
B 2 HOH 30 2030 2030 HOH HOH A . 
B 2 HOH 31 2031 2031 HOH HOH A . 
B 2 HOH 32 2032 2032 HOH HOH A . 
B 2 HOH 33 2033 2033 HOH HOH A . 
B 2 HOH 34 2034 2034 HOH HOH A . 
B 2 HOH 35 2035 2035 HOH HOH A . 
B 2 HOH 36 2036 2036 HOH HOH A . 
B 2 HOH 37 2037 2037 HOH HOH A . 
B 2 HOH 38 2038 2038 HOH HOH A . 
B 2 HOH 39 2039 2039 HOH HOH A . 
B 2 HOH 40 2040 2040 HOH HOH A . 
B 2 HOH 41 2041 2041 HOH HOH A . 
B 2 HOH 42 2042 2042 HOH HOH A . 
B 2 HOH 43 2043 2043 HOH HOH A . 
B 2 HOH 44 2044 2044 HOH HOH A . 
B 2 HOH 45 2045 2045 HOH HOH A . 
B 2 HOH 46 2046 2046 HOH HOH A . 
B 2 HOH 47 2047 2047 HOH HOH A . 
B 2 HOH 48 2048 2048 HOH HOH A . 
B 2 HOH 49 2049 2049 HOH HOH A . 
B 2 HOH 50 2050 2050 HOH HOH A . 
B 2 HOH 51 2051 2051 HOH HOH A . 
B 2 HOH 52 2052 2052 HOH HOH A . 
B 2 HOH 53 2053 2053 HOH HOH A . 
B 2 HOH 54 2054 2054 HOH HOH A . 
B 2 HOH 55 2055 2055 HOH HOH A . 
B 2 HOH 56 2056 2056 HOH HOH A . 
B 2 HOH 57 2057 2057 HOH HOH A . 
B 2 HOH 58 2058 2058 HOH HOH A . 
B 2 HOH 59 2059 2059 HOH HOH A . 
B 2 HOH 60 2060 2060 HOH HOH A . 
B 2 HOH 61 2061 2061 HOH HOH A . 
B 2 HOH 62 2062 2062 HOH HOH A . 
B 2 HOH 63 2063 2063 HOH HOH A . 
B 2 HOH 64 2064 2064 HOH HOH A . 
B 2 HOH 65 2065 2065 HOH HOH A . 
B 2 HOH 66 2066 2066 HOH HOH A . 
B 2 HOH 67 2067 2067 HOH HOH A . 
B 2 HOH 68 2068 2068 HOH HOH A . 
B 2 HOH 69 2069 2069 HOH HOH A . 
B 2 HOH 70 2070 2070 HOH HOH A . 
B 2 HOH 71 2071 2071 HOH HOH A . 
B 2 HOH 72 2072 2072 HOH HOH A . 
B 2 HOH 73 2073 2073 HOH HOH A . 
B 2 HOH 74 2074 2074 HOH HOH A . 
# 
_pdbx_struct_assembly.id                   1 
_pdbx_struct_assembly.details              author_and_software_defined_assembly 
_pdbx_struct_assembly.method_details       PQS 
_pdbx_struct_assembly.oligomeric_details   monomeric 
_pdbx_struct_assembly.oligomeric_count     1 
# 
_pdbx_struct_assembly_gen.assembly_id       1 
_pdbx_struct_assembly_gen.oper_expression   1 
_pdbx_struct_assembly_gen.asym_id_list      A,B 
# 
_pdbx_struct_oper_list.id                   1 
_pdbx_struct_oper_list.type                 'identity operation' 
_pdbx_struct_oper_list.name                 1_555 
_pdbx_struct_oper_list.symmetry_operation   x,y,z 
_pdbx_struct_oper_list.matrix[1][1]         1.0000000000 
_pdbx_struct_oper_list.matrix[1][2]         0.0000000000 
_pdbx_struct_oper_list.matrix[1][3]         0.0000000000 
_pdbx_struct_oper_list.vector[1]            0.0000000000 
_pdbx_struct_oper_list.matrix[2][1]         0.0000000000 
_pdbx_struct_oper_list.matrix[2][2]         1.0000000000 
_pdbx_struct_oper_list.matrix[2][3]         0.0000000000 
_pdbx_struct_oper_list.vector[2]            0.0000000000 
_pdbx_struct_oper_list.matrix[3][1]         0.0000000000 
_pdbx_struct_oper_list.matrix[3][2]         0.0000000000 
_pdbx_struct_oper_list.matrix[3][3]         1.0000000000 
_pdbx_struct_oper_list.vector[3]            0.0000000000 
# 
loop_
_pdbx_audit_revision_history.ordinal 
_pdbx_audit_revision_history.data_content_type 
_pdbx_audit_revision_history.major_revision 
_pdbx_audit_revision_history.minor_revision 
_pdbx_audit_revision_history.revision_date 
1 'Structure model' 1 0 2008-12-09 
2 'Structure model' 1 1 2011-05-08 
3 'Structure model' 1 2 2011-07-13 
4 'Structure model' 1 3 2017-07-05 
5 'Structure model' 1 4 2023-12-13 
# 
_pdbx_audit_revision_details.ordinal             1 
_pdbx_audit_revision_details.revision_ordinal    1 
_pdbx_audit_revision_details.data_content_type   'Structure model' 
_pdbx_audit_revision_details.provider            repository 
_pdbx_audit_revision_details.type                'Initial release' 
_pdbx_audit_revision_details.description         ? 
_pdbx_audit_revision_details.details             ? 
# 
loop_
_pdbx_audit_revision_group.ordinal 
_pdbx_audit_revision_group.revision_ordinal 
_pdbx_audit_revision_group.data_content_type 
_pdbx_audit_revision_group.group 
1 2 'Structure model' 'Version format compliance' 
2 3 'Structure model' 'Version format compliance' 
3 4 'Structure model' 'Data collection'           
4 5 'Structure model' Advisory                    
5 5 'Structure model' 'Data collection'           
6 5 'Structure model' 'Database references'       
7 5 'Structure model' Other                       
8 5 'Structure model' 'Refinement description'    
# 
loop_
_pdbx_audit_revision_category.ordinal 
_pdbx_audit_revision_category.revision_ordinal 
_pdbx_audit_revision_category.data_content_type 
_pdbx_audit_revision_category.category 
1 4 'Structure model' diffrn_source                   
2 5 'Structure model' chem_comp_atom                  
3 5 'Structure model' chem_comp_bond                  
4 5 'Structure model' database_2                      
5 5 'Structure model' pdbx_database_status            
6 5 'Structure model' pdbx_initial_refinement_model   
7 5 'Structure model' pdbx_unobs_or_zero_occ_residues 
# 
loop_
_pdbx_audit_revision_item.ordinal 
_pdbx_audit_revision_item.revision_ordinal 
_pdbx_audit_revision_item.data_content_type 
_pdbx_audit_revision_item.item 
1 4 'Structure model' '_diffrn_source.type'                  
2 5 'Structure model' '_database_2.pdbx_DOI'                 
3 5 'Structure model' '_database_2.pdbx_database_accession'  
4 5 'Structure model' '_pdbx_database_status.status_code_sf' 
# 
loop_
_software.name 
_software.classification 
_software.version 
_software.citation_id 
_software.pdbx_ordinal 
REFMAC    refinement       5.2.0019 ? 1 
DENZO     'data reduction' .        ? 2 
SCALEPACK 'data scaling'   .        ? 3 
AMoRE     phasing          .        ? 4 
# 
_pdbx_entry_details.entry_id                 2W0G 
_pdbx_entry_details.compound_details         ? 
_pdbx_entry_details.source_details           ? 
_pdbx_entry_details.nonpolymer_details       ? 
_pdbx_entry_details.sequence_details         'CLONED FRAGMENT RESIDUES 148-276' 
_pdbx_entry_details.has_ligand_of_interest   ? 
# 
loop_
_pdbx_validate_close_contact.id 
_pdbx_validate_close_contact.PDB_model_num 
_pdbx_validate_close_contact.auth_atom_id_1 
_pdbx_validate_close_contact.auth_asym_id_1 
_pdbx_validate_close_contact.auth_comp_id_1 
_pdbx_validate_close_contact.auth_seq_id_1 
_pdbx_validate_close_contact.PDB_ins_code_1 
_pdbx_validate_close_contact.label_alt_id_1 
_pdbx_validate_close_contact.auth_atom_id_2 
_pdbx_validate_close_contact.auth_asym_id_2 
_pdbx_validate_close_contact.auth_comp_id_2 
_pdbx_validate_close_contact.auth_seq_id_2 
_pdbx_validate_close_contact.PDB_ins_code_2 
_pdbx_validate_close_contact.label_alt_id_2 
_pdbx_validate_close_contact.dist 
1 1 O   A LYS 276 ? ? O A HOH 2074 ? ? 0.61 
2 1 C   A LYS 276 ? ? O A HOH 2074 ? ? 0.99 
3 1 NH2 A ARG 167 ? B O A HOH 2004 ? ? 1.60 
4 1 CA  A LYS 276 ? ? O A HOH 2074 ? ? 1.98 
# 
loop_
_pdbx_validate_symm_contact.id 
_pdbx_validate_symm_contact.PDB_model_num 
_pdbx_validate_symm_contact.auth_atom_id_1 
_pdbx_validate_symm_contact.auth_asym_id_1 
_pdbx_validate_symm_contact.auth_comp_id_1 
_pdbx_validate_symm_contact.auth_seq_id_1 
_pdbx_validate_symm_contact.PDB_ins_code_1 
_pdbx_validate_symm_contact.label_alt_id_1 
_pdbx_validate_symm_contact.site_symmetry_1 
_pdbx_validate_symm_contact.auth_atom_id_2 
_pdbx_validate_symm_contact.auth_asym_id_2 
_pdbx_validate_symm_contact.auth_comp_id_2 
_pdbx_validate_symm_contact.auth_seq_id_2 
_pdbx_validate_symm_contact.PDB_ins_code_2 
_pdbx_validate_symm_contact.label_alt_id_2 
_pdbx_validate_symm_contact.site_symmetry_2 
_pdbx_validate_symm_contact.dist 
1 1 OG1 A THR 243 ? ? 1_555 O  A MET 275 ? ? 6_565 1.06 
2 1 OD2 A ASP 245 ? ? 1_555 CB A LYS 276 ? ? 6_565 1.85 
3 1 CB  A THR 243 ? ? 1_555 O  A MET 275 ? ? 6_565 2.14 
4 1 OG1 A THR 243 ? ? 1_555 C  A MET 275 ? ? 6_565 2.17 
5 1 OD1 A ASP 245 ? ? 1_555 CA A LYS 276 ? ? 6_565 2.17 
# 
_pdbx_validate_rmsd_bond.id                        1 
_pdbx_validate_rmsd_bond.PDB_model_num             1 
_pdbx_validate_rmsd_bond.auth_atom_id_1            C 
_pdbx_validate_rmsd_bond.auth_asym_id_1            A 
_pdbx_validate_rmsd_bond.auth_comp_id_1            GLU 
_pdbx_validate_rmsd_bond.auth_seq_id_1             272 
_pdbx_validate_rmsd_bond.PDB_ins_code_1            ? 
_pdbx_validate_rmsd_bond.label_alt_id_1            ? 
_pdbx_validate_rmsd_bond.auth_atom_id_2            N 
_pdbx_validate_rmsd_bond.auth_asym_id_2            A 
_pdbx_validate_rmsd_bond.auth_comp_id_2            LYS 
_pdbx_validate_rmsd_bond.auth_seq_id_2             273 
_pdbx_validate_rmsd_bond.PDB_ins_code_2            ? 
_pdbx_validate_rmsd_bond.label_alt_id_2            ? 
_pdbx_validate_rmsd_bond.bond_value                1.096 
_pdbx_validate_rmsd_bond.bond_target_value         1.336 
_pdbx_validate_rmsd_bond.bond_deviation            -0.240 
_pdbx_validate_rmsd_bond.bond_standard_deviation   0.023 
_pdbx_validate_rmsd_bond.linker_flag               Y 
# 
_pdbx_validate_rmsd_angle.id                         1 
_pdbx_validate_rmsd_angle.PDB_model_num              1 
_pdbx_validate_rmsd_angle.auth_atom_id_1             C 
_pdbx_validate_rmsd_angle.auth_asym_id_1             A 
_pdbx_validate_rmsd_angle.auth_comp_id_1             LYS 
_pdbx_validate_rmsd_angle.auth_seq_id_1              149 
_pdbx_validate_rmsd_angle.PDB_ins_code_1             ? 
_pdbx_validate_rmsd_angle.label_alt_id_1             ? 
_pdbx_validate_rmsd_angle.auth_atom_id_2             N 
_pdbx_validate_rmsd_angle.auth_asym_id_2             A 
_pdbx_validate_rmsd_angle.auth_comp_id_2             THR 
_pdbx_validate_rmsd_angle.auth_seq_id_2              150 
_pdbx_validate_rmsd_angle.PDB_ins_code_2             ? 
_pdbx_validate_rmsd_angle.label_alt_id_2             ? 
_pdbx_validate_rmsd_angle.auth_atom_id_3             CA 
_pdbx_validate_rmsd_angle.auth_asym_id_3             A 
_pdbx_validate_rmsd_angle.auth_comp_id_3             THR 
_pdbx_validate_rmsd_angle.auth_seq_id_3              150 
_pdbx_validate_rmsd_angle.PDB_ins_code_3             ? 
_pdbx_validate_rmsd_angle.label_alt_id_3             ? 
_pdbx_validate_rmsd_angle.angle_value                102.89 
_pdbx_validate_rmsd_angle.angle_target_value         121.70 
_pdbx_validate_rmsd_angle.angle_deviation            -18.81 
_pdbx_validate_rmsd_angle.angle_standard_deviation   2.50 
_pdbx_validate_rmsd_angle.linker_flag                Y 
# 
loop_
_pdbx_validate_torsion.id 
_pdbx_validate_torsion.PDB_model_num 
_pdbx_validate_torsion.auth_comp_id 
_pdbx_validate_torsion.auth_asym_id 
_pdbx_validate_torsion.auth_seq_id 
_pdbx_validate_torsion.PDB_ins_code 
_pdbx_validate_torsion.label_alt_id 
_pdbx_validate_torsion.phi 
_pdbx_validate_torsion.psi 
1 1 LYS A 149 ? ? -45.37  -71.14 
2 1 ARG A 166 ? ? -145.81 -50.33 
3 1 ARG A 166 ? ? -145.81 -50.02 
4 1 ASN A 178 ? ? -140.44 57.20  
5 1 ALA A 274 ? ? -149.77 22.58  
# 
_pdbx_validate_polymer_linkage.id               1 
_pdbx_validate_polymer_linkage.PDB_model_num    1 
_pdbx_validate_polymer_linkage.auth_atom_id_1   C 
_pdbx_validate_polymer_linkage.auth_asym_id_1   A 
_pdbx_validate_polymer_linkage.auth_comp_id_1   GLU 
_pdbx_validate_polymer_linkage.auth_seq_id_1    272 
_pdbx_validate_polymer_linkage.PDB_ins_code_1   ? 
_pdbx_validate_polymer_linkage.label_alt_id_1   ? 
_pdbx_validate_polymer_linkage.auth_atom_id_2   N 
_pdbx_validate_polymer_linkage.auth_asym_id_2   A 
_pdbx_validate_polymer_linkage.auth_comp_id_2   LYS 
_pdbx_validate_polymer_linkage.auth_seq_id_2    273 
_pdbx_validate_polymer_linkage.PDB_ins_code_2   ? 
_pdbx_validate_polymer_linkage.label_alt_id_2   ? 
_pdbx_validate_polymer_linkage.dist             1.10 
# 
loop_
_pdbx_unobs_or_zero_occ_residues.id 
_pdbx_unobs_or_zero_occ_residues.PDB_model_num 
_pdbx_unobs_or_zero_occ_residues.polymer_flag 
_pdbx_unobs_or_zero_occ_residues.occupancy_flag 
_pdbx_unobs_or_zero_occ_residues.auth_asym_id 
_pdbx_unobs_or_zero_occ_residues.auth_comp_id 
_pdbx_unobs_or_zero_occ_residues.auth_seq_id 
_pdbx_unobs_or_zero_occ_residues.PDB_ins_code 
_pdbx_unobs_or_zero_occ_residues.label_asym_id 
_pdbx_unobs_or_zero_occ_residues.label_comp_id 
_pdbx_unobs_or_zero_occ_residues.label_seq_id 
1 1 Y 0 A HIS 148 ? A HIS 1   
2 1 Y 0 A LYS 149 ? A LYS 2   
3 1 Y 0 A LYS 273 ? A LYS 126 
4 1 Y 0 A ALA 274 ? A ALA 127 
5 1 Y 0 A MET 275 ? A MET 128 
6 1 Y 0 A LYS 276 ? A LYS 129 
# 
loop_
_chem_comp_atom.comp_id 
_chem_comp_atom.atom_id 
_chem_comp_atom.type_symbol 
_chem_comp_atom.pdbx_aromatic_flag 
_chem_comp_atom.pdbx_stereo_config 
_chem_comp_atom.pdbx_ordinal 
ALA N    N N N 1   
ALA CA   C N S 2   
ALA C    C N N 3   
ALA O    O N N 4   
ALA CB   C N N 5   
ALA OXT  O N N 6   
ALA H    H N N 7   
ALA H2   H N N 8   
ALA HA   H N N 9   
ALA HB1  H N N 10  
ALA HB2  H N N 11  
ALA HB3  H N N 12  
ALA HXT  H N N 13  
ARG N    N N N 14  
ARG CA   C N S 15  
ARG C    C N N 16  
ARG O    O N N 17  
ARG CB   C N N 18  
ARG CG   C N N 19  
ARG CD   C N N 20  
ARG NE   N N N 21  
ARG CZ   C N N 22  
ARG NH1  N N N 23  
ARG NH2  N N N 24  
ARG OXT  O N N 25  
ARG H    H N N 26  
ARG H2   H N N 27  
ARG HA   H N N 28  
ARG HB2  H N N 29  
ARG HB3  H N N 30  
ARG HG2  H N N 31  
ARG HG3  H N N 32  
ARG HD2  H N N 33  
ARG HD3  H N N 34  
ARG HE   H N N 35  
ARG HH11 H N N 36  
ARG HH12 H N N 37  
ARG HH21 H N N 38  
ARG HH22 H N N 39  
ARG HXT  H N N 40  
ASN N    N N N 41  
ASN CA   C N S 42  
ASN C    C N N 43  
ASN O    O N N 44  
ASN CB   C N N 45  
ASN CG   C N N 46  
ASN OD1  O N N 47  
ASN ND2  N N N 48  
ASN OXT  O N N 49  
ASN H    H N N 50  
ASN H2   H N N 51  
ASN HA   H N N 52  
ASN HB2  H N N 53  
ASN HB3  H N N 54  
ASN HD21 H N N 55  
ASN HD22 H N N 56  
ASN HXT  H N N 57  
ASP N    N N N 58  
ASP CA   C N S 59  
ASP C    C N N 60  
ASP O    O N N 61  
ASP CB   C N N 62  
ASP CG   C N N 63  
ASP OD1  O N N 64  
ASP OD2  O N N 65  
ASP OXT  O N N 66  
ASP H    H N N 67  
ASP H2   H N N 68  
ASP HA   H N N 69  
ASP HB2  H N N 70  
ASP HB3  H N N 71  
ASP HD2  H N N 72  
ASP HXT  H N N 73  
CYS N    N N N 74  
CYS CA   C N R 75  
CYS C    C N N 76  
CYS O    O N N 77  
CYS CB   C N N 78  
CYS SG   S N N 79  
CYS OXT  O N N 80  
CYS H    H N N 81  
CYS H2   H N N 82  
CYS HA   H N N 83  
CYS HB2  H N N 84  
CYS HB3  H N N 85  
CYS HG   H N N 86  
CYS HXT  H N N 87  
GLN N    N N N 88  
GLN CA   C N S 89  
GLN C    C N N 90  
GLN O    O N N 91  
GLN CB   C N N 92  
GLN CG   C N N 93  
GLN CD   C N N 94  
GLN OE1  O N N 95  
GLN NE2  N N N 96  
GLN OXT  O N N 97  
GLN H    H N N 98  
GLN H2   H N N 99  
GLN HA   H N N 100 
GLN HB2  H N N 101 
GLN HB3  H N N 102 
GLN HG2  H N N 103 
GLN HG3  H N N 104 
GLN HE21 H N N 105 
GLN HE22 H N N 106 
GLN HXT  H N N 107 
GLU N    N N N 108 
GLU CA   C N S 109 
GLU C    C N N 110 
GLU O    O N N 111 
GLU CB   C N N 112 
GLU CG   C N N 113 
GLU CD   C N N 114 
GLU OE1  O N N 115 
GLU OE2  O N N 116 
GLU OXT  O N N 117 
GLU H    H N N 118 
GLU H2   H N N 119 
GLU HA   H N N 120 
GLU HB2  H N N 121 
GLU HB3  H N N 122 
GLU HG2  H N N 123 
GLU HG3  H N N 124 
GLU HE2  H N N 125 
GLU HXT  H N N 126 
GLY N    N N N 127 
GLY CA   C N N 128 
GLY C    C N N 129 
GLY O    O N N 130 
GLY OXT  O N N 131 
GLY H    H N N 132 
GLY H2   H N N 133 
GLY HA2  H N N 134 
GLY HA3  H N N 135 
GLY HXT  H N N 136 
HIS N    N N N 137 
HIS CA   C N S 138 
HIS C    C N N 139 
HIS O    O N N 140 
HIS CB   C N N 141 
HIS CG   C Y N 142 
HIS ND1  N Y N 143 
HIS CD2  C Y N 144 
HIS CE1  C Y N 145 
HIS NE2  N Y N 146 
HIS OXT  O N N 147 
HIS H    H N N 148 
HIS H2   H N N 149 
HIS HA   H N N 150 
HIS HB2  H N N 151 
HIS HB3  H N N 152 
HIS HD1  H N N 153 
HIS HD2  H N N 154 
HIS HE1  H N N 155 
HIS HE2  H N N 156 
HIS HXT  H N N 157 
HOH O    O N N 158 
HOH H1   H N N 159 
HOH H2   H N N 160 
ILE N    N N N 161 
ILE CA   C N S 162 
ILE C    C N N 163 
ILE O    O N N 164 
ILE CB   C N S 165 
ILE CG1  C N N 166 
ILE CG2  C N N 167 
ILE CD1  C N N 168 
ILE OXT  O N N 169 
ILE H    H N N 170 
ILE H2   H N N 171 
ILE HA   H N N 172 
ILE HB   H N N 173 
ILE HG12 H N N 174 
ILE HG13 H N N 175 
ILE HG21 H N N 176 
ILE HG22 H N N 177 
ILE HG23 H N N 178 
ILE HD11 H N N 179 
ILE HD12 H N N 180 
ILE HD13 H N N 181 
ILE HXT  H N N 182 
LEU N    N N N 183 
LEU CA   C N S 184 
LEU C    C N N 185 
LEU O    O N N 186 
LEU CB   C N N 187 
LEU CG   C N N 188 
LEU CD1  C N N 189 
LEU CD2  C N N 190 
LEU OXT  O N N 191 
LEU H    H N N 192 
LEU H2   H N N 193 
LEU HA   H N N 194 
LEU HB2  H N N 195 
LEU HB3  H N N 196 
LEU HG   H N N 197 
LEU HD11 H N N 198 
LEU HD12 H N N 199 
LEU HD13 H N N 200 
LEU HD21 H N N 201 
LEU HD22 H N N 202 
LEU HD23 H N N 203 
LEU HXT  H N N 204 
LYS N    N N N 205 
LYS CA   C N S 206 
LYS C    C N N 207 
LYS O    O N N 208 
LYS CB   C N N 209 
LYS CG   C N N 210 
LYS CD   C N N 211 
LYS CE   C N N 212 
LYS NZ   N N N 213 
LYS OXT  O N N 214 
LYS H    H N N 215 
LYS H2   H N N 216 
LYS HA   H N N 217 
LYS HB2  H N N 218 
LYS HB3  H N N 219 
LYS HG2  H N N 220 
LYS HG3  H N N 221 
LYS HD2  H N N 222 
LYS HD3  H N N 223 
LYS HE2  H N N 224 
LYS HE3  H N N 225 
LYS HZ1  H N N 226 
LYS HZ2  H N N 227 
LYS HZ3  H N N 228 
LYS HXT  H N N 229 
MET N    N N N 230 
MET CA   C N S 231 
MET C    C N N 232 
MET O    O N N 233 
MET CB   C N N 234 
MET CG   C N N 235 
MET SD   S N N 236 
MET CE   C N N 237 
MET OXT  O N N 238 
MET H    H N N 239 
MET H2   H N N 240 
MET HA   H N N 241 
MET HB2  H N N 242 
MET HB3  H N N 243 
MET HG2  H N N 244 
MET HG3  H N N 245 
MET HE1  H N N 246 
MET HE2  H N N 247 
MET HE3  H N N 248 
MET HXT  H N N 249 
PHE N    N N N 250 
PHE CA   C N S 251 
PHE C    C N N 252 
PHE O    O N N 253 
PHE CB   C N N 254 
PHE CG   C Y N 255 
PHE CD1  C Y N 256 
PHE CD2  C Y N 257 
PHE CE1  C Y N 258 
PHE CE2  C Y N 259 
PHE CZ   C Y N 260 
PHE OXT  O N N 261 
PHE H    H N N 262 
PHE H2   H N N 263 
PHE HA   H N N 264 
PHE HB2  H N N 265 
PHE HB3  H N N 266 
PHE HD1  H N N 267 
PHE HD2  H N N 268 
PHE HE1  H N N 269 
PHE HE2  H N N 270 
PHE HZ   H N N 271 
PHE HXT  H N N 272 
PRO N    N N N 273 
PRO CA   C N S 274 
PRO C    C N N 275 
PRO O    O N N 276 
PRO CB   C N N 277 
PRO CG   C N N 278 
PRO CD   C N N 279 
PRO OXT  O N N 280 
PRO H    H N N 281 
PRO HA   H N N 282 
PRO HB2  H N N 283 
PRO HB3  H N N 284 
PRO HG2  H N N 285 
PRO HG3  H N N 286 
PRO HD2  H N N 287 
PRO HD3  H N N 288 
PRO HXT  H N N 289 
SER N    N N N 290 
SER CA   C N S 291 
SER C    C N N 292 
SER O    O N N 293 
SER CB   C N N 294 
SER OG   O N N 295 
SER OXT  O N N 296 
SER H    H N N 297 
SER H2   H N N 298 
SER HA   H N N 299 
SER HB2  H N N 300 
SER HB3  H N N 301 
SER HG   H N N 302 
SER HXT  H N N 303 
THR N    N N N 304 
THR CA   C N S 305 
THR C    C N N 306 
THR O    O N N 307 
THR CB   C N R 308 
THR OG1  O N N 309 
THR CG2  C N N 310 
THR OXT  O N N 311 
THR H    H N N 312 
THR H2   H N N 313 
THR HA   H N N 314 
THR HB   H N N 315 
THR HG1  H N N 316 
THR HG21 H N N 317 
THR HG22 H N N 318 
THR HG23 H N N 319 
THR HXT  H N N 320 
TRP N    N N N 321 
TRP CA   C N S 322 
TRP C    C N N 323 
TRP O    O N N 324 
TRP CB   C N N 325 
TRP CG   C Y N 326 
TRP CD1  C Y N 327 
TRP CD2  C Y N 328 
TRP NE1  N Y N 329 
TRP CE2  C Y N 330 
TRP CE3  C Y N 331 
TRP CZ2  C Y N 332 
TRP CZ3  C Y N 333 
TRP CH2  C Y N 334 
TRP OXT  O N N 335 
TRP H    H N N 336 
TRP H2   H N N 337 
TRP HA   H N N 338 
TRP HB2  H N N 339 
TRP HB3  H N N 340 
TRP HD1  H N N 341 
TRP HE1  H N N 342 
TRP HE3  H N N 343 
TRP HZ2  H N N 344 
TRP HZ3  H N N 345 
TRP HH2  H N N 346 
TRP HXT  H N N 347 
TYR N    N N N 348 
TYR CA   C N S 349 
TYR C    C N N 350 
TYR O    O N N 351 
TYR CB   C N N 352 
TYR CG   C Y N 353 
TYR CD1  C Y N 354 
TYR CD2  C Y N 355 
TYR CE1  C Y N 356 
TYR CE2  C Y N 357 
TYR CZ   C Y N 358 
TYR OH   O N N 359 
TYR OXT  O N N 360 
TYR H    H N N 361 
TYR H2   H N N 362 
TYR HA   H N N 363 
TYR HB2  H N N 364 
TYR HB3  H N N 365 
TYR HD1  H N N 366 
TYR HD2  H N N 367 
TYR HE1  H N N 368 
TYR HE2  H N N 369 
TYR HH   H N N 370 
TYR HXT  H N N 371 
VAL N    N N N 372 
VAL CA   C N S 373 
VAL C    C N N 374 
VAL O    O N N 375 
VAL CB   C N N 376 
VAL CG1  C N N 377 
VAL CG2  C N N 378 
VAL OXT  O N N 379 
VAL H    H N N 380 
VAL H2   H N N 381 
VAL HA   H N N 382 
VAL HB   H N N 383 
VAL HG11 H N N 384 
VAL HG12 H N N 385 
VAL HG13 H N N 386 
VAL HG21 H N N 387 
VAL HG22 H N N 388 
VAL HG23 H N N 389 
VAL HXT  H N N 390 
# 
loop_
_chem_comp_bond.comp_id 
_chem_comp_bond.atom_id_1 
_chem_comp_bond.atom_id_2 
_chem_comp_bond.value_order 
_chem_comp_bond.pdbx_aromatic_flag 
_chem_comp_bond.pdbx_stereo_config 
_chem_comp_bond.pdbx_ordinal 
ALA N   CA   sing N N 1   
ALA N   H    sing N N 2   
ALA N   H2   sing N N 3   
ALA CA  C    sing N N 4   
ALA CA  CB   sing N N 5   
ALA CA  HA   sing N N 6   
ALA C   O    doub N N 7   
ALA C   OXT  sing N N 8   
ALA CB  HB1  sing N N 9   
ALA CB  HB2  sing N N 10  
ALA CB  HB3  sing N N 11  
ALA OXT HXT  sing N N 12  
ARG N   CA   sing N N 13  
ARG N   H    sing N N 14  
ARG N   H2   sing N N 15  
ARG CA  C    sing N N 16  
ARG CA  CB   sing N N 17  
ARG CA  HA   sing N N 18  
ARG C   O    doub N N 19  
ARG C   OXT  sing N N 20  
ARG CB  CG   sing N N 21  
ARG CB  HB2  sing N N 22  
ARG CB  HB3  sing N N 23  
ARG CG  CD   sing N N 24  
ARG CG  HG2  sing N N 25  
ARG CG  HG3  sing N N 26  
ARG CD  NE   sing N N 27  
ARG CD  HD2  sing N N 28  
ARG CD  HD3  sing N N 29  
ARG NE  CZ   sing N N 30  
ARG NE  HE   sing N N 31  
ARG CZ  NH1  sing N N 32  
ARG CZ  NH2  doub N N 33  
ARG NH1 HH11 sing N N 34  
ARG NH1 HH12 sing N N 35  
ARG NH2 HH21 sing N N 36  
ARG NH2 HH22 sing N N 37  
ARG OXT HXT  sing N N 38  
ASN N   CA   sing N N 39  
ASN N   H    sing N N 40  
ASN N   H2   sing N N 41  
ASN CA  C    sing N N 42  
ASN CA  CB   sing N N 43  
ASN CA  HA   sing N N 44  
ASN C   O    doub N N 45  
ASN C   OXT  sing N N 46  
ASN CB  CG   sing N N 47  
ASN CB  HB2  sing N N 48  
ASN CB  HB3  sing N N 49  
ASN CG  OD1  doub N N 50  
ASN CG  ND2  sing N N 51  
ASN ND2 HD21 sing N N 52  
ASN ND2 HD22 sing N N 53  
ASN OXT HXT  sing N N 54  
ASP N   CA   sing N N 55  
ASP N   H    sing N N 56  
ASP N   H2   sing N N 57  
ASP CA  C    sing N N 58  
ASP CA  CB   sing N N 59  
ASP CA  HA   sing N N 60  
ASP C   O    doub N N 61  
ASP C   OXT  sing N N 62  
ASP CB  CG   sing N N 63  
ASP CB  HB2  sing N N 64  
ASP CB  HB3  sing N N 65  
ASP CG  OD1  doub N N 66  
ASP CG  OD2  sing N N 67  
ASP OD2 HD2  sing N N 68  
ASP OXT HXT  sing N N 69  
CYS N   CA   sing N N 70  
CYS N   H    sing N N 71  
CYS N   H2   sing N N 72  
CYS CA  C    sing N N 73  
CYS CA  CB   sing N N 74  
CYS CA  HA   sing N N 75  
CYS C   O    doub N N 76  
CYS C   OXT  sing N N 77  
CYS CB  SG   sing N N 78  
CYS CB  HB2  sing N N 79  
CYS CB  HB3  sing N N 80  
CYS SG  HG   sing N N 81  
CYS OXT HXT  sing N N 82  
GLN N   CA   sing N N 83  
GLN N   H    sing N N 84  
GLN N   H2   sing N N 85  
GLN CA  C    sing N N 86  
GLN CA  CB   sing N N 87  
GLN CA  HA   sing N N 88  
GLN C   O    doub N N 89  
GLN C   OXT  sing N N 90  
GLN CB  CG   sing N N 91  
GLN CB  HB2  sing N N 92  
GLN CB  HB3  sing N N 93  
GLN CG  CD   sing N N 94  
GLN CG  HG2  sing N N 95  
GLN CG  HG3  sing N N 96  
GLN CD  OE1  doub N N 97  
GLN CD  NE2  sing N N 98  
GLN NE2 HE21 sing N N 99  
GLN NE2 HE22 sing N N 100 
GLN OXT HXT  sing N N 101 
GLU N   CA   sing N N 102 
GLU N   H    sing N N 103 
GLU N   H2   sing N N 104 
GLU CA  C    sing N N 105 
GLU CA  CB   sing N N 106 
GLU CA  HA   sing N N 107 
GLU C   O    doub N N 108 
GLU C   OXT  sing N N 109 
GLU CB  CG   sing N N 110 
GLU CB  HB2  sing N N 111 
GLU CB  HB3  sing N N 112 
GLU CG  CD   sing N N 113 
GLU CG  HG2  sing N N 114 
GLU CG  HG3  sing N N 115 
GLU CD  OE1  doub N N 116 
GLU CD  OE2  sing N N 117 
GLU OE2 HE2  sing N N 118 
GLU OXT HXT  sing N N 119 
GLY N   CA   sing N N 120 
GLY N   H    sing N N 121 
GLY N   H2   sing N N 122 
GLY CA  C    sing N N 123 
GLY CA  HA2  sing N N 124 
GLY CA  HA3  sing N N 125 
GLY C   O    doub N N 126 
GLY C   OXT  sing N N 127 
GLY OXT HXT  sing N N 128 
HIS N   CA   sing N N 129 
HIS N   H    sing N N 130 
HIS N   H2   sing N N 131 
HIS CA  C    sing N N 132 
HIS CA  CB   sing N N 133 
HIS CA  HA   sing N N 134 
HIS C   O    doub N N 135 
HIS C   OXT  sing N N 136 
HIS CB  CG   sing N N 137 
HIS CB  HB2  sing N N 138 
HIS CB  HB3  sing N N 139 
HIS CG  ND1  sing Y N 140 
HIS CG  CD2  doub Y N 141 
HIS ND1 CE1  doub Y N 142 
HIS ND1 HD1  sing N N 143 
HIS CD2 NE2  sing Y N 144 
HIS CD2 HD2  sing N N 145 
HIS CE1 NE2  sing Y N 146 
HIS CE1 HE1  sing N N 147 
HIS NE2 HE2  sing N N 148 
HIS OXT HXT  sing N N 149 
HOH O   H1   sing N N 150 
HOH O   H2   sing N N 151 
ILE N   CA   sing N N 152 
ILE N   H    sing N N 153 
ILE N   H2   sing N N 154 
ILE CA  C    sing N N 155 
ILE CA  CB   sing N N 156 
ILE CA  HA   sing N N 157 
ILE C   O    doub N N 158 
ILE C   OXT  sing N N 159 
ILE CB  CG1  sing N N 160 
ILE CB  CG2  sing N N 161 
ILE CB  HB   sing N N 162 
ILE CG1 CD1  sing N N 163 
ILE CG1 HG12 sing N N 164 
ILE CG1 HG13 sing N N 165 
ILE CG2 HG21 sing N N 166 
ILE CG2 HG22 sing N N 167 
ILE CG2 HG23 sing N N 168 
ILE CD1 HD11 sing N N 169 
ILE CD1 HD12 sing N N 170 
ILE CD1 HD13 sing N N 171 
ILE OXT HXT  sing N N 172 
LEU N   CA   sing N N 173 
LEU N   H    sing N N 174 
LEU N   H2   sing N N 175 
LEU CA  C    sing N N 176 
LEU CA  CB   sing N N 177 
LEU CA  HA   sing N N 178 
LEU C   O    doub N N 179 
LEU C   OXT  sing N N 180 
LEU CB  CG   sing N N 181 
LEU CB  HB2  sing N N 182 
LEU CB  HB3  sing N N 183 
LEU CG  CD1  sing N N 184 
LEU CG  CD2  sing N N 185 
LEU CG  HG   sing N N 186 
LEU CD1 HD11 sing N N 187 
LEU CD1 HD12 sing N N 188 
LEU CD1 HD13 sing N N 189 
LEU CD2 HD21 sing N N 190 
LEU CD2 HD22 sing N N 191 
LEU CD2 HD23 sing N N 192 
LEU OXT HXT  sing N N 193 
LYS N   CA   sing N N 194 
LYS N   H    sing N N 195 
LYS N   H2   sing N N 196 
LYS CA  C    sing N N 197 
LYS CA  CB   sing N N 198 
LYS CA  HA   sing N N 199 
LYS C   O    doub N N 200 
LYS C   OXT  sing N N 201 
LYS CB  CG   sing N N 202 
LYS CB  HB2  sing N N 203 
LYS CB  HB3  sing N N 204 
LYS CG  CD   sing N N 205 
LYS CG  HG2  sing N N 206 
LYS CG  HG3  sing N N 207 
LYS CD  CE   sing N N 208 
LYS CD  HD2  sing N N 209 
LYS CD  HD3  sing N N 210 
LYS CE  NZ   sing N N 211 
LYS CE  HE2  sing N N 212 
LYS CE  HE3  sing N N 213 
LYS NZ  HZ1  sing N N 214 
LYS NZ  HZ2  sing N N 215 
LYS NZ  HZ3  sing N N 216 
LYS OXT HXT  sing N N 217 
MET N   CA   sing N N 218 
MET N   H    sing N N 219 
MET N   H2   sing N N 220 
MET CA  C    sing N N 221 
MET CA  CB   sing N N 222 
MET CA  HA   sing N N 223 
MET C   O    doub N N 224 
MET C   OXT  sing N N 225 
MET CB  CG   sing N N 226 
MET CB  HB2  sing N N 227 
MET CB  HB3  sing N N 228 
MET CG  SD   sing N N 229 
MET CG  HG2  sing N N 230 
MET CG  HG3  sing N N 231 
MET SD  CE   sing N N 232 
MET CE  HE1  sing N N 233 
MET CE  HE2  sing N N 234 
MET CE  HE3  sing N N 235 
MET OXT HXT  sing N N 236 
PHE N   CA   sing N N 237 
PHE N   H    sing N N 238 
PHE N   H2   sing N N 239 
PHE CA  C    sing N N 240 
PHE CA  CB   sing N N 241 
PHE CA  HA   sing N N 242 
PHE C   O    doub N N 243 
PHE C   OXT  sing N N 244 
PHE CB  CG   sing N N 245 
PHE CB  HB2  sing N N 246 
PHE CB  HB3  sing N N 247 
PHE CG  CD1  doub Y N 248 
PHE CG  CD2  sing Y N 249 
PHE CD1 CE1  sing Y N 250 
PHE CD1 HD1  sing N N 251 
PHE CD2 CE2  doub Y N 252 
PHE CD2 HD2  sing N N 253 
PHE CE1 CZ   doub Y N 254 
PHE CE1 HE1  sing N N 255 
PHE CE2 CZ   sing Y N 256 
PHE CE2 HE2  sing N N 257 
PHE CZ  HZ   sing N N 258 
PHE OXT HXT  sing N N 259 
PRO N   CA   sing N N 260 
PRO N   CD   sing N N 261 
PRO N   H    sing N N 262 
PRO CA  C    sing N N 263 
PRO CA  CB   sing N N 264 
PRO CA  HA   sing N N 265 
PRO C   O    doub N N 266 
PRO C   OXT  sing N N 267 
PRO CB  CG   sing N N 268 
PRO CB  HB2  sing N N 269 
PRO CB  HB3  sing N N 270 
PRO CG  CD   sing N N 271 
PRO CG  HG2  sing N N 272 
PRO CG  HG3  sing N N 273 
PRO CD  HD2  sing N N 274 
PRO CD  HD3  sing N N 275 
PRO OXT HXT  sing N N 276 
SER N   CA   sing N N 277 
SER N   H    sing N N 278 
SER N   H2   sing N N 279 
SER CA  C    sing N N 280 
SER CA  CB   sing N N 281 
SER CA  HA   sing N N 282 
SER C   O    doub N N 283 
SER C   OXT  sing N N 284 
SER CB  OG   sing N N 285 
SER CB  HB2  sing N N 286 
SER CB  HB3  sing N N 287 
SER OG  HG   sing N N 288 
SER OXT HXT  sing N N 289 
THR N   CA   sing N N 290 
THR N   H    sing N N 291 
THR N   H2   sing N N 292 
THR CA  C    sing N N 293 
THR CA  CB   sing N N 294 
THR CA  HA   sing N N 295 
THR C   O    doub N N 296 
THR C   OXT  sing N N 297 
THR CB  OG1  sing N N 298 
THR CB  CG2  sing N N 299 
THR CB  HB   sing N N 300 
THR OG1 HG1  sing N N 301 
THR CG2 HG21 sing N N 302 
THR CG2 HG22 sing N N 303 
THR CG2 HG23 sing N N 304 
THR OXT HXT  sing N N 305 
TRP N   CA   sing N N 306 
TRP N   H    sing N N 307 
TRP N   H2   sing N N 308 
TRP CA  C    sing N N 309 
TRP CA  CB   sing N N 310 
TRP CA  HA   sing N N 311 
TRP C   O    doub N N 312 
TRP C   OXT  sing N N 313 
TRP CB  CG   sing N N 314 
TRP CB  HB2  sing N N 315 
TRP CB  HB3  sing N N 316 
TRP CG  CD1  doub Y N 317 
TRP CG  CD2  sing Y N 318 
TRP CD1 NE1  sing Y N 319 
TRP CD1 HD1  sing N N 320 
TRP CD2 CE2  doub Y N 321 
TRP CD2 CE3  sing Y N 322 
TRP NE1 CE2  sing Y N 323 
TRP NE1 HE1  sing N N 324 
TRP CE2 CZ2  sing Y N 325 
TRP CE3 CZ3  doub Y N 326 
TRP CE3 HE3  sing N N 327 
TRP CZ2 CH2  doub Y N 328 
TRP CZ2 HZ2  sing N N 329 
TRP CZ3 CH2  sing Y N 330 
TRP CZ3 HZ3  sing N N 331 
TRP CH2 HH2  sing N N 332 
TRP OXT HXT  sing N N 333 
TYR N   CA   sing N N 334 
TYR N   H    sing N N 335 
TYR N   H2   sing N N 336 
TYR CA  C    sing N N 337 
TYR CA  CB   sing N N 338 
TYR CA  HA   sing N N 339 
TYR C   O    doub N N 340 
TYR C   OXT  sing N N 341 
TYR CB  CG   sing N N 342 
TYR CB  HB2  sing N N 343 
TYR CB  HB3  sing N N 344 
TYR CG  CD1  doub Y N 345 
TYR CG  CD2  sing Y N 346 
TYR CD1 CE1  sing Y N 347 
TYR CD1 HD1  sing N N 348 
TYR CD2 CE2  doub Y N 349 
TYR CD2 HD2  sing N N 350 
TYR CE1 CZ   doub Y N 351 
TYR CE1 HE1  sing N N 352 
TYR CE2 CZ   sing Y N 353 
TYR CE2 HE2  sing N N 354 
TYR CZ  OH   sing N N 355 
TYR OH  HH   sing N N 356 
TYR OXT HXT  sing N N 357 
VAL N   CA   sing N N 358 
VAL N   H    sing N N 359 
VAL N   H2   sing N N 360 
VAL CA  C    sing N N 361 
VAL CA  CB   sing N N 362 
VAL CA  HA   sing N N 363 
VAL C   O    doub N N 364 
VAL C   OXT  sing N N 365 
VAL CB  CG1  sing N N 366 
VAL CB  CG2  sing N N 367 
VAL CB  HB   sing N N 368 
VAL CG1 HG11 sing N N 369 
VAL CG1 HG12 sing N N 370 
VAL CG1 HG13 sing N N 371 
VAL CG2 HG21 sing N N 372 
VAL CG2 HG22 sing N N 373 
VAL CG2 HG23 sing N N 374 
VAL OXT HXT  sing N N 375 
# 
_pdbx_entity_nonpoly.entity_id   2 
_pdbx_entity_nonpoly.name        water 
_pdbx_entity_nonpoly.comp_id     HOH 
# 
_pdbx_initial_refinement_model.id               1 
_pdbx_initial_refinement_model.entity_id_list   ? 
_pdbx_initial_refinement_model.type             'experimental model' 
_pdbx_initial_refinement_model.source_name      PDB 
_pdbx_initial_refinement_model.accession_code   1US7 
_pdbx_initial_refinement_model.details          'PDB ENTRY 1US7' 
# 
